data_6A64
# 
_entry.id   6A64 
# 
_audit_conform.dict_name       mmcif_pdbx.dic 
_audit_conform.dict_version    5.397 
_audit_conform.dict_location   http://mmcif.pdb.org/dictionaries/ascii/mmcif_pdbx.dic 
# 
loop_
_database_2.database_id 
_database_2.database_code 
_database_2.pdbx_database_accession 
_database_2.pdbx_DOI 
PDB   6A64         pdb_00006a64 10.2210/pdb6a64/pdb 
WWPDB D_1300008208 ?            ?                   
# 
loop_
_pdbx_audit_revision_history.ordinal 
_pdbx_audit_revision_history.data_content_type 
_pdbx_audit_revision_history.major_revision 
_pdbx_audit_revision_history.minor_revision 
_pdbx_audit_revision_history.revision_date 
1 'Structure model' 1 0 2018-12-26 
2 'Structure model' 2 0 2020-07-29 
3 'Structure model' 2 1 2024-10-30 
# 
loop_
_pdbx_audit_revision_details.ordinal 
_pdbx_audit_revision_details.revision_ordinal 
_pdbx_audit_revision_details.data_content_type 
_pdbx_audit_revision_details.provider 
_pdbx_audit_revision_details.type 
_pdbx_audit_revision_details.description 
_pdbx_audit_revision_details.details 
1 1 'Structure model' repository 'Initial release' ?                          ? 
2 2 'Structure model' repository Remediation       'Carbohydrate remediation' ? 
# 
loop_
_pdbx_audit_revision_group.ordinal 
_pdbx_audit_revision_group.revision_ordinal 
_pdbx_audit_revision_group.data_content_type 
_pdbx_audit_revision_group.group 
1 2 'Structure model' 'Atomic model'            
2 2 'Structure model' 'Data collection'         
3 2 'Structure model' 'Derived calculations'    
4 2 'Structure model' 'Non-polymer description' 
5 2 'Structure model' 'Structure summary'       
6 3 'Structure model' 'Data collection'         
7 3 'Structure model' 'Database references'     
8 3 'Structure model' 'Structure summary'       
# 
loop_
_pdbx_audit_revision_category.ordinal 
_pdbx_audit_revision_category.revision_ordinal 
_pdbx_audit_revision_category.data_content_type 
_pdbx_audit_revision_category.category 
1  2 'Structure model' atom_site                     
2  2 'Structure model' chem_comp                     
3  2 'Structure model' entity                        
4  2 'Structure model' entity_name_com               
5  2 'Structure model' pdbx_branch_scheme            
6  2 'Structure model' pdbx_chem_comp_identifier     
7  2 'Structure model' pdbx_entity_branch            
8  2 'Structure model' pdbx_entity_branch_descriptor 
9  2 'Structure model' pdbx_entity_branch_link       
10 2 'Structure model' pdbx_entity_branch_list       
11 2 'Structure model' pdbx_entity_nonpoly           
12 2 'Structure model' pdbx_molecule_features        
13 2 'Structure model' pdbx_nonpoly_scheme           
14 2 'Structure model' struct_conn                   
15 2 'Structure model' struct_conn_type              
16 2 'Structure model' struct_site                   
17 2 'Structure model' struct_site_gen               
18 3 'Structure model' chem_comp                     
19 3 'Structure model' chem_comp_atom                
20 3 'Structure model' chem_comp_bond                
21 3 'Structure model' database_2                    
22 3 'Structure model' pdbx_entry_details            
23 3 'Structure model' pdbx_modification_feature     
# 
loop_
_pdbx_audit_revision_item.ordinal 
_pdbx_audit_revision_item.revision_ordinal 
_pdbx_audit_revision_item.data_content_type 
_pdbx_audit_revision_item.item 
1  2 'Structure model' '_atom_site.B_iso_or_equiv'           
2  2 'Structure model' '_atom_site.Cartn_x'                  
3  2 'Structure model' '_atom_site.Cartn_y'                  
4  2 'Structure model' '_atom_site.Cartn_z'                  
5  2 'Structure model' '_atom_site.auth_asym_id'             
6  2 'Structure model' '_atom_site.auth_atom_id'             
7  2 'Structure model' '_atom_site.auth_comp_id'             
8  2 'Structure model' '_atom_site.auth_seq_id'              
9  2 'Structure model' '_atom_site.label_atom_id'            
10 2 'Structure model' '_atom_site.label_comp_id'            
11 2 'Structure model' '_chem_comp.formula'                  
12 2 'Structure model' '_chem_comp.formula_weight'           
13 2 'Structure model' '_chem_comp.id'                       
14 2 'Structure model' '_chem_comp.mon_nstd_flag'            
15 2 'Structure model' '_chem_comp.name'                     
16 2 'Structure model' '_chem_comp.type'                     
17 2 'Structure model' '_entity.formula_weight'              
18 2 'Structure model' '_entity.pdbx_description'            
19 2 'Structure model' '_entity.type'                        
20 3 'Structure model' '_chem_comp.pdbx_synonyms'            
21 3 'Structure model' '_database_2.pdbx_DOI'                
22 3 'Structure model' '_database_2.pdbx_database_accession' 
# 
_pdbx_database_status.status_code                     REL 
_pdbx_database_status.status_code_sf                  REL 
_pdbx_database_status.status_code_mr                  ? 
_pdbx_database_status.entry_id                        6A64 
_pdbx_database_status.recvd_initial_deposition_date   2018-06-26 
_pdbx_database_status.SG_entry                        N 
_pdbx_database_status.deposit_site                    PDBJ 
_pdbx_database_status.process_site                    PDBJ 
_pdbx_database_status.status_code_cs                  ? 
_pdbx_database_status.methods_development_category    ? 
_pdbx_database_status.pdb_format_compatible           Y 
_pdbx_database_status.status_code_nmr_data            ? 
# 
_audit_author.name               'Su, J.' 
_audit_author.pdbx_ordinal       1 
_audit_author.identifier_ORCID   ? 
# 
_citation.abstract                  ? 
_citation.abstract_id_CAS           ? 
_citation.book_id_ISBN              ? 
_citation.book_publisher            ? 
_citation.book_publisher_city       ? 
_citation.book_title                ? 
_citation.coordinate_linkage        ? 
_citation.country                   US 
_citation.database_id_Medline       ? 
_citation.details                   ? 
_citation.id                        primary 
_citation.journal_abbrev            'Biosci. Rep.' 
_citation.journal_id_ASTM           ? 
_citation.journal_id_CSD            ? 
_citation.journal_id_ISSN           1573-4935 
_citation.journal_full              ? 
_citation.journal_issue             ? 
_citation.journal_volume            38 
_citation.language                  ? 
_citation.page_first                ? 
_citation.page_last                 ? 
_citation.title                     
'Resetting the ligand binding site of placental protein 13/galectin-13 recovers its ability to bind lactose' 
_citation.year                      2018 
_citation.database_id_CSD           ? 
_citation.pdbx_database_id_DOI      10.1042/BSR20181787 
_citation.pdbx_database_id_PubMed   30413611 
_citation.unpublished_flag          ? 
# 
loop_
_citation_author.citation_id 
_citation_author.name 
_citation_author.ordinal 
_citation_author.identifier_ORCID 
primary 'Su, J.'     1  0000-0001-8406-1676 
primary 'Cui, L.'    2  ?                   
primary 'Si, Y.'     3  ?                   
primary 'Song, C.'   4  ?                   
primary 'Li, Y.'     5  ?                   
primary 'Yang, T.'   6  ?                   
primary 'Wang, H.'   7  ?                   
primary 'Mayo, K.H.' 8  ?                   
primary 'Tai, G.'    9  ?                   
primary 'Zhou, Y.'   10 ?                   
# 
loop_
_entity.id 
_entity.type 
_entity.src_method 
_entity.pdbx_description 
_entity.formula_weight 
_entity.pdbx_number_of_molecules 
_entity.pdbx_ec 
_entity.pdbx_mutation 
_entity.pdbx_fragment 
_entity.details 
1 polymer  man 'Galactoside-binding soluble lectin 13'             15903.197 1   ? 'R53H, R55N, H57R, D33G' 'UNP residues 2-139' ? 
2 branched man 'beta-D-galactopyranose-(1-4)-beta-D-glucopyranose' 342.297   1   ? ?                        ?                    ? 
3 water    nat water                                               18.015    130 ? ?                        ?                    ? 
# 
loop_
_entity_name_com.entity_id 
_entity_name_com.name 
1 'Galectin-13,Gal-13,Placental tissue protein 13,Placental protein 13' 
2 beta-lactose                                                          
# 
_entity_poly.entity_id                      1 
_entity_poly.type                           'polypeptide(L)' 
_entity_poly.nstd_linkage                   no 
_entity_poly.nstd_monomer                   no 
_entity_poly.pdbx_seq_one_letter_code       
;SSLPVPYKLPVSLSVGSCVIIKGTPIHSFINGPQLQVDFYTDMDEDSDIAFHFNVRFGNHVVMNRREFGIWMLEETTDYV
PFEDGKQFELCIYVHYNEYEIKVNGIRIYGFVHRIPPSFVKMVQVSRDISLTSVCVCN
;
_entity_poly.pdbx_seq_one_letter_code_can   
;SSLPVPYKLPVSLSVGSCVIIKGTPIHSFINGPQLQVDFYTDMDEDSDIAFHFNVRFGNHVVMNRREFGIWMLEETTDYV
PFEDGKQFELCIYVHYNEYEIKVNGIRIYGFVHRIPPSFVKMVQVSRDISLTSVCVCN
;
_entity_poly.pdbx_strand_id                 A 
_entity_poly.pdbx_target_identifier         ? 
# 
_pdbx_entity_nonpoly.entity_id   3 
_pdbx_entity_nonpoly.name        water 
_pdbx_entity_nonpoly.comp_id     HOH 
# 
loop_
_entity_poly_seq.entity_id 
_entity_poly_seq.num 
_entity_poly_seq.mon_id 
_entity_poly_seq.hetero 
1 1   SER n 
1 2   SER n 
1 3   LEU n 
1 4   PRO n 
1 5   VAL n 
1 6   PRO n 
1 7   TYR n 
1 8   LYS n 
1 9   LEU n 
1 10  PRO n 
1 11  VAL n 
1 12  SER n 
1 13  LEU n 
1 14  SER n 
1 15  VAL n 
1 16  GLY n 
1 17  SER n 
1 18  CYS n 
1 19  VAL n 
1 20  ILE n 
1 21  ILE n 
1 22  LYS n 
1 23  GLY n 
1 24  THR n 
1 25  PRO n 
1 26  ILE n 
1 27  HIS n 
1 28  SER n 
1 29  PHE n 
1 30  ILE n 
1 31  ASN n 
1 32  GLY n 
1 33  PRO n 
1 34  GLN n 
1 35  LEU n 
1 36  GLN n 
1 37  VAL n 
1 38  ASP n 
1 39  PHE n 
1 40  TYR n 
1 41  THR n 
1 42  ASP n 
1 43  MET n 
1 44  ASP n 
1 45  GLU n 
1 46  ASP n 
1 47  SER n 
1 48  ASP n 
1 49  ILE n 
1 50  ALA n 
1 51  PHE n 
1 52  HIS n 
1 53  PHE n 
1 54  ASN n 
1 55  VAL n 
1 56  ARG n 
1 57  PHE n 
1 58  GLY n 
1 59  ASN n 
1 60  HIS n 
1 61  VAL n 
1 62  VAL n 
1 63  MET n 
1 64  ASN n 
1 65  ARG n 
1 66  ARG n 
1 67  GLU n 
1 68  PHE n 
1 69  GLY n 
1 70  ILE n 
1 71  TRP n 
1 72  MET n 
1 73  LEU n 
1 74  GLU n 
1 75  GLU n 
1 76  THR n 
1 77  THR n 
1 78  ASP n 
1 79  TYR n 
1 80  VAL n 
1 81  PRO n 
1 82  PHE n 
1 83  GLU n 
1 84  ASP n 
1 85  GLY n 
1 86  LYS n 
1 87  GLN n 
1 88  PHE n 
1 89  GLU n 
1 90  LEU n 
1 91  CYS n 
1 92  ILE n 
1 93  TYR n 
1 94  VAL n 
1 95  HIS n 
1 96  TYR n 
1 97  ASN n 
1 98  GLU n 
1 99  TYR n 
1 100 GLU n 
1 101 ILE n 
1 102 LYS n 
1 103 VAL n 
1 104 ASN n 
1 105 GLY n 
1 106 ILE n 
1 107 ARG n 
1 108 ILE n 
1 109 TYR n 
1 110 GLY n 
1 111 PHE n 
1 112 VAL n 
1 113 HIS n 
1 114 ARG n 
1 115 ILE n 
1 116 PRO n 
1 117 PRO n 
1 118 SER n 
1 119 PHE n 
1 120 VAL n 
1 121 LYS n 
1 122 MET n 
1 123 VAL n 
1 124 GLN n 
1 125 VAL n 
1 126 SER n 
1 127 ARG n 
1 128 ASP n 
1 129 ILE n 
1 130 SER n 
1 131 LEU n 
1 132 THR n 
1 133 SER n 
1 134 VAL n 
1 135 CYS n 
1 136 VAL n 
1 137 CYS n 
1 138 ASN n 
# 
_entity_src_gen.entity_id                          1 
_entity_src_gen.pdbx_src_id                        1 
_entity_src_gen.pdbx_alt_source_flag               sample 
_entity_src_gen.pdbx_seq_type                      'Biological sequence' 
_entity_src_gen.pdbx_beg_seq_num                   1 
_entity_src_gen.pdbx_end_seq_num                   138 
_entity_src_gen.gene_src_common_name               Human 
_entity_src_gen.gene_src_genus                     ? 
_entity_src_gen.pdbx_gene_src_gene                 'LGALS13, PLAC8' 
_entity_src_gen.gene_src_species                   ? 
_entity_src_gen.gene_src_strain                    ? 
_entity_src_gen.gene_src_tissue                    ? 
_entity_src_gen.gene_src_tissue_fraction           ? 
_entity_src_gen.gene_src_details                   ? 
_entity_src_gen.pdbx_gene_src_fragment             ? 
_entity_src_gen.pdbx_gene_src_scientific_name      'Homo sapiens' 
_entity_src_gen.pdbx_gene_src_ncbi_taxonomy_id     9606 
_entity_src_gen.pdbx_gene_src_variant              ? 
_entity_src_gen.pdbx_gene_src_cell_line            ? 
_entity_src_gen.pdbx_gene_src_atcc                 ? 
_entity_src_gen.pdbx_gene_src_organ                ? 
_entity_src_gen.pdbx_gene_src_organelle            ? 
_entity_src_gen.pdbx_gene_src_cell                 ? 
_entity_src_gen.pdbx_gene_src_cellular_location    ? 
_entity_src_gen.host_org_common_name               ? 
_entity_src_gen.pdbx_host_org_scientific_name      'Escherichia coli' 
_entity_src_gen.pdbx_host_org_ncbi_taxonomy_id     562 
_entity_src_gen.host_org_genus                     ? 
_entity_src_gen.pdbx_host_org_gene                 ? 
_entity_src_gen.pdbx_host_org_organ                ? 
_entity_src_gen.host_org_species                   ? 
_entity_src_gen.pdbx_host_org_tissue               ? 
_entity_src_gen.pdbx_host_org_tissue_fraction      ? 
_entity_src_gen.pdbx_host_org_strain               ? 
_entity_src_gen.pdbx_host_org_variant              ? 
_entity_src_gen.pdbx_host_org_cell_line            ? 
_entity_src_gen.pdbx_host_org_atcc                 ? 
_entity_src_gen.pdbx_host_org_culture_collection   ? 
_entity_src_gen.pdbx_host_org_cell                 ? 
_entity_src_gen.pdbx_host_org_organelle            ? 
_entity_src_gen.pdbx_host_org_cellular_location    ? 
_entity_src_gen.pdbx_host_org_vector_type          ? 
_entity_src_gen.pdbx_host_org_vector               ? 
_entity_src_gen.host_org_details                   ? 
_entity_src_gen.expression_system_id               ? 
_entity_src_gen.plasmid_name                       ? 
_entity_src_gen.plasmid_details                    ? 
_entity_src_gen.pdbx_description                   ? 
# 
_pdbx_entity_branch.entity_id   2 
_pdbx_entity_branch.type        oligosaccharide 
# 
loop_
_pdbx_entity_branch_descriptor.ordinal 
_pdbx_entity_branch_descriptor.entity_id 
_pdbx_entity_branch_descriptor.descriptor 
_pdbx_entity_branch_descriptor.type 
_pdbx_entity_branch_descriptor.program 
_pdbx_entity_branch_descriptor.program_version 
1 2 DGalpb1-4DGlcpb1-ROH                                       'Glycam Condensed Sequence' GMML       1.0   
2 2 'WURCS=2.0/2,2,1/[a2122h-1b_1-5][a2112h-1b_1-5]/1-2/a4-b1' WURCS                       PDB2Glycan 1.1.0 
3 2 '[][b-D-Glcp]{[(4+1)][b-D-Galp]{}}'                        LINUCS                      PDB-CARE   ?     
# 
_pdbx_entity_branch_link.link_id                    1 
_pdbx_entity_branch_link.entity_id                  2 
_pdbx_entity_branch_link.entity_branch_list_num_1   2 
_pdbx_entity_branch_link.comp_id_1                  GAL 
_pdbx_entity_branch_link.atom_id_1                  C1 
_pdbx_entity_branch_link.leaving_atom_id_1          O1 
_pdbx_entity_branch_link.entity_branch_list_num_2   1 
_pdbx_entity_branch_link.comp_id_2                  BGC 
_pdbx_entity_branch_link.atom_id_2                  O4 
_pdbx_entity_branch_link.leaving_atom_id_2          HO4 
_pdbx_entity_branch_link.value_order                sing 
_pdbx_entity_branch_link.details                    ? 
# 
loop_
_chem_comp.id 
_chem_comp.type 
_chem_comp.mon_nstd_flag 
_chem_comp.name 
_chem_comp.pdbx_synonyms 
_chem_comp.formula 
_chem_comp.formula_weight 
ALA 'L-peptide linking'          y ALANINE                ?                                          'C3 H7 N O2'     89.093  
ARG 'L-peptide linking'          y ARGININE               ?                                          'C6 H15 N4 O2 1' 175.209 
ASN 'L-peptide linking'          y ASPARAGINE             ?                                          'C4 H8 N2 O3'    132.118 
ASP 'L-peptide linking'          y 'ASPARTIC ACID'        ?                                          'C4 H7 N O4'     133.103 
BGC 'D-saccharide, beta linking' . beta-D-glucopyranose   'beta-D-glucose; D-glucose; glucose'       'C6 H12 O6'      180.156 
CYS 'L-peptide linking'          y CYSTEINE               ?                                          'C3 H7 N O2 S'   121.158 
GAL 'D-saccharide, beta linking' . beta-D-galactopyranose 'beta-D-galactose; D-galactose; galactose' 'C6 H12 O6'      180.156 
GLN 'L-peptide linking'          y GLUTAMINE              ?                                          'C5 H10 N2 O3'   146.144 
GLU 'L-peptide linking'          y 'GLUTAMIC ACID'        ?                                          'C5 H9 N O4'     147.129 
GLY 'peptide linking'            y GLYCINE                ?                                          'C2 H5 N O2'     75.067  
HIS 'L-peptide linking'          y HISTIDINE              ?                                          'C6 H10 N3 O2 1' 156.162 
HOH non-polymer                  . WATER                  ?                                          'H2 O'           18.015  
ILE 'L-peptide linking'          y ISOLEUCINE             ?                                          'C6 H13 N O2'    131.173 
LEU 'L-peptide linking'          y LEUCINE                ?                                          'C6 H13 N O2'    131.173 
LYS 'L-peptide linking'          y LYSINE                 ?                                          'C6 H15 N2 O2 1' 147.195 
MET 'L-peptide linking'          y METHIONINE             ?                                          'C5 H11 N O2 S'  149.211 
PHE 'L-peptide linking'          y PHENYLALANINE          ?                                          'C9 H11 N O2'    165.189 
PRO 'L-peptide linking'          y PROLINE                ?                                          'C5 H9 N O2'     115.130 
SER 'L-peptide linking'          y SERINE                 ?                                          'C3 H7 N O3'     105.093 
THR 'L-peptide linking'          y THREONINE              ?                                          'C4 H9 N O3'     119.119 
TRP 'L-peptide linking'          y TRYPTOPHAN             ?                                          'C11 H12 N2 O2'  204.225 
TYR 'L-peptide linking'          y TYROSINE               ?                                          'C9 H11 N O3'    181.189 
VAL 'L-peptide linking'          y VALINE                 ?                                          'C5 H11 N O2'    117.146 
# 
loop_
_pdbx_chem_comp_identifier.comp_id 
_pdbx_chem_comp_identifier.type 
_pdbx_chem_comp_identifier.program 
_pdbx_chem_comp_identifier.program_version 
_pdbx_chem_comp_identifier.identifier 
BGC 'CONDENSED IUPAC CARBOHYDRATE SYMBOL' GMML     1.0 DGlcpb              
BGC 'COMMON NAME'                         GMML     1.0 b-D-glucopyranose   
BGC 'IUPAC CARBOHYDRATE SYMBOL'           PDB-CARE 1.0 b-D-Glcp            
BGC 'SNFG CARBOHYDRATE SYMBOL'            GMML     1.0 Glc                 
GAL 'CONDENSED IUPAC CARBOHYDRATE SYMBOL' GMML     1.0 DGalpb              
GAL 'COMMON NAME'                         GMML     1.0 b-D-galactopyranose 
GAL 'IUPAC CARBOHYDRATE SYMBOL'           PDB-CARE 1.0 b-D-Galp            
GAL 'SNFG CARBOHYDRATE SYMBOL'            GMML     1.0 Gal                 
# 
loop_
_pdbx_poly_seq_scheme.asym_id 
_pdbx_poly_seq_scheme.entity_id 
_pdbx_poly_seq_scheme.seq_id 
_pdbx_poly_seq_scheme.mon_id 
_pdbx_poly_seq_scheme.ndb_seq_num 
_pdbx_poly_seq_scheme.pdb_seq_num 
_pdbx_poly_seq_scheme.auth_seq_num 
_pdbx_poly_seq_scheme.pdb_mon_id 
_pdbx_poly_seq_scheme.auth_mon_id 
_pdbx_poly_seq_scheme.pdb_strand_id 
_pdbx_poly_seq_scheme.pdb_ins_code 
_pdbx_poly_seq_scheme.hetero 
A 1 1   SER 1   2   2   SER SER A . n 
A 1 2   SER 2   3   3   SER SER A . n 
A 1 3   LEU 3   4   4   LEU LEU A . n 
A 1 4   PRO 4   5   5   PRO PRO A . n 
A 1 5   VAL 5   6   6   VAL VAL A . n 
A 1 6   PRO 6   7   7   PRO PRO A . n 
A 1 7   TYR 7   8   8   TYR TYR A . n 
A 1 8   LYS 8   9   9   LYS LYS A . n 
A 1 9   LEU 9   10  10  LEU LEU A . n 
A 1 10  PRO 10  11  11  PRO PRO A . n 
A 1 11  VAL 11  12  12  VAL VAL A . n 
A 1 12  SER 12  13  13  SER SER A . n 
A 1 13  LEU 13  14  14  LEU LEU A . n 
A 1 14  SER 14  15  15  SER SER A . n 
A 1 15  VAL 15  16  16  VAL VAL A . n 
A 1 16  GLY 16  17  17  GLY GLY A . n 
A 1 17  SER 17  18  18  SER SER A . n 
A 1 18  CYS 18  19  19  CYS CYS A . n 
A 1 19  VAL 19  20  20  VAL VAL A . n 
A 1 20  ILE 20  21  21  ILE ILE A . n 
A 1 21  ILE 21  22  22  ILE ILE A . n 
A 1 22  LYS 22  23  23  LYS LYS A . n 
A 1 23  GLY 23  24  24  GLY GLY A . n 
A 1 24  THR 24  25  25  THR THR A . n 
A 1 25  PRO 25  26  26  PRO PRO A . n 
A 1 26  ILE 26  27  27  ILE ILE A . n 
A 1 27  HIS 27  28  28  HIS HIS A . n 
A 1 28  SER 28  29  29  SER SER A . n 
A 1 29  PHE 29  30  30  PHE PHE A . n 
A 1 30  ILE 30  31  31  ILE ILE A . n 
A 1 31  ASN 31  32  32  ASN ASN A . n 
A 1 32  GLY 32  33  33  GLY GLY A . n 
A 1 33  PRO 33  34  34  PRO PRO A . n 
A 1 34  GLN 34  35  35  GLN GLN A . n 
A 1 35  LEU 35  36  36  LEU LEU A . n 
A 1 36  GLN 36  37  37  GLN GLN A . n 
A 1 37  VAL 37  38  38  VAL VAL A . n 
A 1 38  ASP 38  39  39  ASP ASP A . n 
A 1 39  PHE 39  40  40  PHE PHE A . n 
A 1 40  TYR 40  41  41  TYR TYR A . n 
A 1 41  THR 41  42  42  THR THR A . n 
A 1 42  ASP 42  43  43  ASP ASP A . n 
A 1 43  MET 43  44  44  MET MET A . n 
A 1 44  ASP 44  45  45  ASP ASP A . n 
A 1 45  GLU 45  46  46  GLU GLU A . n 
A 1 46  ASP 46  47  47  ASP ASP A . n 
A 1 47  SER 47  48  48  SER SER A . n 
A 1 48  ASP 48  49  49  ASP ASP A . n 
A 1 49  ILE 49  50  50  ILE ILE A . n 
A 1 50  ALA 50  51  51  ALA ALA A . n 
A 1 51  PHE 51  52  52  PHE PHE A . n 
A 1 52  HIS 52  53  53  HIS HIS A . n 
A 1 53  PHE 53  54  54  PHE PHE A . n 
A 1 54  ASN 54  55  55  ASN ASN A . n 
A 1 55  VAL 55  56  56  VAL VAL A . n 
A 1 56  ARG 56  57  57  ARG ARG A . n 
A 1 57  PHE 57  58  58  PHE PHE A . n 
A 1 58  GLY 58  59  59  GLY GLY A . n 
A 1 59  ASN 59  60  60  ASN ASN A . n 
A 1 60  HIS 60  61  61  HIS HIS A . n 
A 1 61  VAL 61  62  62  VAL VAL A . n 
A 1 62  VAL 62  63  63  VAL VAL A . n 
A 1 63  MET 63  64  64  MET MET A . n 
A 1 64  ASN 64  65  65  ASN ASN A . n 
A 1 65  ARG 65  66  66  ARG ARG A . n 
A 1 66  ARG 66  67  67  ARG ARG A . n 
A 1 67  GLU 67  68  68  GLU GLU A . n 
A 1 68  PHE 68  69  69  PHE PHE A . n 
A 1 69  GLY 69  70  70  GLY GLY A . n 
A 1 70  ILE 70  71  71  ILE ILE A . n 
A 1 71  TRP 71  72  72  TRP TRP A . n 
A 1 72  MET 72  73  73  MET MET A . n 
A 1 73  LEU 73  74  74  LEU LEU A . n 
A 1 74  GLU 74  75  75  GLU GLU A . n 
A 1 75  GLU 75  76  76  GLU GLU A . n 
A 1 76  THR 76  77  77  THR THR A . n 
A 1 77  THR 77  78  78  THR THR A . n 
A 1 78  ASP 78  79  79  ASP ASP A . n 
A 1 79  TYR 79  80  80  TYR TYR A . n 
A 1 80  VAL 80  81  81  VAL VAL A . n 
A 1 81  PRO 81  82  82  PRO PRO A . n 
A 1 82  PHE 82  83  83  PHE PHE A . n 
A 1 83  GLU 83  84  84  GLU GLU A . n 
A 1 84  ASP 84  85  85  ASP ASP A . n 
A 1 85  GLY 85  86  86  GLY GLY A . n 
A 1 86  LYS 86  87  87  LYS LYS A . n 
A 1 87  GLN 87  88  88  GLN GLN A . n 
A 1 88  PHE 88  89  89  PHE PHE A . n 
A 1 89  GLU 89  90  90  GLU GLU A . n 
A 1 90  LEU 90  91  91  LEU LEU A . n 
A 1 91  CYS 91  92  92  CYS CYS A . n 
A 1 92  ILE 92  93  93  ILE ILE A . n 
A 1 93  TYR 93  94  94  TYR TYR A . n 
A 1 94  VAL 94  95  95  VAL VAL A . n 
A 1 95  HIS 95  96  96  HIS HIS A . n 
A 1 96  TYR 96  97  97  TYR TYR A . n 
A 1 97  ASN 97  98  98  ASN ASN A . n 
A 1 98  GLU 98  99  99  GLU GLU A . n 
A 1 99  TYR 99  100 100 TYR TYR A . n 
A 1 100 GLU 100 101 101 GLU GLU A . n 
A 1 101 ILE 101 102 102 ILE ILE A . n 
A 1 102 LYS 102 103 103 LYS LYS A . n 
A 1 103 VAL 103 104 104 VAL VAL A . n 
A 1 104 ASN 104 105 105 ASN ASN A . n 
A 1 105 GLY 105 106 106 GLY GLY A . n 
A 1 106 ILE 106 107 107 ILE ILE A . n 
A 1 107 ARG 107 108 108 ARG ARG A . n 
A 1 108 ILE 108 109 109 ILE ILE A . n 
A 1 109 TYR 109 110 110 TYR TYR A . n 
A 1 110 GLY 110 111 111 GLY GLY A . n 
A 1 111 PHE 111 112 112 PHE PHE A . n 
A 1 112 VAL 112 113 113 VAL VAL A . n 
A 1 113 HIS 113 114 114 HIS HIS A . n 
A 1 114 ARG 114 115 115 ARG ARG A . n 
A 1 115 ILE 115 116 116 ILE ILE A . n 
A 1 116 PRO 116 117 117 PRO PRO A . n 
A 1 117 PRO 117 118 118 PRO PRO A . n 
A 1 118 SER 118 119 119 SER SER A . n 
A 1 119 PHE 119 120 120 PHE PHE A . n 
A 1 120 VAL 120 121 121 VAL VAL A . n 
A 1 121 LYS 121 122 122 LYS LYS A . n 
A 1 122 MET 122 123 123 MET MET A . n 
A 1 123 VAL 123 124 124 VAL VAL A . n 
A 1 124 GLN 124 125 125 GLN GLN A . n 
A 1 125 VAL 125 126 126 VAL VAL A . n 
A 1 126 SER 126 127 127 SER SER A . n 
A 1 127 ARG 127 128 128 ARG ARG A . n 
A 1 128 ASP 128 129 129 ASP ASP A . n 
A 1 129 ILE 129 130 130 ILE ILE A . n 
A 1 130 SER 130 131 131 SER SER A . n 
A 1 131 LEU 131 132 132 LEU LEU A . n 
A 1 132 THR 132 133 133 THR THR A . n 
A 1 133 SER 133 134 134 SER SER A . n 
A 1 134 VAL 134 135 135 VAL VAL A . n 
A 1 135 CYS 135 136 136 CYS CYS A . n 
A 1 136 VAL 136 137 137 VAL VAL A . n 
A 1 137 CYS 137 138 138 CYS CYS A . n 
A 1 138 ASN 138 139 139 ASN ASN A . n 
# 
loop_
_pdbx_branch_scheme.asym_id 
_pdbx_branch_scheme.entity_id 
_pdbx_branch_scheme.mon_id 
_pdbx_branch_scheme.num 
_pdbx_branch_scheme.pdb_asym_id 
_pdbx_branch_scheme.pdb_mon_id 
_pdbx_branch_scheme.pdb_seq_num 
_pdbx_branch_scheme.auth_asym_id 
_pdbx_branch_scheme.auth_mon_id 
_pdbx_branch_scheme.auth_seq_num 
_pdbx_branch_scheme.hetero 
B 2 BGC 1 B BGC 1 A B4H 201 n 
B 2 GAL 2 B GAL 2 A B4H 201 n 
# 
loop_
_pdbx_nonpoly_scheme.asym_id 
_pdbx_nonpoly_scheme.entity_id 
_pdbx_nonpoly_scheme.mon_id 
_pdbx_nonpoly_scheme.ndb_seq_num 
_pdbx_nonpoly_scheme.pdb_seq_num 
_pdbx_nonpoly_scheme.auth_seq_num 
_pdbx_nonpoly_scheme.pdb_mon_id 
_pdbx_nonpoly_scheme.auth_mon_id 
_pdbx_nonpoly_scheme.pdb_strand_id 
_pdbx_nonpoly_scheme.pdb_ins_code 
C 3 HOH 1   301 114 HOH HOH A . 
C 3 HOH 2   302 108 HOH HOH A . 
C 3 HOH 3   303 123 HOH HOH A . 
C 3 HOH 4   304 93  HOH HOH A . 
C 3 HOH 5   305 77  HOH HOH A . 
C 3 HOH 6   306 104 HOH HOH A . 
C 3 HOH 7   307 70  HOH HOH A . 
C 3 HOH 8   308 66  HOH HOH A . 
C 3 HOH 9   309 51  HOH HOH A . 
C 3 HOH 10  310 52  HOH HOH A . 
C 3 HOH 11  311 42  HOH HOH A . 
C 3 HOH 12  312 122 HOH HOH A . 
C 3 HOH 13  313 119 HOH HOH A . 
C 3 HOH 14  314 25  HOH HOH A . 
C 3 HOH 15  315 59  HOH HOH A . 
C 3 HOH 16  316 38  HOH HOH A . 
C 3 HOH 17  317 46  HOH HOH A . 
C 3 HOH 18  318 110 HOH HOH A . 
C 3 HOH 19  319 120 HOH HOH A . 
C 3 HOH 20  320 3   HOH HOH A . 
C 3 HOH 21  321 23  HOH HOH A . 
C 3 HOH 22  322 83  HOH HOH A . 
C 3 HOH 23  323 7   HOH HOH A . 
C 3 HOH 24  324 71  HOH HOH A . 
C 3 HOH 25  325 124 HOH HOH A . 
C 3 HOH 26  326 34  HOH HOH A . 
C 3 HOH 27  327 113 HOH HOH A . 
C 3 HOH 28  328 67  HOH HOH A . 
C 3 HOH 29  329 106 HOH HOH A . 
C 3 HOH 30  330 95  HOH HOH A . 
C 3 HOH 31  331 82  HOH HOH A . 
C 3 HOH 32  332 33  HOH HOH A . 
C 3 HOH 33  333 2   HOH HOH A . 
C 3 HOH 34  334 107 HOH HOH A . 
C 3 HOH 35  335 89  HOH HOH A . 
C 3 HOH 36  336 69  HOH HOH A . 
C 3 HOH 37  337 118 HOH HOH A . 
C 3 HOH 38  338 36  HOH HOH A . 
C 3 HOH 39  339 105 HOH HOH A . 
C 3 HOH 40  340 37  HOH HOH A . 
C 3 HOH 41  341 22  HOH HOH A . 
C 3 HOH 42  342 49  HOH HOH A . 
C 3 HOH 43  343 56  HOH HOH A . 
C 3 HOH 44  344 86  HOH HOH A . 
C 3 HOH 45  345 76  HOH HOH A . 
C 3 HOH 46  346 13  HOH HOH A . 
C 3 HOH 47  347 8   HOH HOH A . 
C 3 HOH 48  348 18  HOH HOH A . 
C 3 HOH 49  349 41  HOH HOH A . 
C 3 HOH 50  350 74  HOH HOH A . 
C 3 HOH 51  351 87  HOH HOH A . 
C 3 HOH 52  352 14  HOH HOH A . 
C 3 HOH 53  353 1   HOH HOH A . 
C 3 HOH 54  354 68  HOH HOH A . 
C 3 HOH 55  355 16  HOH HOH A . 
C 3 HOH 56  356 4   HOH HOH A . 
C 3 HOH 57  357 9   HOH HOH A . 
C 3 HOH 58  358 78  HOH HOH A . 
C 3 HOH 59  359 28  HOH HOH A . 
C 3 HOH 60  360 17  HOH HOH A . 
C 3 HOH 61  361 79  HOH HOH A . 
C 3 HOH 62  362 12  HOH HOH A . 
C 3 HOH 63  363 10  HOH HOH A . 
C 3 HOH 64  364 103 HOH HOH A . 
C 3 HOH 65  365 30  HOH HOH A . 
C 3 HOH 66  366 27  HOH HOH A . 
C 3 HOH 67  367 111 HOH HOH A . 
C 3 HOH 68  368 101 HOH HOH A . 
C 3 HOH 69  369 57  HOH HOH A . 
C 3 HOH 70  370 50  HOH HOH A . 
C 3 HOH 71  371 15  HOH HOH A . 
C 3 HOH 72  372 62  HOH HOH A . 
C 3 HOH 73  373 26  HOH HOH A . 
C 3 HOH 74  374 88  HOH HOH A . 
C 3 HOH 75  375 45  HOH HOH A . 
C 3 HOH 76  376 65  HOH HOH A . 
C 3 HOH 77  377 127 HOH HOH A . 
C 3 HOH 78  378 24  HOH HOH A . 
C 3 HOH 79  379 134 HOH HOH A . 
C 3 HOH 80  380 109 HOH HOH A . 
C 3 HOH 81  381 43  HOH HOH A . 
C 3 HOH 82  382 58  HOH HOH A . 
C 3 HOH 83  383 85  HOH HOH A . 
C 3 HOH 84  384 60  HOH HOH A . 
C 3 HOH 85  385 48  HOH HOH A . 
C 3 HOH 86  386 91  HOH HOH A . 
C 3 HOH 87  387 5   HOH HOH A . 
C 3 HOH 88  388 44  HOH HOH A . 
C 3 HOH 89  389 35  HOH HOH A . 
C 3 HOH 90  390 29  HOH HOH A . 
C 3 HOH 91  391 97  HOH HOH A . 
C 3 HOH 92  392 21  HOH HOH A . 
C 3 HOH 93  393 6   HOH HOH A . 
C 3 HOH 94  394 96  HOH HOH A . 
C 3 HOH 95  395 84  HOH HOH A . 
C 3 HOH 96  396 53  HOH HOH A . 
C 3 HOH 97  397 32  HOH HOH A . 
C 3 HOH 98  398 31  HOH HOH A . 
C 3 HOH 99  399 115 HOH HOH A . 
C 3 HOH 100 400 129 HOH HOH A . 
C 3 HOH 101 401 64  HOH HOH A . 
C 3 HOH 102 402 47  HOH HOH A . 
C 3 HOH 103 403 19  HOH HOH A . 
C 3 HOH 104 404 116 HOH HOH A . 
C 3 HOH 105 405 11  HOH HOH A . 
C 3 HOH 106 406 54  HOH HOH A . 
C 3 HOH 107 407 40  HOH HOH A . 
C 3 HOH 108 408 112 HOH HOH A . 
C 3 HOH 109 409 92  HOH HOH A . 
C 3 HOH 110 410 63  HOH HOH A . 
C 3 HOH 111 411 132 HOH HOH A . 
C 3 HOH 112 412 131 HOH HOH A . 
C 3 HOH 113 413 99  HOH HOH A . 
C 3 HOH 114 414 100 HOH HOH A . 
C 3 HOH 115 415 130 HOH HOH A . 
C 3 HOH 116 416 39  HOH HOH A . 
C 3 HOH 117 417 55  HOH HOH A . 
C 3 HOH 118 418 90  HOH HOH A . 
C 3 HOH 119 419 81  HOH HOH A . 
C 3 HOH 120 420 121 HOH HOH A . 
C 3 HOH 121 421 133 HOH HOH A . 
C 3 HOH 122 422 75  HOH HOH A . 
C 3 HOH 123 423 117 HOH HOH A . 
C 3 HOH 124 424 126 HOH HOH A . 
C 3 HOH 125 425 80  HOH HOH A . 
C 3 HOH 126 426 72  HOH HOH A . 
C 3 HOH 127 427 128 HOH HOH A . 
C 3 HOH 128 428 73  HOH HOH A . 
C 3 HOH 129 429 125 HOH HOH A . 
C 3 HOH 130 430 98  HOH HOH A . 
# 
_pdbx_unobs_or_zero_occ_atoms.id               1 
_pdbx_unobs_or_zero_occ_atoms.PDB_model_num    1 
_pdbx_unobs_or_zero_occ_atoms.polymer_flag     Y 
_pdbx_unobs_or_zero_occ_atoms.occupancy_flag   1 
_pdbx_unobs_or_zero_occ_atoms.auth_asym_id     A 
_pdbx_unobs_or_zero_occ_atoms.auth_comp_id     VAL 
_pdbx_unobs_or_zero_occ_atoms.auth_seq_id      62 
_pdbx_unobs_or_zero_occ_atoms.PDB_ins_code     ? 
_pdbx_unobs_or_zero_occ_atoms.auth_atom_id     CG2 
_pdbx_unobs_or_zero_occ_atoms.label_alt_id     ? 
_pdbx_unobs_or_zero_occ_atoms.label_asym_id    A 
_pdbx_unobs_or_zero_occ_atoms.label_comp_id    VAL 
_pdbx_unobs_or_zero_occ_atoms.label_seq_id     61 
_pdbx_unobs_or_zero_occ_atoms.label_atom_id    CG2 
# 
_software.citation_id            ? 
_software.classification         refinement 
_software.compiler_name          ? 
_software.compiler_version       ? 
_software.contact_author         ? 
_software.contact_author_email   ? 
_software.date                   ? 
_software.description            ? 
_software.dependencies           ? 
_software.hardware               ? 
_software.language               ? 
_software.location               ? 
_software.mods                   ? 
_software.name                   PHENIX 
_software.os                     ? 
_software.os_version             ? 
_software.type                   ? 
_software.version                '(1.10.1_2155: ???)' 
_software.pdbx_ordinal           1 
# 
_cell.angle_alpha                  90.000 
_cell.angle_alpha_esd              ? 
_cell.angle_beta                   90.000 
_cell.angle_beta_esd               ? 
_cell.angle_gamma                  90.000 
_cell.angle_gamma_esd              ? 
_cell.entry_id                     6A64 
_cell.details                      ? 
_cell.formula_units_Z              ? 
_cell.length_a                     57.351 
_cell.length_a_esd                 ? 
_cell.length_b                     92.583 
_cell.length_b_esd                 ? 
_cell.length_c                     50.307 
_cell.length_c_esd                 ? 
_cell.volume                       ? 
_cell.volume_esd                   ? 
_cell.Z_PDB                        8 
_cell.reciprocal_angle_alpha       ? 
_cell.reciprocal_angle_beta        ? 
_cell.reciprocal_angle_gamma       ? 
_cell.reciprocal_angle_alpha_esd   ? 
_cell.reciprocal_angle_beta_esd    ? 
_cell.reciprocal_angle_gamma_esd   ? 
_cell.reciprocal_length_a          ? 
_cell.reciprocal_length_b          ? 
_cell.reciprocal_length_c          ? 
_cell.reciprocal_length_a_esd      ? 
_cell.reciprocal_length_b_esd      ? 
_cell.reciprocal_length_c_esd      ? 
_cell.pdbx_unique_axis             ? 
# 
_symmetry.entry_id                         6A64 
_symmetry.cell_setting                     ? 
_symmetry.Int_Tables_number                21 
_symmetry.space_group_name_Hall            ? 
_symmetry.space_group_name_H-M             'C 2 2 2' 
_symmetry.pdbx_full_space_group_name_H-M   ? 
# 
_exptl.absorpt_coefficient_mu     ? 
_exptl.absorpt_correction_T_max   ? 
_exptl.absorpt_correction_T_min   ? 
_exptl.absorpt_correction_type    ? 
_exptl.absorpt_process_details    ? 
_exptl.entry_id                   6A64 
_exptl.crystals_number            1 
_exptl.details                    ? 
_exptl.method                     'X-RAY DIFFRACTION' 
_exptl.method_details             ? 
# 
_exptl_crystal.colour                      ? 
_exptl_crystal.density_diffrn              ? 
_exptl_crystal.density_Matthews            2.10 
_exptl_crystal.density_method              ? 
_exptl_crystal.density_percent_sol         41.42 
_exptl_crystal.description                 ? 
_exptl_crystal.F_000                       ? 
_exptl_crystal.id                          1 
_exptl_crystal.preparation                 ? 
_exptl_crystal.size_max                    ? 
_exptl_crystal.size_mid                    ? 
_exptl_crystal.size_min                    ? 
_exptl_crystal.size_rad                    ? 
_exptl_crystal.colour_lustre               ? 
_exptl_crystal.colour_modifier             ? 
_exptl_crystal.colour_primary              ? 
_exptl_crystal.density_meas                ? 
_exptl_crystal.density_meas_esd            ? 
_exptl_crystal.density_meas_gt             ? 
_exptl_crystal.density_meas_lt             ? 
_exptl_crystal.density_meas_temp           ? 
_exptl_crystal.density_meas_temp_esd       ? 
_exptl_crystal.density_meas_temp_gt        ? 
_exptl_crystal.density_meas_temp_lt        ? 
_exptl_crystal.pdbx_crystal_image_url      ? 
_exptl_crystal.pdbx_crystal_image_format   ? 
_exptl_crystal.pdbx_mosaicity              ? 
_exptl_crystal.pdbx_mosaicity_esd          ? 
# 
_exptl_crystal_grow.apparatus       ? 
_exptl_crystal_grow.atmosphere      ? 
_exptl_crystal_grow.crystal_id      1 
_exptl_crystal_grow.details         ? 
_exptl_crystal_grow.method          'VAPOR DIFFUSION, HANGING DROP' 
_exptl_crystal_grow.method_ref      ? 
_exptl_crystal_grow.pH              ? 
_exptl_crystal_grow.pressure        ? 
_exptl_crystal_grow.pressure_esd    ? 
_exptl_crystal_grow.seeding         ? 
_exptl_crystal_grow.seeding_ref     ? 
_exptl_crystal_grow.temp            298 
_exptl_crystal_grow.temp_details    ? 
_exptl_crystal_grow.temp_esd        ? 
_exptl_crystal_grow.time            ? 
_exptl_crystal_grow.pdbx_details    PEG 
_exptl_crystal_grow.pdbx_pH_range   ? 
# 
_diffrn.ambient_environment    ? 
_diffrn.ambient_temp           100 
_diffrn.ambient_temp_details   ? 
_diffrn.ambient_temp_esd       ? 
_diffrn.crystal_id             1 
_diffrn.crystal_support        ? 
_diffrn.crystal_treatment      ? 
_diffrn.details                ? 
_diffrn.id                     1 
_diffrn.ambient_pressure       ? 
_diffrn.ambient_pressure_esd   ? 
_diffrn.ambient_pressure_gt    ? 
_diffrn.ambient_pressure_lt    ? 
_diffrn.ambient_temp_gt        ? 
_diffrn.ambient_temp_lt        ? 
# 
_diffrn_detector.details                      ? 
_diffrn_detector.detector                     PIXEL 
_diffrn_detector.diffrn_id                    1 
_diffrn_detector.type                         'DECTRIS PILATUS 6M' 
_diffrn_detector.area_resol_mean              ? 
_diffrn_detector.dtime                        ? 
_diffrn_detector.pdbx_frames_total            ? 
_diffrn_detector.pdbx_collection_time_total   ? 
_diffrn_detector.pdbx_collection_date         2017-12-23 
# 
_diffrn_radiation.collimation                      ? 
_diffrn_radiation.diffrn_id                        1 
_diffrn_radiation.filter_edge                      ? 
_diffrn_radiation.inhomogeneity                    ? 
_diffrn_radiation.monochromator                    ? 
_diffrn_radiation.polarisn_norm                    ? 
_diffrn_radiation.polarisn_ratio                   ? 
_diffrn_radiation.probe                            ? 
_diffrn_radiation.type                             ? 
_diffrn_radiation.xray_symbol                      ? 
_diffrn_radiation.wavelength_id                    1 
_diffrn_radiation.pdbx_monochromatic_or_laue_m_l   M 
_diffrn_radiation.pdbx_wavelength_list             ? 
_diffrn_radiation.pdbx_wavelength                  ? 
_diffrn_radiation.pdbx_diffrn_protocol             'SINGLE WAVELENGTH' 
_diffrn_radiation.pdbx_analyzer                    ? 
_diffrn_radiation.pdbx_scattering_type             x-ray 
# 
_diffrn_radiation_wavelength.id           1 
_diffrn_radiation_wavelength.wavelength   0.977 
_diffrn_radiation_wavelength.wt           1.0 
# 
_diffrn_source.current                     ? 
_diffrn_source.details                     ? 
_diffrn_source.diffrn_id                   1 
_diffrn_source.power                       ? 
_diffrn_source.size                        ? 
_diffrn_source.source                      SYNCHROTRON 
_diffrn_source.target                      ? 
_diffrn_source.type                        'SSRF BEAMLINE BL18U1' 
_diffrn_source.voltage                     ? 
_diffrn_source.take-off_angle              ? 
_diffrn_source.pdbx_wavelength_list        0.977 
_diffrn_source.pdbx_wavelength             ? 
_diffrn_source.pdbx_synchrotron_beamline   BL18U1 
_diffrn_source.pdbx_synchrotron_site       SSRF 
# 
_reflns.B_iso_Wilson_estimate            ? 
_reflns.entry_id                         6A64 
_reflns.data_reduction_details           ? 
_reflns.data_reduction_method            ? 
_reflns.d_resolution_high                1.63 
_reflns.d_resolution_low                 18.91 
_reflns.details                          ? 
_reflns.limit_h_max                      ? 
_reflns.limit_h_min                      ? 
_reflns.limit_k_max                      ? 
_reflns.limit_k_min                      ? 
_reflns.limit_l_max                      ? 
_reflns.limit_l_min                      ? 
_reflns.number_all                       ? 
_reflns.number_obs                       17066 
_reflns.observed_criterion               ? 
_reflns.observed_criterion_F_max         ? 
_reflns.observed_criterion_F_min         ? 
_reflns.observed_criterion_I_max         ? 
_reflns.observed_criterion_I_min         ? 
_reflns.observed_criterion_sigma_F       ? 
_reflns.observed_criterion_sigma_I       ? 
_reflns.percent_possible_obs             99.9 
_reflns.R_free_details                   ? 
_reflns.Rmerge_F_all                     ? 
_reflns.Rmerge_F_obs                     ? 
_reflns.Friedel_coverage                 ? 
_reflns.number_gt                        ? 
_reflns.threshold_expression             ? 
_reflns.pdbx_redundancy                  6.3 
_reflns.pdbx_Rmerge_I_obs                ? 
_reflns.pdbx_Rmerge_I_all                ? 
_reflns.pdbx_Rsym_value                  ? 
_reflns.pdbx_netI_over_av_sigmaI         ? 
_reflns.pdbx_netI_over_sigmaI            22.5 
_reflns.pdbx_res_netI_over_av_sigmaI_2   ? 
_reflns.pdbx_res_netI_over_sigmaI_2      ? 
_reflns.pdbx_chi_squared                 ? 
_reflns.pdbx_scaling_rejects             ? 
_reflns.pdbx_d_res_high_opt              ? 
_reflns.pdbx_d_res_low_opt               ? 
_reflns.pdbx_d_res_opt_method            ? 
_reflns.phase_calculation_details        ? 
_reflns.pdbx_Rrim_I_all                  ? 
_reflns.pdbx_Rpim_I_all                  ? 
_reflns.pdbx_d_opt                       ? 
_reflns.pdbx_number_measured_all         ? 
_reflns.pdbx_diffrn_id                   1 
_reflns.pdbx_ordinal                     1 
_reflns.pdbx_CC_half                     ? 
_reflns.pdbx_R_split                     ? 
# 
_reflns_shell.d_res_high                  1.63 
_reflns_shell.d_res_low                   1.66 
_reflns_shell.meanI_over_sigI_all         ? 
_reflns_shell.meanI_over_sigI_obs         ? 
_reflns_shell.number_measured_all         ? 
_reflns_shell.number_measured_obs         ? 
_reflns_shell.number_possible             ? 
_reflns_shell.number_unique_all           ? 
_reflns_shell.number_unique_obs           ? 
_reflns_shell.percent_possible_all        ? 
_reflns_shell.percent_possible_obs        ? 
_reflns_shell.Rmerge_F_all                ? 
_reflns_shell.Rmerge_F_obs                ? 
_reflns_shell.Rmerge_I_all                ? 
_reflns_shell.Rmerge_I_obs                ? 
_reflns_shell.meanI_over_sigI_gt          ? 
_reflns_shell.meanI_over_uI_all           ? 
_reflns_shell.meanI_over_uI_gt            ? 
_reflns_shell.number_measured_gt          ? 
_reflns_shell.number_unique_gt            ? 
_reflns_shell.percent_possible_gt         ? 
_reflns_shell.Rmerge_F_gt                 ? 
_reflns_shell.Rmerge_I_gt                 ? 
_reflns_shell.pdbx_redundancy             ? 
_reflns_shell.pdbx_Rsym_value             ? 
_reflns_shell.pdbx_chi_squared            ? 
_reflns_shell.pdbx_netI_over_sigmaI_all   ? 
_reflns_shell.pdbx_netI_over_sigmaI_obs   ? 
_reflns_shell.pdbx_Rrim_I_all             ? 
_reflns_shell.pdbx_Rpim_I_all             ? 
_reflns_shell.pdbx_rejects                ? 
_reflns_shell.pdbx_ordinal                1 
_reflns_shell.pdbx_diffrn_id              1 
_reflns_shell.pdbx_CC_half                ? 
_reflns_shell.pdbx_R_split                ? 
# 
_refine.aniso_B[1][1]                            ? 
_refine.aniso_B[1][2]                            ? 
_refine.aniso_B[1][3]                            ? 
_refine.aniso_B[2][2]                            ? 
_refine.aniso_B[2][3]                            ? 
_refine.aniso_B[3][3]                            ? 
_refine.B_iso_max                                70.280 
_refine.B_iso_mean                               25.1102 
_refine.B_iso_min                                13.540 
_refine.correlation_coeff_Fo_to_Fc               ? 
_refine.correlation_coeff_Fo_to_Fc_free          ? 
_refine.details                                  ? 
_refine.diff_density_max                         ? 
_refine.diff_density_max_esd                     ? 
_refine.diff_density_min                         ? 
_refine.diff_density_min_esd                     ? 
_refine.diff_density_rms                         ? 
_refine.diff_density_rms_esd                     ? 
_refine.entry_id                                 6A64 
_refine.pdbx_refine_id                           'X-RAY DIFFRACTION' 
_refine.ls_abs_structure_details                 ? 
_refine.ls_abs_structure_Flack                   ? 
_refine.ls_abs_structure_Flack_esd               ? 
_refine.ls_abs_structure_Rogers                  ? 
_refine.ls_abs_structure_Rogers_esd              ? 
_refine.ls_d_res_high                            1.6300 
_refine.ls_d_res_low                             18.9100 
_refine.ls_extinction_coef                       ? 
_refine.ls_extinction_coef_esd                   ? 
_refine.ls_extinction_expression                 ? 
_refine.ls_extinction_method                     ? 
_refine.ls_goodness_of_fit_all                   ? 
_refine.ls_goodness_of_fit_all_esd               ? 
_refine.ls_goodness_of_fit_obs                   ? 
_refine.ls_goodness_of_fit_obs_esd               ? 
_refine.ls_hydrogen_treatment                    ? 
_refine.ls_matrix_type                           ? 
_refine.ls_number_constraints                    ? 
_refine.ls_number_parameters                     ? 
_refine.ls_number_reflns_all                     ? 
_refine.ls_number_reflns_obs                     17057 
_refine.ls_number_reflns_R_free                  1720 
_refine.ls_number_reflns_R_work                  ? 
_refine.ls_number_restraints                     ? 
_refine.ls_percent_reflns_obs                    99.7600 
_refine.ls_percent_reflns_R_free                 10.0800 
_refine.ls_R_factor_all                          ? 
_refine.ls_R_factor_obs                          0.1740 
_refine.ls_R_factor_R_free                       0.2066 
_refine.ls_R_factor_R_free_error                 ? 
_refine.ls_R_factor_R_free_error_details         ? 
_refine.ls_R_factor_R_work                       0.1704 
_refine.ls_R_Fsqd_factor_obs                     ? 
_refine.ls_R_I_factor_obs                        ? 
_refine.ls_redundancy_reflns_all                 ? 
_refine.ls_redundancy_reflns_obs                 ? 
_refine.ls_restrained_S_all                      ? 
_refine.ls_restrained_S_obs                      ? 
_refine.ls_shift_over_esd_max                    ? 
_refine.ls_shift_over_esd_mean                   ? 
_refine.ls_structure_factor_coef                 ? 
_refine.ls_weighting_details                     ? 
_refine.ls_weighting_scheme                      ? 
_refine.ls_wR_factor_all                         ? 
_refine.ls_wR_factor_obs                         ? 
_refine.ls_wR_factor_R_free                      ? 
_refine.ls_wR_factor_R_work                      ? 
_refine.occupancy_max                            ? 
_refine.occupancy_min                            ? 
_refine.solvent_model_details                    'FLAT BULK SOLVENT MODEL' 
_refine.solvent_model_param_bsol                 ? 
_refine.solvent_model_param_ksol                 ? 
_refine.ls_R_factor_gt                           ? 
_refine.ls_goodness_of_fit_gt                    ? 
_refine.ls_goodness_of_fit_ref                   ? 
_refine.ls_shift_over_su_max                     ? 
_refine.ls_shift_over_su_max_lt                  ? 
_refine.ls_shift_over_su_mean                    ? 
_refine.ls_shift_over_su_mean_lt                 ? 
_refine.pdbx_ls_sigma_I                          ? 
_refine.pdbx_ls_sigma_F                          1.380 
_refine.pdbx_ls_sigma_Fsqd                       ? 
_refine.pdbx_data_cutoff_high_absF               ? 
_refine.pdbx_data_cutoff_high_rms_absF           ? 
_refine.pdbx_data_cutoff_low_absF                ? 
_refine.pdbx_isotropic_thermal_model             ? 
_refine.pdbx_ls_cross_valid_method               THROUGHOUT 
_refine.pdbx_method_to_determine_struct          'MOLECULAR REPLACEMENT' 
_refine.pdbx_starting_model                      ? 
_refine.pdbx_stereochemistry_target_values       ML 
_refine.pdbx_R_Free_selection_details            ? 
_refine.pdbx_stereochem_target_val_spec_case     ? 
_refine.pdbx_overall_ESU_R                       ? 
_refine.pdbx_overall_ESU_R_Free                  ? 
_refine.pdbx_solvent_vdw_probe_radii             1.1100 
_refine.pdbx_solvent_ion_probe_radii             ? 
_refine.pdbx_solvent_shrinkage_radii             0.9000 
_refine.pdbx_real_space_R                        ? 
_refine.pdbx_density_correlation                 ? 
_refine.pdbx_pd_number_of_powder_patterns        ? 
_refine.pdbx_pd_number_of_points                 ? 
_refine.pdbx_pd_meas_number_of_points            ? 
_refine.pdbx_pd_proc_ls_prof_R_factor            ? 
_refine.pdbx_pd_proc_ls_prof_wR_factor           ? 
_refine.pdbx_pd_Marquardt_correlation_coeff      ? 
_refine.pdbx_pd_Fsqrd_R_factor                   ? 
_refine.pdbx_pd_ls_matrix_band_width             ? 
_refine.pdbx_overall_phase_error                 21.4700 
_refine.pdbx_overall_SU_R_free_Cruickshank_DPI   ? 
_refine.pdbx_overall_SU_R_free_Blow_DPI          ? 
_refine.pdbx_overall_SU_R_Blow_DPI               ? 
_refine.pdbx_TLS_residual_ADP_flag               ? 
_refine.pdbx_diffrn_id                           1 
_refine.overall_SU_B                             ? 
_refine.overall_SU_ML                            0.1500 
_refine.overall_SU_R_Cruickshank_DPI             ? 
_refine.overall_SU_R_free                        ? 
_refine.overall_FOM_free_R_set                   ? 
_refine.overall_FOM_work_R_set                   ? 
_refine.pdbx_average_fsc_overall                 ? 
_refine.pdbx_average_fsc_work                    ? 
_refine.pdbx_average_fsc_free                    ? 
# 
_refine_hist.cycle_id                         final 
_refine_hist.pdbx_refine_id                   'X-RAY DIFFRACTION' 
_refine_hist.d_res_high                       1.6300 
_refine_hist.d_res_low                        18.9100 
_refine_hist.pdbx_number_atoms_ligand         23 
_refine_hist.number_atoms_solvent             132 
_refine_hist.number_atoms_total               1272 
_refine_hist.pdbx_number_residues_total       138 
_refine_hist.pdbx_B_iso_mean_ligand           44.06 
_refine_hist.pdbx_B_iso_mean_solvent          33.57 
_refine_hist.pdbx_number_atoms_protein        1117 
_refine_hist.pdbx_number_atoms_nucleic_acid   0 
# 
_struct.entry_id                     6A64 
_struct.title                        'Placental protein 13/galectin-13 variant R53HR55NH57RD33G with Lactose' 
_struct.pdbx_model_details           ? 
_struct.pdbx_formula_weight          ? 
_struct.pdbx_formula_weight_method   ? 
_struct.pdbx_model_type_details      ? 
_struct.pdbx_CASP_flag               N 
# 
_struct_keywords.entry_id        6A64 
_struct_keywords.text            'Sugar binding protein' 
_struct_keywords.pdbx_keywords   'SUGAR BINDING PROTEIN' 
# 
loop_
_struct_asym.id 
_struct_asym.pdbx_blank_PDB_chainid_flag 
_struct_asym.pdbx_modified 
_struct_asym.entity_id 
_struct_asym.details 
A N N 1 ? 
B N N 2 ? 
C N N 3 ? 
# 
_struct_ref.id                         1 
_struct_ref.db_name                    UNP 
_struct_ref.db_code                    PP13_HUMAN 
_struct_ref.pdbx_db_accession          Q9UHV8 
_struct_ref.pdbx_db_isoform            ? 
_struct_ref.entity_id                  1 
_struct_ref.pdbx_seq_one_letter_code   
;SSLPVPYKLPVSLSVGSCVIIKGTPIHSFINDPQLQVDFYTDMDEDSDIAFRFRVHFGNHVVMNRREFGIWMLEETTDYV
PFEDGKQFELCIYVHYNEYEIKVNGIRIYGFVHRIPPSFVKMVQVSRDISLTSVCVCN
;
_struct_ref.pdbx_align_begin           2 
# 
_struct_ref_seq.align_id                      1 
_struct_ref_seq.ref_id                        1 
_struct_ref_seq.pdbx_PDB_id_code              6A64 
_struct_ref_seq.pdbx_strand_id                A 
_struct_ref_seq.seq_align_beg                 1 
_struct_ref_seq.pdbx_seq_align_beg_ins_code   ? 
_struct_ref_seq.seq_align_end                 138 
_struct_ref_seq.pdbx_seq_align_end_ins_code   ? 
_struct_ref_seq.pdbx_db_accession             Q9UHV8 
_struct_ref_seq.db_align_beg                  2 
_struct_ref_seq.pdbx_db_align_beg_ins_code    ? 
_struct_ref_seq.db_align_end                  139 
_struct_ref_seq.pdbx_db_align_end_ins_code    ? 
_struct_ref_seq.pdbx_auth_seq_align_beg       2 
_struct_ref_seq.pdbx_auth_seq_align_end       139 
# 
loop_
_struct_ref_seq_dif.align_id 
_struct_ref_seq_dif.pdbx_pdb_id_code 
_struct_ref_seq_dif.mon_id 
_struct_ref_seq_dif.pdbx_pdb_strand_id 
_struct_ref_seq_dif.seq_num 
_struct_ref_seq_dif.pdbx_pdb_ins_code 
_struct_ref_seq_dif.pdbx_seq_db_name 
_struct_ref_seq_dif.pdbx_seq_db_accession_code 
_struct_ref_seq_dif.db_mon_id 
_struct_ref_seq_dif.pdbx_seq_db_seq_num 
_struct_ref_seq_dif.details 
_struct_ref_seq_dif.pdbx_auth_seq_num 
_struct_ref_seq_dif.pdbx_ordinal 
1 6A64 GLY A 32 ? UNP Q9UHV8 ASP 33 'engineered mutation' 33 1 
1 6A64 HIS A 52 ? UNP Q9UHV8 ARG 53 'engineered mutation' 53 2 
1 6A64 ASN A 54 ? UNP Q9UHV8 ARG 55 'engineered mutation' 55 3 
1 6A64 ARG A 56 ? UNP Q9UHV8 HIS 57 'engineered mutation' 57 4 
# 
_pdbx_struct_assembly.id                   1 
_pdbx_struct_assembly.details              author_and_software_defined_assembly 
_pdbx_struct_assembly.method_details       PISA 
_pdbx_struct_assembly.oligomeric_details   dimeric 
_pdbx_struct_assembly.oligomeric_count     2 
# 
loop_
_pdbx_struct_assembly_prop.biol_id 
_pdbx_struct_assembly_prop.type 
_pdbx_struct_assembly_prop.value 
_pdbx_struct_assembly_prop.details 
1 'ABSA (A^2)' 1450  ? 
1 MORE         -5    ? 
1 'SSA (A^2)'  12850 ? 
# 
_pdbx_struct_assembly_gen.assembly_id       1 
_pdbx_struct_assembly_gen.oper_expression   1,2 
_pdbx_struct_assembly_gen.asym_id_list      A,B,C 
# 
_pdbx_struct_assembly_auth_evidence.id                     1 
_pdbx_struct_assembly_auth_evidence.assembly_id            1 
_pdbx_struct_assembly_auth_evidence.experimental_support   'gel filtration' 
_pdbx_struct_assembly_auth_evidence.details                ? 
# 
loop_
_pdbx_struct_oper_list.id 
_pdbx_struct_oper_list.type 
_pdbx_struct_oper_list.name 
_pdbx_struct_oper_list.symmetry_operation 
_pdbx_struct_oper_list.matrix[1][1] 
_pdbx_struct_oper_list.matrix[1][2] 
_pdbx_struct_oper_list.matrix[1][3] 
_pdbx_struct_oper_list.vector[1] 
_pdbx_struct_oper_list.matrix[2][1] 
_pdbx_struct_oper_list.matrix[2][2] 
_pdbx_struct_oper_list.matrix[2][3] 
_pdbx_struct_oper_list.vector[2] 
_pdbx_struct_oper_list.matrix[3][1] 
_pdbx_struct_oper_list.matrix[3][2] 
_pdbx_struct_oper_list.matrix[3][3] 
_pdbx_struct_oper_list.vector[3] 
1 'identity operation'         1_555 x,y,z     1.0000000000 0.0000000000 0.0000000000 0.0000000000  0.0000000000 1.0000000000  0.0000000000 0.0000000000   0.0000000000 0.0000000000 1.0000000000  0.0000000000   
2 'crystal symmetry operation' 4_575 x,-y+2,-z 0.6394722380 0.7647893101 0.0785656920 10.9268220046 0.7647893101 -0.6432372106 0.0366497218 -21.6725611371 0.0785656920 0.0366497218 -0.9962350275 -17.0466041030 
# 
loop_
_struct_conf.conf_type_id 
_struct_conf.id 
_struct_conf.pdbx_PDB_helix_id 
_struct_conf.beg_label_comp_id 
_struct_conf.beg_label_asym_id 
_struct_conf.beg_label_seq_id 
_struct_conf.pdbx_beg_PDB_ins_code 
_struct_conf.end_label_comp_id 
_struct_conf.end_label_asym_id 
_struct_conf.end_label_seq_id 
_struct_conf.pdbx_end_PDB_ins_code 
_struct_conf.beg_auth_comp_id 
_struct_conf.beg_auth_asym_id 
_struct_conf.beg_auth_seq_id 
_struct_conf.end_auth_comp_id 
_struct_conf.end_auth_asym_id 
_struct_conf.end_auth_seq_id 
_struct_conf.pdbx_PDB_helix_class 
_struct_conf.details 
_struct_conf.pdbx_PDB_helix_length 
HELX_P HELX_P1 AA1 SER A 28  ? GLY A 32  ? SER A 29  GLY A 33  5 ? 5 
HELX_P HELX_P2 AA2 PRO A 116 ? VAL A 120 ? PRO A 117 VAL A 121 5 ? 5 
# 
_struct_conf_type.id          HELX_P 
_struct_conf_type.criteria    ? 
_struct_conf_type.reference   ? 
# 
loop_
_struct_conn.id 
_struct_conn.conn_type_id 
_struct_conn.pdbx_leaving_atom_flag 
_struct_conn.pdbx_PDB_id 
_struct_conn.ptnr1_label_asym_id 
_struct_conn.ptnr1_label_comp_id 
_struct_conn.ptnr1_label_seq_id 
_struct_conn.ptnr1_label_atom_id 
_struct_conn.pdbx_ptnr1_label_alt_id 
_struct_conn.pdbx_ptnr1_PDB_ins_code 
_struct_conn.pdbx_ptnr1_standard_comp_id 
_struct_conn.ptnr1_symmetry 
_struct_conn.ptnr2_label_asym_id 
_struct_conn.ptnr2_label_comp_id 
_struct_conn.ptnr2_label_seq_id 
_struct_conn.ptnr2_label_atom_id 
_struct_conn.pdbx_ptnr2_label_alt_id 
_struct_conn.pdbx_ptnr2_PDB_ins_code 
_struct_conn.ptnr1_auth_asym_id 
_struct_conn.ptnr1_auth_comp_id 
_struct_conn.ptnr1_auth_seq_id 
_struct_conn.ptnr2_auth_asym_id 
_struct_conn.ptnr2_auth_comp_id 
_struct_conn.ptnr2_auth_seq_id 
_struct_conn.ptnr2_symmetry 
_struct_conn.pdbx_ptnr3_label_atom_id 
_struct_conn.pdbx_ptnr3_label_seq_id 
_struct_conn.pdbx_ptnr3_label_comp_id 
_struct_conn.pdbx_ptnr3_label_asym_id 
_struct_conn.pdbx_ptnr3_label_alt_id 
_struct_conn.pdbx_ptnr3_PDB_ins_code 
_struct_conn.details 
_struct_conn.pdbx_dist_value 
_struct_conn.pdbx_value_order 
_struct_conn.pdbx_role 
disulf1 disulf ?    ? A CYS 135 SG ? ? ? 1_555 A CYS 137 SG ? ? A CYS 136 A CYS 138 4_575 ? ? ? ? ? ? ? 2.055 ?    ? 
covale1 covale both ? B BGC .   O4 ? ? ? 1_555 B GAL .   C1 ? ? B BGC 1   B GAL 2   1_555 ? ? ? ? ? ? ? 1.369 sing ? 
# 
loop_
_struct_conn_type.id 
_struct_conn_type.criteria 
_struct_conn_type.reference 
disulf ? ? 
covale ? ? 
# 
_pdbx_modification_feature.ordinal                            1 
_pdbx_modification_feature.label_comp_id                      CYS 
_pdbx_modification_feature.label_asym_id                      A 
_pdbx_modification_feature.label_seq_id                       135 
_pdbx_modification_feature.label_alt_id                       ? 
_pdbx_modification_feature.modified_residue_label_comp_id     CYS 
_pdbx_modification_feature.modified_residue_label_asym_id     A 
_pdbx_modification_feature.modified_residue_label_seq_id      137 
_pdbx_modification_feature.modified_residue_label_alt_id      ? 
_pdbx_modification_feature.auth_comp_id                       CYS 
_pdbx_modification_feature.auth_asym_id                       A 
_pdbx_modification_feature.auth_seq_id                        136 
_pdbx_modification_feature.PDB_ins_code                       ? 
_pdbx_modification_feature.symmetry                           1_555 
_pdbx_modification_feature.modified_residue_auth_comp_id      CYS 
_pdbx_modification_feature.modified_residue_auth_asym_id      A 
_pdbx_modification_feature.modified_residue_auth_seq_id       138 
_pdbx_modification_feature.modified_residue_PDB_ins_code      ? 
_pdbx_modification_feature.modified_residue_symmetry          4_575 
_pdbx_modification_feature.comp_id_linking_atom               SG 
_pdbx_modification_feature.modified_residue_id_linking_atom   SG 
_pdbx_modification_feature.modified_residue_id                . 
_pdbx_modification_feature.ref_pcm_id                         . 
_pdbx_modification_feature.ref_comp_id                        . 
_pdbx_modification_feature.type                               None 
_pdbx_modification_feature.category                           'Disulfide bridge' 
# 
_struct_mon_prot_cis.pdbx_id                1 
_struct_mon_prot_cis.label_comp_id          VAL 
_struct_mon_prot_cis.label_seq_id           5 
_struct_mon_prot_cis.label_asym_id          A 
_struct_mon_prot_cis.label_alt_id           . 
_struct_mon_prot_cis.pdbx_PDB_ins_code      ? 
_struct_mon_prot_cis.auth_comp_id           VAL 
_struct_mon_prot_cis.auth_seq_id            6 
_struct_mon_prot_cis.auth_asym_id           A 
_struct_mon_prot_cis.pdbx_label_comp_id_2   PRO 
_struct_mon_prot_cis.pdbx_label_seq_id_2    6 
_struct_mon_prot_cis.pdbx_label_asym_id_2   A 
_struct_mon_prot_cis.pdbx_PDB_ins_code_2    ? 
_struct_mon_prot_cis.pdbx_auth_comp_id_2    PRO 
_struct_mon_prot_cis.pdbx_auth_seq_id_2     7 
_struct_mon_prot_cis.pdbx_auth_asym_id_2    A 
_struct_mon_prot_cis.pdbx_PDB_model_num     1 
_struct_mon_prot_cis.pdbx_omega_angle       5.02 
# 
loop_
_struct_sheet.id 
_struct_sheet.type 
_struct_sheet.number_strands 
_struct_sheet.details 
AA1 ? 6 ? 
AA2 ? 6 ? 
AA3 ? 5 ? 
# 
loop_
_struct_sheet_order.sheet_id 
_struct_sheet_order.range_id_1 
_struct_sheet_order.range_id_2 
_struct_sheet_order.offset 
_struct_sheet_order.sense 
AA1 1 2 ? anti-parallel 
AA1 2 3 ? anti-parallel 
AA1 3 4 ? anti-parallel 
AA1 4 5 ? anti-parallel 
AA1 5 6 ? anti-parallel 
AA2 1 2 ? anti-parallel 
AA2 2 3 ? anti-parallel 
AA2 3 4 ? anti-parallel 
AA2 4 5 ? anti-parallel 
AA2 5 6 ? anti-parallel 
AA3 1 2 ? anti-parallel 
AA3 2 3 ? anti-parallel 
AA3 3 4 ? anti-parallel 
AA3 4 5 ? anti-parallel 
# 
loop_
_struct_sheet_range.sheet_id 
_struct_sheet_range.id 
_struct_sheet_range.beg_label_comp_id 
_struct_sheet_range.beg_label_asym_id 
_struct_sheet_range.beg_label_seq_id 
_struct_sheet_range.pdbx_beg_PDB_ins_code 
_struct_sheet_range.end_label_comp_id 
_struct_sheet_range.end_label_asym_id 
_struct_sheet_range.end_label_seq_id 
_struct_sheet_range.pdbx_end_PDB_ins_code 
_struct_sheet_range.beg_auth_comp_id 
_struct_sheet_range.beg_auth_asym_id 
_struct_sheet_range.beg_auth_seq_id 
_struct_sheet_range.end_auth_comp_id 
_struct_sheet_range.end_auth_asym_id 
_struct_sheet_range.end_auth_seq_id 
AA1 1 TYR A 7   ? PRO A 10  ? TYR A 8   PRO A 11  
AA1 2 MET A 122 ? ARG A 127 ? MET A 123 ARG A 128 
AA1 3 GLN A 34  ? TYR A 40  ? GLN A 35  TYR A 41  
AA1 4 ILE A 49  ? ARG A 56  ? ILE A 50  ARG A 57  
AA1 5 HIS A 60  ? GLU A 67  ? HIS A 61  GLU A 68  
AA1 6 ILE A 70  ? TRP A 71  ? ILE A 71  TRP A 72  
AA2 1 TYR A 7   ? PRO A 10  ? TYR A 8   PRO A 11  
AA2 2 MET A 122 ? ARG A 127 ? MET A 123 ARG A 128 
AA2 3 GLN A 34  ? TYR A 40  ? GLN A 35  TYR A 41  
AA2 4 ILE A 49  ? ARG A 56  ? ILE A 50  ARG A 57  
AA2 5 HIS A 60  ? GLU A 67  ? HIS A 61  GLU A 68  
AA2 6 GLU A 75  ? THR A 77  ? GLU A 76  THR A 78  
AA3 1 ILE A 106 ? VAL A 112 ? ILE A 107 VAL A 113 
AA3 2 GLU A 98  ? VAL A 103 ? GLU A 99  VAL A 104 
AA3 3 PHE A 88  ? VAL A 94  ? PHE A 89  VAL A 95  
AA3 4 CYS A 18  ? PRO A 25  ? CYS A 19  PRO A 26  
AA3 5 ILE A 129 ? CYS A 137 ? ILE A 130 CYS A 138 
# 
loop_
_pdbx_struct_sheet_hbond.sheet_id 
_pdbx_struct_sheet_hbond.range_id_1 
_pdbx_struct_sheet_hbond.range_id_2 
_pdbx_struct_sheet_hbond.range_1_label_atom_id 
_pdbx_struct_sheet_hbond.range_1_label_comp_id 
_pdbx_struct_sheet_hbond.range_1_label_asym_id 
_pdbx_struct_sheet_hbond.range_1_label_seq_id 
_pdbx_struct_sheet_hbond.range_1_PDB_ins_code 
_pdbx_struct_sheet_hbond.range_1_auth_atom_id 
_pdbx_struct_sheet_hbond.range_1_auth_comp_id 
_pdbx_struct_sheet_hbond.range_1_auth_asym_id 
_pdbx_struct_sheet_hbond.range_1_auth_seq_id 
_pdbx_struct_sheet_hbond.range_2_label_atom_id 
_pdbx_struct_sheet_hbond.range_2_label_comp_id 
_pdbx_struct_sheet_hbond.range_2_label_asym_id 
_pdbx_struct_sheet_hbond.range_2_label_seq_id 
_pdbx_struct_sheet_hbond.range_2_PDB_ins_code 
_pdbx_struct_sheet_hbond.range_2_auth_atom_id 
_pdbx_struct_sheet_hbond.range_2_auth_comp_id 
_pdbx_struct_sheet_hbond.range_2_auth_asym_id 
_pdbx_struct_sheet_hbond.range_2_auth_seq_id 
AA1 1 2 N TYR A 7   ? N TYR A 8   O VAL A 125 ? O VAL A 126 
AA1 2 3 O SER A 126 ? O SER A 127 N GLN A 36  ? N GLN A 37  
AA1 3 4 N PHE A 39  ? N PHE A 40  O PHE A 51  ? O PHE A 52  
AA1 4 5 N ARG A 56  ? N ARG A 57  O HIS A 60  ? O HIS A 61  
AA1 5 6 N GLU A 67  ? N GLU A 68  O ILE A 70  ? O ILE A 71  
AA2 1 2 N TYR A 7   ? N TYR A 8   O VAL A 125 ? O VAL A 126 
AA2 2 3 O SER A 126 ? O SER A 127 N GLN A 36  ? N GLN A 37  
AA2 3 4 N PHE A 39  ? N PHE A 40  O PHE A 51  ? O PHE A 52  
AA2 4 5 N ARG A 56  ? N ARG A 57  O HIS A 60  ? O HIS A 61  
AA2 5 6 N MET A 63  ? N MET A 64  O GLU A 75  ? O GLU A 76  
AA3 1 2 O ILE A 108 ? O ILE A 109 N ILE A 101 ? N ILE A 102 
AA3 2 3 O LYS A 102 ? O LYS A 103 N CYS A 91  ? N CYS A 92  
AA3 3 4 O PHE A 88  ? O PHE A 89  N GLY A 23  ? N GLY A 24  
AA3 4 5 N ILE A 20  ? N ILE A 21  O CYS A 135 ? O CYS A 136 
# 
_pdbx_entry_details.entry_id                   6A64 
_pdbx_entry_details.compound_details           ? 
_pdbx_entry_details.source_details             ? 
_pdbx_entry_details.nonpolymer_details         ? 
_pdbx_entry_details.sequence_details           ? 
_pdbx_entry_details.has_ligand_of_interest     ? 
_pdbx_entry_details.has_protein_modification   Y 
# 
loop_
_pdbx_validate_torsion.id 
_pdbx_validate_torsion.PDB_model_num 
_pdbx_validate_torsion.auth_comp_id 
_pdbx_validate_torsion.auth_asym_id 
_pdbx_validate_torsion.auth_seq_id 
_pdbx_validate_torsion.PDB_ins_code 
_pdbx_validate_torsion.label_alt_id 
_pdbx_validate_torsion.phi 
_pdbx_validate_torsion.psi 
1 1 ASN A 60  ? ? -131.05 -84.23  
2 1 MET A 73  ? ? -94.24  -156.25 
3 1 ARG A 128 ? ? 85.68   -138.88 
4 1 ASP A 129 ? ? -96.67  55.91   
# 
_pdbx_molecule_features.prd_id    PRD_900004 
_pdbx_molecule_features.name      beta-lactose 
_pdbx_molecule_features.type      Oligosaccharide 
_pdbx_molecule_features.class     Nutrient 
_pdbx_molecule_features.details   oligosaccharide 
# 
_pdbx_molecule.instance_id   1 
_pdbx_molecule.prd_id        PRD_900004 
_pdbx_molecule.asym_id       B 
# 
loop_
_pdbx_struct_special_symmetry.id 
_pdbx_struct_special_symmetry.PDB_model_num 
_pdbx_struct_special_symmetry.auth_asym_id 
_pdbx_struct_special_symmetry.auth_comp_id 
_pdbx_struct_special_symmetry.auth_seq_id 
_pdbx_struct_special_symmetry.PDB_ins_code 
_pdbx_struct_special_symmetry.label_asym_id 
_pdbx_struct_special_symmetry.label_comp_id 
_pdbx_struct_special_symmetry.label_seq_id 
1 1 A HOH 391 ? C HOH . 
2 1 A HOH 413 ? C HOH . 
3 1 A HOH 423 ? C HOH . 
# 
loop_
_chem_comp_atom.comp_id 
_chem_comp_atom.atom_id 
_chem_comp_atom.type_symbol 
_chem_comp_atom.pdbx_aromatic_flag 
_chem_comp_atom.pdbx_stereo_config 
_chem_comp_atom.pdbx_ordinal 
ALA N    N N N 1   
ALA CA   C N S 2   
ALA C    C N N 3   
ALA O    O N N 4   
ALA CB   C N N 5   
ALA OXT  O N N 6   
ALA H    H N N 7   
ALA H2   H N N 8   
ALA HA   H N N 9   
ALA HB1  H N N 10  
ALA HB2  H N N 11  
ALA HB3  H N N 12  
ALA HXT  H N N 13  
ARG N    N N N 14  
ARG CA   C N S 15  
ARG C    C N N 16  
ARG O    O N N 17  
ARG CB   C N N 18  
ARG CG   C N N 19  
ARG CD   C N N 20  
ARG NE   N N N 21  
ARG CZ   C N N 22  
ARG NH1  N N N 23  
ARG NH2  N N N 24  
ARG OXT  O N N 25  
ARG H    H N N 26  
ARG H2   H N N 27  
ARG HA   H N N 28  
ARG HB2  H N N 29  
ARG HB3  H N N 30  
ARG HG2  H N N 31  
ARG HG3  H N N 32  
ARG HD2  H N N 33  
ARG HD3  H N N 34  
ARG HE   H N N 35  
ARG HH11 H N N 36  
ARG HH12 H N N 37  
ARG HH21 H N N 38  
ARG HH22 H N N 39  
ARG HXT  H N N 40  
ASN N    N N N 41  
ASN CA   C N S 42  
ASN C    C N N 43  
ASN O    O N N 44  
ASN CB   C N N 45  
ASN CG   C N N 46  
ASN OD1  O N N 47  
ASN ND2  N N N 48  
ASN OXT  O N N 49  
ASN H    H N N 50  
ASN H2   H N N 51  
ASN HA   H N N 52  
ASN HB2  H N N 53  
ASN HB3  H N N 54  
ASN HD21 H N N 55  
ASN HD22 H N N 56  
ASN HXT  H N N 57  
ASP N    N N N 58  
ASP CA   C N S 59  
ASP C    C N N 60  
ASP O    O N N 61  
ASP CB   C N N 62  
ASP CG   C N N 63  
ASP OD1  O N N 64  
ASP OD2  O N N 65  
ASP OXT  O N N 66  
ASP H    H N N 67  
ASP H2   H N N 68  
ASP HA   H N N 69  
ASP HB2  H N N 70  
ASP HB3  H N N 71  
ASP HD2  H N N 72  
ASP HXT  H N N 73  
BGC C2   C N R 74  
BGC C3   C N S 75  
BGC C4   C N S 76  
BGC C5   C N R 77  
BGC C6   C N N 78  
BGC C1   C N R 79  
BGC O1   O N N 80  
BGC O2   O N N 81  
BGC O3   O N N 82  
BGC O4   O N N 83  
BGC O5   O N N 84  
BGC O6   O N N 85  
BGC H2   H N N 86  
BGC H3   H N N 87  
BGC H4   H N N 88  
BGC H5   H N N 89  
BGC H61  H N N 90  
BGC H62  H N N 91  
BGC H1   H N N 92  
BGC HO1  H N N 93  
BGC HO2  H N N 94  
BGC HO3  H N N 95  
BGC HO4  H N N 96  
BGC HO6  H N N 97  
CYS N    N N N 98  
CYS CA   C N R 99  
CYS C    C N N 100 
CYS O    O N N 101 
CYS CB   C N N 102 
CYS SG   S N N 103 
CYS OXT  O N N 104 
CYS H    H N N 105 
CYS H2   H N N 106 
CYS HA   H N N 107 
CYS HB2  H N N 108 
CYS HB3  H N N 109 
CYS HG   H N N 110 
CYS HXT  H N N 111 
GAL C1   C N R 112 
GAL C2   C N R 113 
GAL C3   C N S 114 
GAL C4   C N R 115 
GAL C5   C N R 116 
GAL C6   C N N 117 
GAL O1   O N N 118 
GAL O2   O N N 119 
GAL O3   O N N 120 
GAL O4   O N N 121 
GAL O5   O N N 122 
GAL O6   O N N 123 
GAL H1   H N N 124 
GAL H2   H N N 125 
GAL H3   H N N 126 
GAL H4   H N N 127 
GAL H5   H N N 128 
GAL H61  H N N 129 
GAL H62  H N N 130 
GAL HO1  H N N 131 
GAL HO2  H N N 132 
GAL HO3  H N N 133 
GAL HO4  H N N 134 
GAL HO6  H N N 135 
GLN N    N N N 136 
GLN CA   C N S 137 
GLN C    C N N 138 
GLN O    O N N 139 
GLN CB   C N N 140 
GLN CG   C N N 141 
GLN CD   C N N 142 
GLN OE1  O N N 143 
GLN NE2  N N N 144 
GLN OXT  O N N 145 
GLN H    H N N 146 
GLN H2   H N N 147 
GLN HA   H N N 148 
GLN HB2  H N N 149 
GLN HB3  H N N 150 
GLN HG2  H N N 151 
GLN HG3  H N N 152 
GLN HE21 H N N 153 
GLN HE22 H N N 154 
GLN HXT  H N N 155 
GLU N    N N N 156 
GLU CA   C N S 157 
GLU C    C N N 158 
GLU O    O N N 159 
GLU CB   C N N 160 
GLU CG   C N N 161 
GLU CD   C N N 162 
GLU OE1  O N N 163 
GLU OE2  O N N 164 
GLU OXT  O N N 165 
GLU H    H N N 166 
GLU H2   H N N 167 
GLU HA   H N N 168 
GLU HB2  H N N 169 
GLU HB3  H N N 170 
GLU HG2  H N N 171 
GLU HG3  H N N 172 
GLU HE2  H N N 173 
GLU HXT  H N N 174 
GLY N    N N N 175 
GLY CA   C N N 176 
GLY C    C N N 177 
GLY O    O N N 178 
GLY OXT  O N N 179 
GLY H    H N N 180 
GLY H2   H N N 181 
GLY HA2  H N N 182 
GLY HA3  H N N 183 
GLY HXT  H N N 184 
HIS N    N N N 185 
HIS CA   C N S 186 
HIS C    C N N 187 
HIS O    O N N 188 
HIS CB   C N N 189 
HIS CG   C Y N 190 
HIS ND1  N Y N 191 
HIS CD2  C Y N 192 
HIS CE1  C Y N 193 
HIS NE2  N Y N 194 
HIS OXT  O N N 195 
HIS H    H N N 196 
HIS H2   H N N 197 
HIS HA   H N N 198 
HIS HB2  H N N 199 
HIS HB3  H N N 200 
HIS HD1  H N N 201 
HIS HD2  H N N 202 
HIS HE1  H N N 203 
HIS HE2  H N N 204 
HIS HXT  H N N 205 
HOH O    O N N 206 
HOH H1   H N N 207 
HOH H2   H N N 208 
ILE N    N N N 209 
ILE CA   C N S 210 
ILE C    C N N 211 
ILE O    O N N 212 
ILE CB   C N S 213 
ILE CG1  C N N 214 
ILE CG2  C N N 215 
ILE CD1  C N N 216 
ILE OXT  O N N 217 
ILE H    H N N 218 
ILE H2   H N N 219 
ILE HA   H N N 220 
ILE HB   H N N 221 
ILE HG12 H N N 222 
ILE HG13 H N N 223 
ILE HG21 H N N 224 
ILE HG22 H N N 225 
ILE HG23 H N N 226 
ILE HD11 H N N 227 
ILE HD12 H N N 228 
ILE HD13 H N N 229 
ILE HXT  H N N 230 
LEU N    N N N 231 
LEU CA   C N S 232 
LEU C    C N N 233 
LEU O    O N N 234 
LEU CB   C N N 235 
LEU CG   C N N 236 
LEU CD1  C N N 237 
LEU CD2  C N N 238 
LEU OXT  O N N 239 
LEU H    H N N 240 
LEU H2   H N N 241 
LEU HA   H N N 242 
LEU HB2  H N N 243 
LEU HB3  H N N 244 
LEU HG   H N N 245 
LEU HD11 H N N 246 
LEU HD12 H N N 247 
LEU HD13 H N N 248 
LEU HD21 H N N 249 
LEU HD22 H N N 250 
LEU HD23 H N N 251 
LEU HXT  H N N 252 
LYS N    N N N 253 
LYS CA   C N S 254 
LYS C    C N N 255 
LYS O    O N N 256 
LYS CB   C N N 257 
LYS CG   C N N 258 
LYS CD   C N N 259 
LYS CE   C N N 260 
LYS NZ   N N N 261 
LYS OXT  O N N 262 
LYS H    H N N 263 
LYS H2   H N N 264 
LYS HA   H N N 265 
LYS HB2  H N N 266 
LYS HB3  H N N 267 
LYS HG2  H N N 268 
LYS HG3  H N N 269 
LYS HD2  H N N 270 
LYS HD3  H N N 271 
LYS HE2  H N N 272 
LYS HE3  H N N 273 
LYS HZ1  H N N 274 
LYS HZ2  H N N 275 
LYS HZ3  H N N 276 
LYS HXT  H N N 277 
MET N    N N N 278 
MET CA   C N S 279 
MET C    C N N 280 
MET O    O N N 281 
MET CB   C N N 282 
MET CG   C N N 283 
MET SD   S N N 284 
MET CE   C N N 285 
MET OXT  O N N 286 
MET H    H N N 287 
MET H2   H N N 288 
MET HA   H N N 289 
MET HB2  H N N 290 
MET HB3  H N N 291 
MET HG2  H N N 292 
MET HG3  H N N 293 
MET HE1  H N N 294 
MET HE2  H N N 295 
MET HE3  H N N 296 
MET HXT  H N N 297 
PHE N    N N N 298 
PHE CA   C N S 299 
PHE C    C N N 300 
PHE O    O N N 301 
PHE CB   C N N 302 
PHE CG   C Y N 303 
PHE CD1  C Y N 304 
PHE CD2  C Y N 305 
PHE CE1  C Y N 306 
PHE CE2  C Y N 307 
PHE CZ   C Y N 308 
PHE OXT  O N N 309 
PHE H    H N N 310 
PHE H2   H N N 311 
PHE HA   H N N 312 
PHE HB2  H N N 313 
PHE HB3  H N N 314 
PHE HD1  H N N 315 
PHE HD2  H N N 316 
PHE HE1  H N N 317 
PHE HE2  H N N 318 
PHE HZ   H N N 319 
PHE HXT  H N N 320 
PRO N    N N N 321 
PRO CA   C N S 322 
PRO C    C N N 323 
PRO O    O N N 324 
PRO CB   C N N 325 
PRO CG   C N N 326 
PRO CD   C N N 327 
PRO OXT  O N N 328 
PRO H    H N N 329 
PRO HA   H N N 330 
PRO HB2  H N N 331 
PRO HB3  H N N 332 
PRO HG2  H N N 333 
PRO HG3  H N N 334 
PRO HD2  H N N 335 
PRO HD3  H N N 336 
PRO HXT  H N N 337 
SER N    N N N 338 
SER CA   C N S 339 
SER C    C N N 340 
SER O    O N N 341 
SER CB   C N N 342 
SER OG   O N N 343 
SER OXT  O N N 344 
SER H    H N N 345 
SER H2   H N N 346 
SER HA   H N N 347 
SER HB2  H N N 348 
SER HB3  H N N 349 
SER HG   H N N 350 
SER HXT  H N N 351 
THR N    N N N 352 
THR CA   C N S 353 
THR C    C N N 354 
THR O    O N N 355 
THR CB   C N R 356 
THR OG1  O N N 357 
THR CG2  C N N 358 
THR OXT  O N N 359 
THR H    H N N 360 
THR H2   H N N 361 
THR HA   H N N 362 
THR HB   H N N 363 
THR HG1  H N N 364 
THR HG21 H N N 365 
THR HG22 H N N 366 
THR HG23 H N N 367 
THR HXT  H N N 368 
TRP N    N N N 369 
TRP CA   C N S 370 
TRP C    C N N 371 
TRP O    O N N 372 
TRP CB   C N N 373 
TRP CG   C Y N 374 
TRP CD1  C Y N 375 
TRP CD2  C Y N 376 
TRP NE1  N Y N 377 
TRP CE2  C Y N 378 
TRP CE3  C Y N 379 
TRP CZ2  C Y N 380 
TRP CZ3  C Y N 381 
TRP CH2  C Y N 382 
TRP OXT  O N N 383 
TRP H    H N N 384 
TRP H2   H N N 385 
TRP HA   H N N 386 
TRP HB2  H N N 387 
TRP HB3  H N N 388 
TRP HD1  H N N 389 
TRP HE1  H N N 390 
TRP HE3  H N N 391 
TRP HZ2  H N N 392 
TRP HZ3  H N N 393 
TRP HH2  H N N 394 
TRP HXT  H N N 395 
TYR N    N N N 396 
TYR CA   C N S 397 
TYR C    C N N 398 
TYR O    O N N 399 
TYR CB   C N N 400 
TYR CG   C Y N 401 
TYR CD1  C Y N 402 
TYR CD2  C Y N 403 
TYR CE1  C Y N 404 
TYR CE2  C Y N 405 
TYR CZ   C Y N 406 
TYR OH   O N N 407 
TYR OXT  O N N 408 
TYR H    H N N 409 
TYR H2   H N N 410 
TYR HA   H N N 411 
TYR HB2  H N N 412 
TYR HB3  H N N 413 
TYR HD1  H N N 414 
TYR HD2  H N N 415 
TYR HE1  H N N 416 
TYR HE2  H N N 417 
TYR HH   H N N 418 
TYR HXT  H N N 419 
VAL N    N N N 420 
VAL CA   C N S 421 
VAL C    C N N 422 
VAL O    O N N 423 
VAL CB   C N N 424 
VAL CG1  C N N 425 
VAL CG2  C N N 426 
VAL OXT  O N N 427 
VAL H    H N N 428 
VAL H2   H N N 429 
VAL HA   H N N 430 
VAL HB   H N N 431 
VAL HG11 H N N 432 
VAL HG12 H N N 433 
VAL HG13 H N N 434 
VAL HG21 H N N 435 
VAL HG22 H N N 436 
VAL HG23 H N N 437 
VAL HXT  H N N 438 
# 
loop_
_chem_comp_bond.comp_id 
_chem_comp_bond.atom_id_1 
_chem_comp_bond.atom_id_2 
_chem_comp_bond.value_order 
_chem_comp_bond.pdbx_aromatic_flag 
_chem_comp_bond.pdbx_stereo_config 
_chem_comp_bond.pdbx_ordinal 
ALA N   CA   sing N N 1   
ALA N   H    sing N N 2   
ALA N   H2   sing N N 3   
ALA CA  C    sing N N 4   
ALA CA  CB   sing N N 5   
ALA CA  HA   sing N N 6   
ALA C   O    doub N N 7   
ALA C   OXT  sing N N 8   
ALA CB  HB1  sing N N 9   
ALA CB  HB2  sing N N 10  
ALA CB  HB3  sing N N 11  
ALA OXT HXT  sing N N 12  
ARG N   CA   sing N N 13  
ARG N   H    sing N N 14  
ARG N   H2   sing N N 15  
ARG CA  C    sing N N 16  
ARG CA  CB   sing N N 17  
ARG CA  HA   sing N N 18  
ARG C   O    doub N N 19  
ARG C   OXT  sing N N 20  
ARG CB  CG   sing N N 21  
ARG CB  HB2  sing N N 22  
ARG CB  HB3  sing N N 23  
ARG CG  CD   sing N N 24  
ARG CG  HG2  sing N N 25  
ARG CG  HG3  sing N N 26  
ARG CD  NE   sing N N 27  
ARG CD  HD2  sing N N 28  
ARG CD  HD3  sing N N 29  
ARG NE  CZ   sing N N 30  
ARG NE  HE   sing N N 31  
ARG CZ  NH1  sing N N 32  
ARG CZ  NH2  doub N N 33  
ARG NH1 HH11 sing N N 34  
ARG NH1 HH12 sing N N 35  
ARG NH2 HH21 sing N N 36  
ARG NH2 HH22 sing N N 37  
ARG OXT HXT  sing N N 38  
ASN N   CA   sing N N 39  
ASN N   H    sing N N 40  
ASN N   H2   sing N N 41  
ASN CA  C    sing N N 42  
ASN CA  CB   sing N N 43  
ASN CA  HA   sing N N 44  
ASN C   O    doub N N 45  
ASN C   OXT  sing N N 46  
ASN CB  CG   sing N N 47  
ASN CB  HB2  sing N N 48  
ASN CB  HB3  sing N N 49  
ASN CG  OD1  doub N N 50  
ASN CG  ND2  sing N N 51  
ASN ND2 HD21 sing N N 52  
ASN ND2 HD22 sing N N 53  
ASN OXT HXT  sing N N 54  
ASP N   CA   sing N N 55  
ASP N   H    sing N N 56  
ASP N   H2   sing N N 57  
ASP CA  C    sing N N 58  
ASP CA  CB   sing N N 59  
ASP CA  HA   sing N N 60  
ASP C   O    doub N N 61  
ASP C   OXT  sing N N 62  
ASP CB  CG   sing N N 63  
ASP CB  HB2  sing N N 64  
ASP CB  HB3  sing N N 65  
ASP CG  OD1  doub N N 66  
ASP CG  OD2  sing N N 67  
ASP OD2 HD2  sing N N 68  
ASP OXT HXT  sing N N 69  
BGC C2  C3   sing N N 70  
BGC C2  C1   sing N N 71  
BGC C2  O2   sing N N 72  
BGC C2  H2   sing N N 73  
BGC C3  C4   sing N N 74  
BGC C3  O3   sing N N 75  
BGC C3  H3   sing N N 76  
BGC C4  C5   sing N N 77  
BGC C4  O4   sing N N 78  
BGC C4  H4   sing N N 79  
BGC C5  C6   sing N N 80  
BGC C5  O5   sing N N 81  
BGC C5  H5   sing N N 82  
BGC C6  O6   sing N N 83  
BGC C6  H61  sing N N 84  
BGC C6  H62  sing N N 85  
BGC C1  O1   sing N N 86  
BGC C1  O5   sing N N 87  
BGC C1  H1   sing N N 88  
BGC O1  HO1  sing N N 89  
BGC O2  HO2  sing N N 90  
BGC O3  HO3  sing N N 91  
BGC O4  HO4  sing N N 92  
BGC O6  HO6  sing N N 93  
CYS N   CA   sing N N 94  
CYS N   H    sing N N 95  
CYS N   H2   sing N N 96  
CYS CA  C    sing N N 97  
CYS CA  CB   sing N N 98  
CYS CA  HA   sing N N 99  
CYS C   O    doub N N 100 
CYS C   OXT  sing N N 101 
CYS CB  SG   sing N N 102 
CYS CB  HB2  sing N N 103 
CYS CB  HB3  sing N N 104 
CYS SG  HG   sing N N 105 
CYS OXT HXT  sing N N 106 
GAL C1  C2   sing N N 107 
GAL C1  O1   sing N N 108 
GAL C1  O5   sing N N 109 
GAL C1  H1   sing N N 110 
GAL C2  C3   sing N N 111 
GAL C2  O2   sing N N 112 
GAL C2  H2   sing N N 113 
GAL C3  C4   sing N N 114 
GAL C3  O3   sing N N 115 
GAL C3  H3   sing N N 116 
GAL C4  C5   sing N N 117 
GAL C4  O4   sing N N 118 
GAL C4  H4   sing N N 119 
GAL C5  C6   sing N N 120 
GAL C5  O5   sing N N 121 
GAL C5  H5   sing N N 122 
GAL C6  O6   sing N N 123 
GAL C6  H61  sing N N 124 
GAL C6  H62  sing N N 125 
GAL O1  HO1  sing N N 126 
GAL O2  HO2  sing N N 127 
GAL O3  HO3  sing N N 128 
GAL O4  HO4  sing N N 129 
GAL O6  HO6  sing N N 130 
GLN N   CA   sing N N 131 
GLN N   H    sing N N 132 
GLN N   H2   sing N N 133 
GLN CA  C    sing N N 134 
GLN CA  CB   sing N N 135 
GLN CA  HA   sing N N 136 
GLN C   O    doub N N 137 
GLN C   OXT  sing N N 138 
GLN CB  CG   sing N N 139 
GLN CB  HB2  sing N N 140 
GLN CB  HB3  sing N N 141 
GLN CG  CD   sing N N 142 
GLN CG  HG2  sing N N 143 
GLN CG  HG3  sing N N 144 
GLN CD  OE1  doub N N 145 
GLN CD  NE2  sing N N 146 
GLN NE2 HE21 sing N N 147 
GLN NE2 HE22 sing N N 148 
GLN OXT HXT  sing N N 149 
GLU N   CA   sing N N 150 
GLU N   H    sing N N 151 
GLU N   H2   sing N N 152 
GLU CA  C    sing N N 153 
GLU CA  CB   sing N N 154 
GLU CA  HA   sing N N 155 
GLU C   O    doub N N 156 
GLU C   OXT  sing N N 157 
GLU CB  CG   sing N N 158 
GLU CB  HB2  sing N N 159 
GLU CB  HB3  sing N N 160 
GLU CG  CD   sing N N 161 
GLU CG  HG2  sing N N 162 
GLU CG  HG3  sing N N 163 
GLU CD  OE1  doub N N 164 
GLU CD  OE2  sing N N 165 
GLU OE2 HE2  sing N N 166 
GLU OXT HXT  sing N N 167 
GLY N   CA   sing N N 168 
GLY N   H    sing N N 169 
GLY N   H2   sing N N 170 
GLY CA  C    sing N N 171 
GLY CA  HA2  sing N N 172 
GLY CA  HA3  sing N N 173 
GLY C   O    doub N N 174 
GLY C   OXT  sing N N 175 
GLY OXT HXT  sing N N 176 
HIS N   CA   sing N N 177 
HIS N   H    sing N N 178 
HIS N   H2   sing N N 179 
HIS CA  C    sing N N 180 
HIS CA  CB   sing N N 181 
HIS CA  HA   sing N N 182 
HIS C   O    doub N N 183 
HIS C   OXT  sing N N 184 
HIS CB  CG   sing N N 185 
HIS CB  HB2  sing N N 186 
HIS CB  HB3  sing N N 187 
HIS CG  ND1  sing Y N 188 
HIS CG  CD2  doub Y N 189 
HIS ND1 CE1  doub Y N 190 
HIS ND1 HD1  sing N N 191 
HIS CD2 NE2  sing Y N 192 
HIS CD2 HD2  sing N N 193 
HIS CE1 NE2  sing Y N 194 
HIS CE1 HE1  sing N N 195 
HIS NE2 HE2  sing N N 196 
HIS OXT HXT  sing N N 197 
HOH O   H1   sing N N 198 
HOH O   H2   sing N N 199 
ILE N   CA   sing N N 200 
ILE N   H    sing N N 201 
ILE N   H2   sing N N 202 
ILE CA  C    sing N N 203 
ILE CA  CB   sing N N 204 
ILE CA  HA   sing N N 205 
ILE C   O    doub N N 206 
ILE C   OXT  sing N N 207 
ILE CB  CG1  sing N N 208 
ILE CB  CG2  sing N N 209 
ILE CB  HB   sing N N 210 
ILE CG1 CD1  sing N N 211 
ILE CG1 HG12 sing N N 212 
ILE CG1 HG13 sing N N 213 
ILE CG2 HG21 sing N N 214 
ILE CG2 HG22 sing N N 215 
ILE CG2 HG23 sing N N 216 
ILE CD1 HD11 sing N N 217 
ILE CD1 HD12 sing N N 218 
ILE CD1 HD13 sing N N 219 
ILE OXT HXT  sing N N 220 
LEU N   CA   sing N N 221 
LEU N   H    sing N N 222 
LEU N   H2   sing N N 223 
LEU CA  C    sing N N 224 
LEU CA  CB   sing N N 225 
LEU CA  HA   sing N N 226 
LEU C   O    doub N N 227 
LEU C   OXT  sing N N 228 
LEU CB  CG   sing N N 229 
LEU CB  HB2  sing N N 230 
LEU CB  HB3  sing N N 231 
LEU CG  CD1  sing N N 232 
LEU CG  CD2  sing N N 233 
LEU CG  HG   sing N N 234 
LEU CD1 HD11 sing N N 235 
LEU CD1 HD12 sing N N 236 
LEU CD1 HD13 sing N N 237 
LEU CD2 HD21 sing N N 238 
LEU CD2 HD22 sing N N 239 
LEU CD2 HD23 sing N N 240 
LEU OXT HXT  sing N N 241 
LYS N   CA   sing N N 242 
LYS N   H    sing N N 243 
LYS N   H2   sing N N 244 
LYS CA  C    sing N N 245 
LYS CA  CB   sing N N 246 
LYS CA  HA   sing N N 247 
LYS C   O    doub N N 248 
LYS C   OXT  sing N N 249 
LYS CB  CG   sing N N 250 
LYS CB  HB2  sing N N 251 
LYS CB  HB3  sing N N 252 
LYS CG  CD   sing N N 253 
LYS CG  HG2  sing N N 254 
LYS CG  HG3  sing N N 255 
LYS CD  CE   sing N N 256 
LYS CD  HD2  sing N N 257 
LYS CD  HD3  sing N N 258 
LYS CE  NZ   sing N N 259 
LYS CE  HE2  sing N N 260 
LYS CE  HE3  sing N N 261 
LYS NZ  HZ1  sing N N 262 
LYS NZ  HZ2  sing N N 263 
LYS NZ  HZ3  sing N N 264 
LYS OXT HXT  sing N N 265 
MET N   CA   sing N N 266 
MET N   H    sing N N 267 
MET N   H2   sing N N 268 
MET CA  C    sing N N 269 
MET CA  CB   sing N N 270 
MET CA  HA   sing N N 271 
MET C   O    doub N N 272 
MET C   OXT  sing N N 273 
MET CB  CG   sing N N 274 
MET CB  HB2  sing N N 275 
MET CB  HB3  sing N N 276 
MET CG  SD   sing N N 277 
MET CG  HG2  sing N N 278 
MET CG  HG3  sing N N 279 
MET SD  CE   sing N N 280 
MET CE  HE1  sing N N 281 
MET CE  HE2  sing N N 282 
MET CE  HE3  sing N N 283 
MET OXT HXT  sing N N 284 
PHE N   CA   sing N N 285 
PHE N   H    sing N N 286 
PHE N   H2   sing N N 287 
PHE CA  C    sing N N 288 
PHE CA  CB   sing N N 289 
PHE CA  HA   sing N N 290 
PHE C   O    doub N N 291 
PHE C   OXT  sing N N 292 
PHE CB  CG   sing N N 293 
PHE CB  HB2  sing N N 294 
PHE CB  HB3  sing N N 295 
PHE CG  CD1  doub Y N 296 
PHE CG  CD2  sing Y N 297 
PHE CD1 CE1  sing Y N 298 
PHE CD1 HD1  sing N N 299 
PHE CD2 CE2  doub Y N 300 
PHE CD2 HD2  sing N N 301 
PHE CE1 CZ   doub Y N 302 
PHE CE1 HE1  sing N N 303 
PHE CE2 CZ   sing Y N 304 
PHE CE2 HE2  sing N N 305 
PHE CZ  HZ   sing N N 306 
PHE OXT HXT  sing N N 307 
PRO N   CA   sing N N 308 
PRO N   CD   sing N N 309 
PRO N   H    sing N N 310 
PRO CA  C    sing N N 311 
PRO CA  CB   sing N N 312 
PRO CA  HA   sing N N 313 
PRO C   O    doub N N 314 
PRO C   OXT  sing N N 315 
PRO CB  CG   sing N N 316 
PRO CB  HB2  sing N N 317 
PRO CB  HB3  sing N N 318 
PRO CG  CD   sing N N 319 
PRO CG  HG2  sing N N 320 
PRO CG  HG3  sing N N 321 
PRO CD  HD2  sing N N 322 
PRO CD  HD3  sing N N 323 
PRO OXT HXT  sing N N 324 
SER N   CA   sing N N 325 
SER N   H    sing N N 326 
SER N   H2   sing N N 327 
SER CA  C    sing N N 328 
SER CA  CB   sing N N 329 
SER CA  HA   sing N N 330 
SER C   O    doub N N 331 
SER C   OXT  sing N N 332 
SER CB  OG   sing N N 333 
SER CB  HB2  sing N N 334 
SER CB  HB3  sing N N 335 
SER OG  HG   sing N N 336 
SER OXT HXT  sing N N 337 
THR N   CA   sing N N 338 
THR N   H    sing N N 339 
THR N   H2   sing N N 340 
THR CA  C    sing N N 341 
THR CA  CB   sing N N 342 
THR CA  HA   sing N N 343 
THR C   O    doub N N 344 
THR C   OXT  sing N N 345 
THR CB  OG1  sing N N 346 
THR CB  CG2  sing N N 347 
THR CB  HB   sing N N 348 
THR OG1 HG1  sing N N 349 
THR CG2 HG21 sing N N 350 
THR CG2 HG22 sing N N 351 
THR CG2 HG23 sing N N 352 
THR OXT HXT  sing N N 353 
TRP N   CA   sing N N 354 
TRP N   H    sing N N 355 
TRP N   H2   sing N N 356 
TRP CA  C    sing N N 357 
TRP CA  CB   sing N N 358 
TRP CA  HA   sing N N 359 
TRP C   O    doub N N 360 
TRP C   OXT  sing N N 361 
TRP CB  CG   sing N N 362 
TRP CB  HB2  sing N N 363 
TRP CB  HB3  sing N N 364 
TRP CG  CD1  doub Y N 365 
TRP CG  CD2  sing Y N 366 
TRP CD1 NE1  sing Y N 367 
TRP CD1 HD1  sing N N 368 
TRP CD2 CE2  doub Y N 369 
TRP CD2 CE3  sing Y N 370 
TRP NE1 CE2  sing Y N 371 
TRP NE1 HE1  sing N N 372 
TRP CE2 CZ2  sing Y N 373 
TRP CE3 CZ3  doub Y N 374 
TRP CE3 HE3  sing N N 375 
TRP CZ2 CH2  doub Y N 376 
TRP CZ2 HZ2  sing N N 377 
TRP CZ3 CH2  sing Y N 378 
TRP CZ3 HZ3  sing N N 379 
TRP CH2 HH2  sing N N 380 
TRP OXT HXT  sing N N 381 
TYR N   CA   sing N N 382 
TYR N   H    sing N N 383 
TYR N   H2   sing N N 384 
TYR CA  C    sing N N 385 
TYR CA  CB   sing N N 386 
TYR CA  HA   sing N N 387 
TYR C   O    doub N N 388 
TYR C   OXT  sing N N 389 
TYR CB  CG   sing N N 390 
TYR CB  HB2  sing N N 391 
TYR CB  HB3  sing N N 392 
TYR CG  CD1  doub Y N 393 
TYR CG  CD2  sing Y N 394 
TYR CD1 CE1  sing Y N 395 
TYR CD1 HD1  sing N N 396 
TYR CD2 CE2  doub Y N 397 
TYR CD2 HD2  sing N N 398 
TYR CE1 CZ   doub Y N 399 
TYR CE1 HE1  sing N N 400 
TYR CE2 CZ   sing Y N 401 
TYR CE2 HE2  sing N N 402 
TYR CZ  OH   sing N N 403 
TYR OH  HH   sing N N 404 
TYR OXT HXT  sing N N 405 
VAL N   CA   sing N N 406 
VAL N   H    sing N N 407 
VAL N   H2   sing N N 408 
VAL CA  C    sing N N 409 
VAL CA  CB   sing N N 410 
VAL CA  HA   sing N N 411 
VAL C   O    doub N N 412 
VAL C   OXT  sing N N 413 
VAL CB  CG1  sing N N 414 
VAL CB  CG2  sing N N 415 
VAL CB  HB   sing N N 416 
VAL CG1 HG11 sing N N 417 
VAL CG1 HG12 sing N N 418 
VAL CG1 HG13 sing N N 419 
VAL CG2 HG21 sing N N 420 
VAL CG2 HG22 sing N N 421 
VAL CG2 HG23 sing N N 422 
VAL OXT HXT  sing N N 423 
# 
_pdbx_audit_support.funding_organization   'National Natural Science Foundation of China' 
_pdbx_audit_support.country                China 
_pdbx_audit_support.grant_number           31500637 
_pdbx_audit_support.ordinal                1 
# 
loop_
_pdbx_entity_branch_list.entity_id 
_pdbx_entity_branch_list.comp_id 
_pdbx_entity_branch_list.num 
_pdbx_entity_branch_list.hetero 
2 BGC 1 n 
2 GAL 2 n 
# 
_atom_sites.entry_id                    6A64 
_atom_sites.fract_transf_matrix[1][1]   0.01578643 
_atom_sites.fract_transf_matrix[1][2]   0.00736413 
_atom_sites.fract_transf_matrix[1][3]   0.00075651 
_atom_sites.fract_transf_matrix[2][1]   -0.00425330 
_atom_sites.fract_transf_matrix[2][2]   0.00943519 
_atom_sites.fract_transf_matrix[2][3]   -0.00309001 
_atom_sites.fract_transf_matrix[3][1]   -0.00315524 
_atom_sites.fract_transf_matrix[3][2]   0.00480917 
_atom_sites.fract_transf_matrix[3][3]   0.01902764 
_atom_sites.fract_transf_vector[1]      0.273904 
_atom_sites.fract_transf_vector[2]      1.099132 
_atom_sites.fract_transf_vector[3]      0.231530 
# 
loop_
_atom_type.symbol 
C 
N 
O 
S 
# 
loop_
_atom_site.group_PDB 
_atom_site.id 
_atom_site.type_symbol 
_atom_site.label_atom_id 
_atom_site.label_alt_id 
_atom_site.label_comp_id 
_atom_site.label_asym_id 
_atom_site.label_entity_id 
_atom_site.label_seq_id 
_atom_site.pdbx_PDB_ins_code 
_atom_site.Cartn_x 
_atom_site.Cartn_y 
_atom_site.Cartn_z 
_atom_site.occupancy 
_atom_site.B_iso_or_equiv 
_atom_site.pdbx_formal_charge 
_atom_site.auth_seq_id 
_atom_site.auth_comp_id 
_atom_site.auth_asym_id 
_atom_site.auth_atom_id 
_atom_site.pdbx_PDB_model_num 
ATOM   1    N N   . SER A 1 1   ? 3.892   7.652   -16.885 1.00 32.99 ? 2   SER A N   1 
ATOM   2    C CA  . SER A 1 1   ? 3.822   6.432   -16.078 1.00 34.31 ? 2   SER A CA  1 
ATOM   3    C C   . SER A 1 1   ? 3.986   5.187   -16.949 1.00 36.70 ? 2   SER A C   1 
ATOM   4    O O   . SER A 1 1   ? 3.420   5.105   -18.041 1.00 33.99 ? 2   SER A O   1 
ATOM   5    C CB  . SER A 1 1   ? 2.493   6.374   -15.311 1.00 37.46 ? 2   SER A CB  1 
ATOM   6    O OG  . SER A 1 1   ? 2.511   5.411   -14.263 1.00 34.77 ? 2   SER A OG  1 
ATOM   7    N N   . SER A 1 2   ? 4.777   4.228   -16.454 1.00 34.28 ? 3   SER A N   1 
ATOM   8    C CA  . SER A 1 2   ? 4.936   2.947   -17.139 1.00 35.74 ? 3   SER A CA  1 
ATOM   9    C C   . SER A 1 2   ? 3.701   2.067   -16.989 1.00 35.49 ? 3   SER A C   1 
ATOM   10   O O   . SER A 1 2   ? 3.424   1.237   -17.864 1.00 36.06 ? 3   SER A O   1 
ATOM   11   C CB  . SER A 1 2   ? 6.162   2.207   -16.601 1.00 32.30 ? 3   SER A CB  1 
ATOM   12   O OG  . SER A 1 2   ? 7.363   2.883   -16.937 1.00 39.54 ? 3   SER A OG  1 
ATOM   13   N N   . LEU A 1 3   ? 2.960   2.217   -15.892 1.00 31.62 ? 4   LEU A N   1 
ATOM   14   C CA  . LEU A 1 3   ? 1.765   1.429   -15.648 1.00 27.57 ? 4   LEU A CA  1 
ATOM   15   C C   . LEU A 1 3   ? 0.565   2.350   -15.473 1.00 26.07 ? 4   LEU A C   1 
ATOM   16   O O   . LEU A 1 3   ? 0.720   3.483   -15.017 1.00 29.98 ? 4   LEU A O   1 
ATOM   17   C CB  . LEU A 1 3   ? 1.935   0.558   -14.395 1.00 25.14 ? 4   LEU A CB  1 
ATOM   18   C CG  . LEU A 1 3   ? 3.110   -0.421  -14.442 1.00 27.18 ? 4   LEU A CG  1 
ATOM   19   C CD1 . LEU A 1 3   ? 3.482   -0.913  -13.042 1.00 26.55 ? 4   LEU A CD1 1 
ATOM   20   C CD2 . LEU A 1 3   ? 2.770   -1.601  -15.340 1.00 28.31 ? 4   LEU A CD2 1 
ATOM   21   N N   . PRO A 1 4   ? -0.632  1.904   -15.836 1.00 26.82 ? 5   PRO A N   1 
ATOM   22   C CA  . PRO A 1 4   ? -1.811  2.747   -15.633 1.00 27.01 ? 5   PRO A CA  1 
ATOM   23   C C   . PRO A 1 4   ? -2.149  2.862   -14.159 1.00 24.74 ? 5   PRO A C   1 
ATOM   24   O O   . PRO A 1 4   ? -1.870  1.967   -13.366 1.00 27.28 ? 5   PRO A O   1 
ATOM   25   C CB  . PRO A 1 4   ? -2.909  2.012   -16.410 1.00 38.11 ? 5   PRO A CB  1 
ATOM   26   C CG  . PRO A 1 4   ? -2.480  0.588   -16.395 1.00 36.26 ? 5   PRO A CG  1 
ATOM   27   C CD  . PRO A 1 4   ? -0.976  0.616   -16.469 1.00 36.15 ? 5   PRO A CD  1 
ATOM   28   N N   . VAL A 1 5   ? -2.725  4.004   -13.793 1.00 23.55 ? 6   VAL A N   1 
ATOM   29   C CA  . VAL A 1 5   ? -3.121  4.282   -12.421 1.00 22.43 ? 6   VAL A CA  1 
ATOM   30   C C   . VAL A 1 5   ? -4.577  4.733   -12.456 1.00 21.22 ? 6   VAL A C   1 
ATOM   31   O O   . VAL A 1 5   ? -4.910  5.681   -13.176 1.00 23.03 ? 6   VAL A O   1 
ATOM   32   C CB  . VAL A 1 5   ? -2.234  5.355   -11.764 1.00 22.89 ? 6   VAL A CB  1 
ATOM   33   C CG1 . VAL A 1 5   ? -2.693  5.618   -10.343 1.00 26.41 ? 6   VAL A CG1 1 
ATOM   34   C CG2 . VAL A 1 5   ? -0.763  4.928   -11.788 1.00 25.31 ? 6   VAL A CG2 1 
ATOM   35   N N   . PRO A 1 6   ? -5.498  4.091   -11.704 1.00 23.77 ? 7   PRO A N   1 
ATOM   36   C CA  . PRO A 1 6   ? -5.282  3.017   -10.725 1.00 21.25 ? 7   PRO A CA  1 
ATOM   37   C C   . PRO A 1 6   ? -4.793  1.734   -11.361 1.00 23.54 ? 7   PRO A C   1 
ATOM   38   O O   . PRO A 1 6   ? -5.239  1.366   -12.442 1.00 24.50 ? 7   PRO A O   1 
ATOM   39   C CB  . PRO A 1 6   ? -6.672  2.791   -10.105 1.00 24.75 ? 7   PRO A CB  1 
ATOM   40   C CG  . PRO A 1 6   ? -7.516  3.908   -10.576 1.00 25.49 ? 7   PRO A CG  1 
ATOM   41   C CD  . PRO A 1 6   ? -6.930  4.393   -11.858 1.00 23.99 ? 7   PRO A CD  1 
ATOM   42   N N   . TYR A 1 7   ? -3.874  1.071   -10.682 1.00 19.87 ? 8   TYR A N   1 
ATOM   43   C CA  . TYR A 1 7   ? -3.265  -0.159  -11.156 1.00 18.04 ? 8   TYR A CA  1 
ATOM   44   C C   . TYR A 1 7   ? -3.819  -1.304  -10.321 1.00 21.15 ? 8   TYR A C   1 
ATOM   45   O O   . TYR A 1 7   ? -3.607  -1.341  -9.103  1.00 21.26 ? 8   TYR A O   1 
ATOM   46   C CB  . TYR A 1 7   ? -1.743  -0.074  -11.039 1.00 20.75 ? 8   TYR A CB  1 
ATOM   47   C CG  . TYR A 1 7   ? -1.002  -1.311  -11.468 1.00 23.09 ? 8   TYR A CG  1 
ATOM   48   C CD1 . TYR A 1 7   ? -1.021  -1.737  -12.792 1.00 29.23 ? 8   TYR A CD1 1 
ATOM   49   C CD2 . TYR A 1 7   ? -0.270  -2.046  -10.549 1.00 25.67 ? 8   TYR A CD2 1 
ATOM   50   C CE1 . TYR A 1 7   ? -0.328  -2.881  -13.178 1.00 25.92 ? 8   TYR A CE1 1 
ATOM   51   C CE2 . TYR A 1 7   ? 0.418   -3.181  -10.921 1.00 27.43 ? 8   TYR A CE2 1 
ATOM   52   C CZ  . TYR A 1 7   ? 0.386   -3.590  -12.229 1.00 29.78 ? 8   TYR A CZ  1 
ATOM   53   O OH  . TYR A 1 7   ? 1.082   -4.732  -12.571 1.00 32.10 ? 8   TYR A OH  1 
ATOM   54   N N   . LYS A 1 8   ? -4.526  -2.228  -10.965 1.00 21.58 ? 9   LYS A N   1 
ATOM   55   C CA  . LYS A 1 8   ? -5.138  -3.372  -10.284 1.00 18.25 ? 9   LYS A CA  1 
ATOM   56   C C   . LYS A 1 8   ? -4.371  -4.630  -10.678 1.00 21.69 ? 9   LYS A C   1 
ATOM   57   O O   . LYS A 1 8   ? -4.435  -5.077  -11.829 1.00 26.19 ? 9   LYS A O   1 
ATOM   58   C CB  . LYS A 1 8   ? -6.619  -3.479  -10.638 1.00 22.54 ? 9   LYS A CB  1 
ATOM   59   C CG  . LYS A 1 8   ? -7.430  -2.229  -10.284 1.00 24.54 ? 9   LYS A CG  1 
ATOM   60   C CD  . LYS A 1 8   ? -8.888  -2.397  -10.713 1.00 31.93 ? 9   LYS A CD  1 
ATOM   61   C CE  . LYS A 1 8   ? -9.743  -3.030  -9.631  1.00 36.85 ? 9   LYS A CE  1 
ATOM   62   N NZ  . LYS A 1 8   ? -11.206 -3.072  -9.964  1.00 45.68 ? 9   LYS A NZ  1 
ATOM   63   N N   . LEU A 1 9   ? -3.640  -5.194  -9.730  1.00 20.22 ? 10  LEU A N   1 
ATOM   64   C CA  . LEU A 1 9   ? -2.789  -6.338  -10.008 1.00 21.15 ? 10  LEU A CA  1 
ATOM   65   C C   . LEU A 1 9   ? -3.342  -7.567  -9.312  1.00 23.42 ? 10  LEU A C   1 
ATOM   66   O O   . LEU A 1 9   ? -3.379  -7.597  -8.073  1.00 20.76 ? 10  LEU A O   1 
ATOM   67   C CB  . LEU A 1 9   ? -1.362  -6.059  -9.544  1.00 22.20 ? 10  LEU A CB  1 
ATOM   68   C CG  . LEU A 1 9   ? -0.383  -7.228  -9.622  1.00 25.18 ? 10  LEU A CG  1 
ATOM   69   C CD1 . LEU A 1 9   ? -0.066  -7.542  -11.087 1.00 25.15 ? 10  LEU A CD1 1 
ATOM   70   C CD2 . LEU A 1 9   ? 0.875   -6.909  -8.833  1.00 28.02 ? 10  LEU A CD2 1 
ATOM   71   N N   . PRO A 1 10  ? -3.789  -8.591  -10.037 1.00 18.98 ? 11  PRO A N   1 
ATOM   72   C CA  . PRO A 1 10  ? -4.112  -9.863  -9.383  1.00 24.90 ? 11  PRO A CA  1 
ATOM   73   C C   . PRO A 1 10  ? -2.865  -10.442 -8.737  1.00 23.22 ? 11  PRO A C   1 
ATOM   74   O O   . PRO A 1 10  ? -1.791  -10.484 -9.340  1.00 23.82 ? 11  PRO A O   1 
ATOM   75   C CB  . PRO A 1 10  ? -4.616  -10.742 -10.536 1.00 24.48 ? 11  PRO A CB  1 
ATOM   76   C CG  . PRO A 1 10  ? -4.857  -9.790  -11.686 1.00 24.84 ? 11  PRO A CG  1 
ATOM   77   C CD  . PRO A 1 10  ? -3.881  -8.687  -11.504 1.00 24.79 ? 11  PRO A CD  1 
ATOM   78   N N   . VAL A 1 11  ? -3.003  -10.883 -7.491  1.00 21.13 ? 12  VAL A N   1 
ATOM   79   C CA  . VAL A 1 11  ? -1.866  -11.372 -6.727  1.00 22.35 ? 12  VAL A CA  1 
ATOM   80   C C   . VAL A 1 11  ? -2.271  -12.622 -5.968  1.00 22.13 ? 12  VAL A C   1 
ATOM   81   O O   . VAL A 1 11  ? -3.451  -12.898 -5.743  1.00 25.40 ? 12  VAL A O   1 
ATOM   82   C CB  . VAL A 1 11  ? -1.307  -10.343 -5.713  1.00 26.31 ? 12  VAL A CB  1 
ATOM   83   C CG1 . VAL A 1 11  ? -0.785  -9.099  -6.408  1.00 25.51 ? 12  VAL A CG1 1 
ATOM   84   C CG2 . VAL A 1 11  ? -2.370  -9.986  -4.668  1.00 23.31 ? 12  VAL A CG2 1 
ATOM   85   N N   . SER A 1 12  ? -1.262  -13.389 -5.603  1.00 22.35 ? 13  SER A N   1 
ATOM   86   C CA  . SER A 1 12  ? -1.370  -14.403 -4.572  1.00 23.91 ? 13  SER A CA  1 
ATOM   87   C C   . SER A 1 12  ? -0.274  -14.090 -3.570  1.00 28.29 ? 13  SER A C   1 
ATOM   88   O O   . SER A 1 12  ? 0.891   -13.945 -3.952  1.00 31.67 ? 13  SER A O   1 
ATOM   89   C CB  . SER A 1 12  ? -1.224  -15.816 -5.157  1.00 30.27 ? 13  SER A CB  1 
ATOM   90   O OG  . SER A 1 12  ? -1.426  -16.803 -4.162  1.00 36.41 ? 13  SER A OG  1 
ATOM   91   N N   . LEU A 1 13  ? -0.644  -13.930 -2.304  1.00 22.45 ? 14  LEU A N   1 
ATOM   92   C CA  . LEU A 1 13  ? 0.312   -13.585 -1.265  1.00 23.89 ? 14  LEU A CA  1 
ATOM   93   C C   . LEU A 1 13  ? 0.420   -14.720 -0.262  1.00 22.21 ? 14  LEU A C   1 
ATOM   94   O O   . LEU A 1 13  ? -0.570  -15.381 0.059   1.00 24.85 ? 14  LEU A O   1 
ATOM   95   C CB  . LEU A 1 13  ? -0.089  -12.295 -0.538  1.00 21.61 ? 14  LEU A CB  1 
ATOM   96   C CG  . LEU A 1 13  ? -0.124  -11.033 -1.403  1.00 22.12 ? 14  LEU A CG  1 
ATOM   97   C CD1 . LEU A 1 13  ? -0.534  -9.855  -0.539  1.00 22.74 ? 14  LEU A CD1 1 
ATOM   98   C CD2 . LEU A 1 13  ? 1.218   -10.765 -2.063  1.00 23.60 ? 14  LEU A CD2 1 
ATOM   99   N N   . SER A 1 14  ? 1.629   -14.945 0.219   1.00 22.28 ? 15  SER A N   1 
ATOM   100  C CA  . SER A 1 14  ? 1.850   -15.861 1.321   1.00 27.17 ? 15  SER A CA  1 
ATOM   101  C C   . SER A 1 14  ? 2.872   -15.232 2.248   1.00 25.73 ? 15  SER A C   1 
ATOM   102  O O   . SER A 1 14  ? 3.506   -14.226 1.919   1.00 25.61 ? 15  SER A O   1 
ATOM   103  C CB  . SER A 1 14  ? 2.324   -17.233 0.830   1.00 28.41 ? 15  SER A CB  1 
ATOM   104  O OG  . SER A 1 14  ? 3.591   -17.132 0.212   1.00 33.45 ? 15  SER A OG  1 
ATOM   105  N N   . VAL A 1 15  ? 3.012   -15.819 3.435   1.00 23.33 ? 16  VAL A N   1 
ATOM   106  C CA  . VAL A 1 15  ? 4.082   -15.398 4.324   1.00 21.77 ? 16  VAL A CA  1 
ATOM   107  C C   . VAL A 1 15  ? 5.403   -15.511 3.583   1.00 25.59 ? 16  VAL A C   1 
ATOM   108  O O   . VAL A 1 15  ? 5.704   -16.543 2.965   1.00 27.18 ? 16  VAL A O   1 
ATOM   109  C CB  . VAL A 1 15  ? 4.071   -16.243 5.607   1.00 23.82 ? 16  VAL A CB  1 
ATOM   110  C CG1 . VAL A 1 15  ? 5.214   -15.836 6.523   1.00 26.03 ? 16  VAL A CG1 1 
ATOM   111  C CG2 . VAL A 1 15  ? 2.728   -16.109 6.305   1.00 29.35 ? 16  VAL A CG2 1 
ATOM   112  N N   . GLY A 1 16  ? 6.192   -14.445 3.629   1.00 24.78 ? 17  GLY A N   1 
ATOM   113  C CA  . GLY A 1 16  ? 7.415   -14.349 2.868   1.00 24.42 ? 17  GLY A CA  1 
ATOM   114  C C   . GLY A 1 16  ? 7.302   -13.556 1.580   1.00 22.25 ? 17  GLY A C   1 
ATOM   115  O O   . GLY A 1 16  ? 8.337   -13.204 1.001   1.00 29.14 ? 17  GLY A O   1 
ATOM   116  N N   . SER A 1 17  ? 6.087   -13.257 1.121   1.00 22.34 ? 18  SER A N   1 
ATOM   117  C CA  . SER A 1 17  ? 5.907   -12.396 -0.047  1.00 23.68 ? 18  SER A CA  1 
ATOM   118  C C   . SER A 1 17  ? 6.344   -10.965 0.249   1.00 22.49 ? 18  SER A C   1 
ATOM   119  O O   . SER A 1 17  ? 6.239   -10.481 1.378   1.00 23.07 ? 18  SER A O   1 
ATOM   120  C CB  . SER A 1 17  ? 4.448   -12.379 -0.490  1.00 23.35 ? 18  SER A CB  1 
ATOM   121  O OG  . SER A 1 17  ? 4.024   -13.639 -0.953  1.00 25.21 ? 18  SER A OG  1 
ATOM   122  N N   . CYS A 1 18  ? 6.821   -10.279 -0.789  1.00 23.05 ? 19  CYS A N   1 
ATOM   123  C CA  . CYS A 1 18  ? 7.124   -8.853  -0.703  1.00 24.46 ? 19  CYS A CA  1 
ATOM   124  C C   . CYS A 1 18  ? 6.533   -8.145  -1.909  1.00 24.30 ? 19  CYS A C   1 
ATOM   125  O O   . CYS A 1 18  ? 6.758   -8.570  -3.047  1.00 21.53 ? 19  CYS A O   1 
ATOM   126  C CB  . CYS A 1 18  ? 8.631   -8.592  -0.643  1.00 25.98 ? 19  CYS A CB  1 
ATOM   127  S SG  . CYS A 1 18  ? 9.048   -6.897  -0.154  1.00 37.81 ? 19  CYS A SG  1 
ATOM   128  N N   . VAL A 1 19  ? 5.786   -7.066  -1.661  1.00 19.51 ? 20  VAL A N   1 
ATOM   129  C CA  . VAL A 1 19  ? 5.239   -6.220  -2.717  1.00 20.74 ? 20  VAL A CA  1 
ATOM   130  C C   . VAL A 1 19  ? 6.086   -4.959  -2.767  1.00 20.96 ? 20  VAL A C   1 
ATOM   131  O O   . VAL A 1 19  ? 6.180   -4.228  -1.776  1.00 20.91 ? 20  VAL A O   1 
ATOM   132  C CB  . VAL A 1 19  ? 3.759   -5.883  -2.472  1.00 21.44 ? 20  VAL A CB  1 
ATOM   133  C CG1 . VAL A 1 19  ? 3.239   -4.927  -3.544  1.00 20.37 ? 20  VAL A CG1 1 
ATOM   134  C CG2 . VAL A 1 19  ? 2.913   -7.150  -2.422  1.00 24.47 ? 20  VAL A CG2 1 
ATOM   135  N N   . ILE A 1 20  ? 6.720   -4.708  -3.909  1.00 20.52 ? 21  ILE A N   1 
ATOM   136  C CA  . ILE A 1 20  ? 7.631   -3.578  -4.070  1.00 22.63 ? 21  ILE A CA  1 
ATOM   137  C C   . ILE A 1 20  ? 7.051   -2.642  -5.120  1.00 20.25 ? 21  ILE A C   1 
ATOM   138  O O   . ILE A 1 20  ? 6.894   -3.026  -6.286  1.00 21.43 ? 21  ILE A O   1 
ATOM   139  C CB  . ILE A 1 20  ? 9.047   -4.038  -4.456  1.00 25.77 ? 21  ILE A CB  1 
ATOM   140  C CG1 . ILE A 1 20  ? 9.525   -5.121  -3.493  1.00 24.61 ? 21  ILE A CG1 1 
ATOM   141  C CG2 . ILE A 1 20  ? 10.011  -2.857  -4.471  1.00 27.64 ? 21  ILE A CG2 1 
ATOM   142  C CD1 . ILE A 1 20  ? 9.693   -6.482  -4.144  1.00 32.86 ? 21  ILE A CD1 1 
ATOM   143  N N   . ILE A 1 21  ? 6.745   -1.413  -4.707  1.00 19.00 ? 22  ILE A N   1 
ATOM   144  C CA  . ILE A 1 21  ? 6.089   -0.421  -5.556  1.00 20.91 ? 22  ILE A CA  1 
ATOM   145  C C   . ILE A 1 21  ? 7.036   0.756   -5.718  1.00 18.96 ? 22  ILE A C   1 
ATOM   146  O O   . ILE A 1 21  ? 7.455   1.360   -4.724  1.00 19.97 ? 22  ILE A O   1 
ATOM   147  C CB  . ILE A 1 21  ? 4.751   0.040   -4.956  1.00 19.66 ? 22  ILE A CB  1 
ATOM   148  C CG1 . ILE A 1 21  ? 3.736   -1.104  -4.934  1.00 20.51 ? 22  ILE A CG1 1 
ATOM   149  C CG2 . ILE A 1 21  ? 4.202   1.225   -5.708  1.00 17.18 ? 22  ILE A CG2 1 
ATOM   150  C CD1 . ILE A 1 21  ? 2.713   -0.958  -3.802  1.00 20.01 ? 22  ILE A CD1 1 
ATOM   151  N N   . LYS A 1 22  ? 7.368   1.092   -6.965  1.00 17.76 ? 23  LYS A N   1 
ATOM   152  C CA  . LYS A 1 22  ? 8.253   2.212   -7.252  1.00 18.56 ? 23  LYS A CA  1 
ATOM   153  C C   . LYS A 1 22  ? 7.498   3.233   -8.083  1.00 20.21 ? 23  LYS A C   1 
ATOM   154  O O   . LYS A 1 22  ? 6.877   2.882   -9.095  1.00 19.80 ? 23  LYS A O   1 
ATOM   155  C CB  . LYS A 1 22  ? 9.519   1.754   -7.989  1.00 22.21 ? 23  LYS A CB  1 
ATOM   156  C CG  . LYS A 1 22  ? 10.446  0.876   -7.134  1.00 22.63 ? 23  LYS A CG  1 
ATOM   157  C CD  . LYS A 1 22  ? 11.651  0.402   -7.935  1.00 28.51 ? 23  LYS A CD  1 
ATOM   158  C CE  . LYS A 1 22  ? 12.611  -0.385  -7.061  1.00 35.41 ? 23  LYS A CE  1 
ATOM   159  N NZ  . LYS A 1 22  ? 13.704  -1.012  -7.861  1.00 32.76 ? 23  LYS A NZ  1 
ATOM   160  N N   . GLY A 1 23  ? 7.539   4.486   -7.649  1.00 19.68 ? 24  GLY A N   1 
ATOM   161  C CA  . GLY A 1 23  ? 6.810   5.518   -8.354  1.00 20.28 ? 24  GLY A CA  1 
ATOM   162  C C   . GLY A 1 23  ? 7.230   6.892   -7.880  1.00 22.15 ? 24  GLY A C   1 
ATOM   163  O O   . GLY A 1 23  ? 8.122   7.043   -7.044  1.00 22.12 ? 24  GLY A O   1 
ATOM   164  N N   . THR A 1 24  ? 6.556   7.900   -8.437  1.00 20.18 ? 25  THR A N   1 
ATOM   165  C CA  . THR A 1 24  ? 6.863   9.312   -8.190  1.00 21.81 ? 25  THR A CA  1 
ATOM   166  C C   . THR A 1 24  ? 5.551   10.065  -7.994  1.00 17.83 ? 25  THR A C   1 
ATOM   167  O O   . THR A 1 24  ? 4.619   9.902   -8.804  1.00 21.25 ? 25  THR A O   1 
ATOM   168  C CB  . THR A 1 24  ? 7.658   9.922   -9.356  1.00 25.14 ? 25  THR A CB  1 
ATOM   169  O OG1 . THR A 1 24  ? 8.677   9.003   -9.774  1.00 29.88 ? 25  THR A OG1 1 
ATOM   170  C CG2 . THR A 1 24  ? 8.307   11.239  -8.941  1.00 28.32 ? 25  THR A CG2 1 
ATOM   171  N N   . PRO A 1 25  ? 5.446   10.910  -6.972  1.00 19.04 ? 26  PRO A N   1 
ATOM   172  C CA  . PRO A 1 25  ? 4.244   11.745  -6.847  1.00 21.22 ? 26  PRO A CA  1 
ATOM   173  C C   . PRO A 1 25  ? 4.145   12.684  -8.033  1.00 21.56 ? 26  PRO A C   1 
ATOM   174  O O   . PRO A 1 25  ? 5.157   13.193  -8.517  1.00 23.70 ? 26  PRO A O   1 
ATOM   175  C CB  . PRO A 1 25  ? 4.469   12.517  -5.539  1.00 20.14 ? 26  PRO A CB  1 
ATOM   176  C CG  . PRO A 1 25  ? 5.608   11.844  -4.858  1.00 24.74 ? 26  PRO A CG  1 
ATOM   177  C CD  . PRO A 1 25  ? 6.446   11.232  -5.944  1.00 21.93 ? 26  PRO A CD  1 
ATOM   178  N N   . ILE A 1 26  ? 2.912   12.900  -8.509  1.00 16.98 ? 27  ILE A N   1 
ATOM   179  C CA  . ILE A 1 26  ? 2.681   13.754  -9.670  1.00 18.49 ? 27  ILE A CA  1 
ATOM   180  C C   . ILE A 1 26  ? 2.441   15.209  -9.293  1.00 20.14 ? 27  ILE A C   1 
ATOM   181  O O   . ILE A 1 26  ? 2.253   16.041  -10.190 1.00 23.38 ? 27  ILE A O   1 
ATOM   182  C CB  . ILE A 1 26  ? 1.490   13.265  -10.523 1.00 22.21 ? 27  ILE A CB  1 
ATOM   183  C CG1 . ILE A 1 26  ? 0.170   13.502  -9.789  1.00 24.44 ? 27  ILE A CG1 1 
ATOM   184  C CG2 . ILE A 1 26  ? 1.653   11.793  -10.875 1.00 22.88 ? 27  ILE A CG2 1 
ATOM   185  C CD1 . ILE A 1 26  ? -1.046  13.029  -10.552 1.00 28.09 ? 27  ILE A CD1 1 
ATOM   186  N N   . HIS A 1 27  ? 2.435   15.539  -8.004  1.00 20.06 ? 28  HIS A N   1 
ATOM   187  C CA  . HIS A 1 27  ? 2.317   16.915  -7.538  1.00 20.17 ? 28  HIS A CA  1 
ATOM   188  C C   . HIS A 1 27  ? 3.348   17.152  -6.443  1.00 17.79 ? 28  HIS A C   1 
ATOM   189  O O   . HIS A 1 27  ? 3.718   16.233  -5.717  1.00 18.97 ? 28  HIS A O   1 
ATOM   190  C CB  . HIS A 1 27  ? 0.927   17.237  -6.956  1.00 19.22 ? 28  HIS A CB  1 
ATOM   191  C CG  . HIS A 1 27  ? -0.219  16.893  -7.852  1.00 21.26 ? 28  HIS A CG  1 
ATOM   192  N ND1 . HIS A 1 27  ? -0.365  17.427  -9.112  1.00 20.37 ? 28  HIS A ND1 1 
ATOM   193  C CD2 . HIS A 1 27  ? -1.298  16.101  -7.652  1.00 20.73 ? 28  HIS A CD2 1 
ATOM   194  C CE1 . HIS A 1 27  ? -1.468  16.957  -9.662  1.00 24.50 ? 28  HIS A CE1 1 
ATOM   195  N NE2 . HIS A 1 27  ? -2.057  16.154  -8.794  1.00 22.61 ? 28  HIS A NE2 1 
ATOM   196  N N   . SER A 1 28  ? 3.807   18.395  -6.324  1.00 21.55 ? 29  SER A N   1 
ATOM   197  C CA  . SER A 1 28  ? 4.642   18.782  -5.194  1.00 19.36 ? 29  SER A CA  1 
ATOM   198  C C   . SER A 1 28  ? 3.856   18.692  -3.888  1.00 17.78 ? 29  SER A C   1 
ATOM   199  O O   . SER A 1 28  ? 2.624   18.745  -3.871  1.00 18.09 ? 29  SER A O   1 
ATOM   200  C CB  . SER A 1 28  ? 5.161   20.203  -5.382  1.00 23.11 ? 29  SER A CB  1 
ATOM   201  O OG  . SER A 1 28  ? 4.065   21.078  -5.541  1.00 23.83 ? 29  SER A OG  1 
ATOM   202  N N   . PHE A 1 29  ? 4.590   18.565  -2.780  1.00 19.93 ? 30  PHE A N   1 
ATOM   203  C CA  . PHE A 1 29  ? 3.947   18.270  -1.497  1.00 20.00 ? 30  PHE A CA  1 
ATOM   204  C C   . PHE A 1 29  ? 3.038   19.405  -1.027  1.00 20.26 ? 30  PHE A C   1 
ATOM   205  O O   . PHE A 1 29  ? 2.070   19.163  -0.293  1.00 21.13 ? 30  PHE A O   1 
ATOM   206  C CB  . PHE A 1 29  ? 4.999   17.965  -0.431  1.00 22.54 ? 30  PHE A CB  1 
ATOM   207  C CG  . PHE A 1 29  ? 5.588   16.580  -0.534  1.00 24.45 ? 30  PHE A CG  1 
ATOM   208  C CD1 . PHE A 1 29  ? 5.276   15.756  -1.607  1.00 24.54 ? 30  PHE A CD1 1 
ATOM   209  C CD2 . PHE A 1 29  ? 6.452   16.113  0.437   1.00 24.88 ? 30  PHE A CD2 1 
ATOM   210  C CE1 . PHE A 1 29  ? 5.825   14.477  -1.703  1.00 25.86 ? 30  PHE A CE1 1 
ATOM   211  C CE2 . PHE A 1 29  ? 6.995   14.844  0.351   1.00 25.77 ? 30  PHE A CE2 1 
ATOM   212  C CZ  . PHE A 1 29  ? 6.677   14.028  -0.721  1.00 24.04 ? 30  PHE A CZ  1 
ATOM   213  N N   . ILE A 1 30  ? 3.317   20.645  -1.429  1.00 22.50 ? 31  ILE A N   1 
ATOM   214  C CA  . ILE A 1 30  ? 2.436   21.742  -1.047  1.00 21.10 ? 31  ILE A CA  1 
ATOM   215  C C   . ILE A 1 30  ? 1.071   21.622  -1.705  1.00 20.70 ? 31  ILE A C   1 
ATOM   216  O O   . ILE A 1 30  ? 0.129   22.312  -1.301  1.00 21.58 ? 31  ILE A O   1 
ATOM   217  C CB  . ILE A 1 30  ? 3.117   23.085  -1.383  1.00 21.13 ? 31  ILE A CB  1 
ATOM   218  C CG1 . ILE A 1 30  ? 2.422   24.249  -0.672  1.00 22.18 ? 31  ILE A CG1 1 
ATOM   219  C CG2 . ILE A 1 30  ? 3.183   23.290  -2.898  1.00 22.31 ? 31  ILE A CG2 1 
ATOM   220  C CD1 . ILE A 1 30  ? 2.611   24.237  0.808   1.00 24.97 ? 31  ILE A CD1 1 
ATOM   221  N N   . ASN A 1 31  ? 0.933   20.747  -2.704  1.00 18.64 ? 32  ASN A N   1 
ATOM   222  C CA  . ASN A 1 31  ? -0.338  20.530  -3.381  1.00 18.18 ? 32  ASN A CA  1 
ATOM   223  C C   . ASN A 1 31  ? -1.066  19.291  -2.878  1.00 20.84 ? 32  ASN A C   1 
ATOM   224  O O   . ASN A 1 31  ? -2.074  18.892  -3.467  1.00 20.90 ? 32  ASN A O   1 
ATOM   225  C CB  . ASN A 1 31  ? -0.119  20.449  -4.887  1.00 18.92 ? 32  ASN A CB  1 
ATOM   226  C CG  . ASN A 1 31  ? 0.194   21.797  -5.478  1.00 20.03 ? 32  ASN A CG  1 
ATOM   227  O OD1 . ASN A 1 31  ? -0.627  22.712  -5.404  1.00 20.66 ? 32  ASN A OD1 1 
ATOM   228  N ND2 . ASN A 1 31  ? 1.387   21.943  -6.040  1.00 19.90 ? 32  ASN A ND2 1 
ATOM   229  N N   . GLY A 1 32  ? -0.578  18.681  -1.805  1.00 20.80 ? 33  GLY A N   1 
ATOM   230  C CA  . GLY A 1 32  ? -1.287  17.624  -1.120  1.00 23.40 ? 33  GLY A CA  1 
ATOM   231  C C   . GLY A 1 32  ? -1.529  16.330  -1.885  1.00 21.60 ? 33  GLY A C   1 
ATOM   232  O O   . GLY A 1 32  ? -2.635  15.780  -1.846  1.00 20.26 ? 33  GLY A O   1 
ATOM   233  N N   . PRO A 1 33  ? -0.511  15.789  -2.555  1.00 20.83 ? 34  PRO A N   1 
ATOM   234  C CA  . PRO A 1 33  ? -0.697  14.499  -3.228  1.00 21.39 ? 34  PRO A CA  1 
ATOM   235  C C   . PRO A 1 33  ? -0.852  13.369  -2.223  1.00 18.26 ? 34  PRO A C   1 
ATOM   236  O O   . PRO A 1 33  ? -0.417  13.449  -1.074  1.00 19.50 ? 34  PRO A O   1 
ATOM   237  C CB  . PRO A 1 33  ? 0.589   14.330  -4.042  1.00 18.84 ? 34  PRO A CB  1 
ATOM   238  C CG  . PRO A 1 33  ? 1.615   15.037  -3.234  1.00 20.70 ? 34  PRO A CG  1 
ATOM   239  C CD  . PRO A 1 33  ? 0.889   16.246  -2.655  1.00 19.30 ? 34  PRO A CD  1 
ATOM   240  N N   . GLN A 1 34  ? -1.490  12.303  -2.689  1.00 17.87 ? 35  GLN A N   1 
ATOM   241  C CA  . GLN A 1 34  ? -1.691  11.096  -1.905  1.00 18.39 ? 35  GLN A CA  1 
ATOM   242  C C   . GLN A 1 34  ? -1.223  9.889   -2.701  1.00 16.81 ? 35  GLN A C   1 
ATOM   243  O O   . GLN A 1 34  ? -1.113  9.928   -3.926  1.00 18.53 ? 35  GLN A O   1 
ATOM   244  C CB  . GLN A 1 34  ? -3.159  10.906  -1.514  1.00 21.16 ? 35  GLN A CB  1 
ATOM   245  C CG  . GLN A 1 34  ? -3.718  12.031  -0.658  1.00 21.59 ? 35  GLN A CG  1 
ATOM   246  C CD  . GLN A 1 34  ? -5.184  11.843  -0.332  1.00 32.14 ? 35  GLN A CD  1 
ATOM   247  O OE1 . GLN A 1 34  ? -5.695  10.724  -0.344  1.00 30.57 ? 35  GLN A OE1 1 
ATOM   248  N NE2 . GLN A 1 34  ? -5.876  12.948  -0.051  1.00 36.40 ? 35  GLN A NE2 1 
ATOM   249  N N   . LEU A 1 35  ? -0.939  8.808   -1.974  1.00 16.06 ? 36  LEU A N   1 
ATOM   250  C CA  . LEU A 1 35  ? -0.665  7.506   -2.565  1.00 18.31 ? 36  LEU A CA  1 
ATOM   251  C C   . LEU A 1 35  ? -1.471  6.492   -1.776  1.00 18.55 ? 36  LEU A C   1 
ATOM   252  O O   . LEU A 1 35  ? -1.454  6.520   -0.543  1.00 19.34 ? 36  LEU A O   1 
ATOM   253  C CB  . LEU A 1 35  ? 0.827   7.150   -2.504  1.00 17.52 ? 36  LEU A CB  1 
ATOM   254  C CG  . LEU A 1 35  ? 1.193   5.662   -2.534  1.00 19.96 ? 36  LEU A CG  1 
ATOM   255  C CD1 . LEU A 1 35  ? 0.926   5.073   -3.918  1.00 19.35 ? 36  LEU A CD1 1 
ATOM   256  C CD2 . LEU A 1 35  ? 2.646   5.460   -2.127  1.00 22.73 ? 36  LEU A CD2 1 
ATOM   257  N N   . GLN A 1 36  ? -2.190  5.614   -2.468  1.00 16.11 ? 37  GLN A N   1 
ATOM   258  C CA  . GLN A 1 36  ? -3.016  4.642   -1.771  1.00 19.62 ? 37  GLN A CA  1 
ATOM   259  C C   . GLN A 1 36  ? -2.722  3.245   -2.289  1.00 16.50 ? 37  GLN A C   1 
ATOM   260  O O   . GLN A 1 36  ? -2.572  3.039   -3.496  1.00 16.33 ? 37  GLN A O   1 
ATOM   261  C CB  . GLN A 1 36  ? -4.499  4.950   -1.929  1.00 17.63 ? 37  GLN A CB  1 
ATOM   262  C CG  . GLN A 1 36  ? -5.389  4.067   -1.060  1.00 18.07 ? 37  GLN A CG  1 
ATOM   263  C CD  . GLN A 1 36  ? -6.806  4.579   -0.988  1.00 21.40 ? 37  GLN A CD  1 
ATOM   264  O OE1 . GLN A 1 36  ? -7.039  5.739   -0.667  1.00 22.65 ? 37  GLN A OE1 1 
ATOM   265  N NE2 . GLN A 1 36  ? -7.767  3.711   -1.277  1.00 22.02 ? 37  GLN A NE2 1 
ATOM   266  N N   . VAL A 1 37  ? -2.638  2.287   -1.364  1.00 16.22 ? 38  VAL A N   1 
ATOM   267  C CA  . VAL A 1 37  ? -2.439  0.881   -1.692  1.00 17.28 ? 38  VAL A CA  1 
ATOM   268  C C   . VAL A 1 37  ? -3.486  0.088   -0.927  1.00 19.15 ? 38  VAL A C   1 
ATOM   269  O O   . VAL A 1 37  ? -3.622  0.256   0.290   1.00 19.01 ? 38  VAL A O   1 
ATOM   270  C CB  . VAL A 1 37  ? -1.021  0.397   -1.336  1.00 18.97 ? 38  VAL A CB  1 
ATOM   271  C CG1 . VAL A 1 37  ? -0.857  -1.095  -1.660  1.00 19.92 ? 38  VAL A CG1 1 
ATOM   272  C CG2 . VAL A 1 37  ? 0.042   1.233   -2.035  1.00 20.51 ? 38  VAL A CG2 1 
ATOM   273  N N   . ASP A 1 38  ? -4.251  -0.737  -1.640  1.00 16.12 ? 39  ASP A N   1 
ATOM   274  C CA  . ASP A 1 38  ? -5.285  -1.569  -1.036  1.00 17.23 ? 39  ASP A CA  1 
ATOM   275  C C   . ASP A 1 38  ? -5.001  -3.031  -1.344  1.00 15.89 ? 39  ASP A C   1 
ATOM   276  O O   . ASP A 1 38  ? -4.814  -3.397  -2.510  1.00 17.61 ? 39  ASP A O   1 
ATOM   277  C CB  . ASP A 1 38  ? -6.679  -1.213  -1.559  1.00 16.79 ? 39  ASP A CB  1 
ATOM   278  C CG  . ASP A 1 38  ? -7.154  0.150   -1.104  1.00 19.02 ? 39  ASP A CG  1 
ATOM   279  O OD1 . ASP A 1 38  ? -7.446  0.334   0.104   1.00 20.92 ? 39  ASP A OD1 1 
ATOM   280  O OD2 . ASP A 1 38  ? -7.249  1.058   -1.954  1.00 25.01 ? 39  ASP A OD2 1 
ATOM   281  N N   . PHE A 1 39  ? -5.002  -3.862  -0.303  1.00 14.21 ? 40  PHE A N   1 
ATOM   282  C CA  . PHE A 1 39  ? -4.884  -5.316  -0.441  1.00 14.79 ? 40  PHE A CA  1 
ATOM   283  C C   . PHE A 1 39  ? -6.303  -5.874  -0.430  1.00 15.71 ? 40  PHE A C   1 
ATOM   284  O O   . PHE A 1 39  ? -6.884  -6.123  0.629   1.00 18.20 ? 40  PHE A O   1 
ATOM   285  C CB  . PHE A 1 39  ? -4.020  -5.884  0.677   1.00 18.43 ? 40  PHE A CB  1 
ATOM   286  C CG  . PHE A 1 39  ? -2.544  -5.706  0.447   1.00 18.21 ? 40  PHE A CG  1 
ATOM   287  C CD1 . PHE A 1 39  ? -2.072  -4.793  -0.485  1.00 24.72 ? 40  PHE A CD1 1 
ATOM   288  C CD2 . PHE A 1 39  ? -1.625  -6.471  1.143   1.00 21.13 ? 40  PHE A CD2 1 
ATOM   289  C CE1 . PHE A 1 39  ? -0.707  -4.648  -0.707  1.00 24.89 ? 40  PHE A CE1 1 
ATOM   290  C CE2 . PHE A 1 39  ? -0.272  -6.323  0.929   1.00 26.01 ? 40  PHE A CE2 1 
ATOM   291  C CZ  . PHE A 1 39  ? 0.191   -5.417  0.000   1.00 22.09 ? 40  PHE A CZ  1 
ATOM   292  N N   . TYR A 1 40  ? -6.874  -6.033  -1.628  1.00 14.52 ? 41  TYR A N   1 
ATOM   293  C CA  . TYR A 1 40  ? -8.255  -6.450  -1.814  1.00 13.54 ? 41  TYR A CA  1 
ATOM   294  C C   . TYR A 1 40  ? -8.392  -7.967  -1.772  1.00 17.01 ? 41  TYR A C   1 
ATOM   295  O O   . TYR A 1 40  ? -7.489  -8.705  -2.182  1.00 17.33 ? 41  TYR A O   1 
ATOM   296  C CB  . TYR A 1 40  ? -8.778  -5.966  -3.162  1.00 15.81 ? 41  TYR A CB  1 
ATOM   297  C CG  . TYR A 1 40  ? -9.371  -4.586  -3.167  1.00 15.31 ? 41  TYR A CG  1 
ATOM   298  C CD1 . TYR A 1 40  ? -10.653 -4.357  -2.674  1.00 17.85 ? 41  TYR A CD1 1 
ATOM   299  C CD2 . TYR A 1 40  ? -8.669  -3.520  -3.708  1.00 16.31 ? 41  TYR A CD2 1 
ATOM   300  C CE1 . TYR A 1 40  ? -11.214 -3.088  -2.708  1.00 18.30 ? 41  TYR A CE1 1 
ATOM   301  C CE2 . TYR A 1 40  ? -9.228  -2.250  -3.755  1.00 16.37 ? 41  TYR A CE2 1 
ATOM   302  C CZ  . TYR A 1 40  ? -10.494 -2.048  -3.243  1.00 18.34 ? 41  TYR A CZ  1 
ATOM   303  O OH  . TYR A 1 40  ? -11.056 -0.799  -3.285  1.00 21.70 ? 41  TYR A OH  1 
ATOM   304  N N   . THR A 1 41  ? -9.556  -8.431  -1.313  1.00 16.08 ? 42  THR A N   1 
ATOM   305  C CA  . THR A 1 41  ? -9.825  -9.864  -1.299  1.00 18.00 ? 42  THR A CA  1 
ATOM   306  C C   . THR A 1 41  ? -10.439 -10.369 -2.603  1.00 22.50 ? 42  THR A C   1 
ATOM   307  O O   . THR A 1 41  ? -10.577 -11.582 -2.773  1.00 20.91 ? 42  THR A O   1 
ATOM   308  C CB  . THR A 1 41  ? -10.730 -10.235 -0.118  1.00 17.56 ? 42  THR A CB  1 
ATOM   309  O OG1 . THR A 1 41  ? -11.972 -9.523  -0.195  1.00 18.45 ? 42  THR A OG1 1 
ATOM   310  C CG2 . THR A 1 41  ? -10.025 -9.934  1.201   1.00 17.21 ? 42  THR A CG2 1 
ATOM   311  N N   . ASP A 1 42  ? -10.787 -9.475  -3.524  1.00 18.80 ? 43  ASP A N   1 
ATOM   312  C CA  . ASP A 1 42  ? -11.316 -9.830  -4.837  1.00 20.57 ? 43  ASP A CA  1 
ATOM   313  C C   . ASP A 1 42  ? -11.006 -8.671  -5.776  1.00 23.26 ? 43  ASP A C   1 
ATOM   314  O O   . ASP A 1 42  ? -10.647 -7.581  -5.332  1.00 21.94 ? 43  ASP A O   1 
ATOM   315  C CB  . ASP A 1 42  ? -12.823 -10.108 -4.764  1.00 21.85 ? 43  ASP A CB  1 
ATOM   316  C CG  . ASP A 1 42  ? -13.396 -10.619 -6.069  1.00 31.97 ? 43  ASP A CG  1 
ATOM   317  O OD1 . ASP A 1 42  ? -13.124 -11.784 -6.413  1.00 33.01 ? 43  ASP A OD1 1 
ATOM   318  O OD2 . ASP A 1 42  ? -14.112 -9.851  -6.751  1.00 30.17 ? 43  ASP A OD2 1 
ATOM   319  N N   . MET A 1 43  ? -11.156 -8.911  -7.087  1.00 22.63 ? 44  MET A N   1 
ATOM   320  C CA  . MET A 1 43  ? -10.975 -7.839  -8.063  1.00 24.92 ? 44  MET A CA  1 
ATOM   321  C C   . MET A 1 43  ? -12.041 -6.754  -7.926  1.00 23.91 ? 44  MET A C   1 
ATOM   322  O O   . MET A 1 43  ? -11.800 -5.592  -8.279  1.00 25.49 ? 44  MET A O   1 
ATOM   323  C CB  . MET A 1 43  ? -10.980 -8.423  -9.480  1.00 24.50 ? 44  MET A CB  1 
ATOM   324  C CG  . MET A 1 43  ? -10.842 -7.397  -10.597 1.00 27.84 ? 44  MET A CG  1 
ATOM   325  S SD  . MET A 1 43  ? -9.212  -6.615  -10.669 1.00 36.66 ? 44  MET A SD  1 
ATOM   326  C CE  . MET A 1 43  ? -8.177  -8.075  -10.515 1.00 30.40 ? 44  MET A CE  1 
ATOM   327  N N   . ASP A 1 44  ? -13.219 -7.106  -7.426  1.00 22.16 ? 45  ASP A N   1 
ATOM   328  C CA  . ASP A 1 44  ? -14.281 -6.131  -7.233  1.00 20.98 ? 45  ASP A CA  1 
ATOM   329  C C   . ASP A 1 44  ? -13.890 -5.128  -6.154  1.00 23.04 ? 45  ASP A C   1 
ATOM   330  O O   . ASP A 1 44  ? -13.557 -5.509  -5.031  1.00 20.57 ? 45  ASP A O   1 
ATOM   331  C CB  . ASP A 1 44  ? -15.569 -6.852  -6.850  1.00 25.01 ? 45  ASP A CB  1 
ATOM   332  C CG  . ASP A 1 44  ? -16.775 -5.951  -6.900  1.00 33.78 ? 45  ASP A CG  1 
ATOM   333  O OD1 . ASP A 1 44  ? -16.869 -5.031  -6.062  1.00 29.71 ? 45  ASP A OD1 1 
ATOM   334  O OD2 . ASP A 1 44  ? -17.630 -6.157  -7.786  1.00 41.96 ? 45  ASP A OD2 1 
ATOM   335  N N   . GLU A 1 45  ? -13.951 -3.841  -6.486  1.00 22.60 ? 46  GLU A N   1 
ATOM   336  C CA  . GLU A 1 45  ? -13.461 -2.853  -5.535  1.00 20.21 ? 46  GLU A CA  1 
ATOM   337  C C   . GLU A 1 45  ? -14.391 -2.648  -4.348  1.00 21.83 ? 46  GLU A C   1 
ATOM   338  O O   . GLU A 1 45  ? -14.047 -1.864  -3.462  1.00 19.13 ? 46  GLU A O   1 
ATOM   339  C CB  . GLU A 1 45  ? -13.220 -1.520  -6.241  1.00 28.51 ? 46  GLU A CB  1 
ATOM   340  C CG  . GLU A 1 45  ? -14.477 -0.863  -6.717  1.00 27.81 ? 46  GLU A CG  1 
ATOM   341  C CD  . GLU A 1 45  ? -14.297 0.625   -6.966  1.00 34.58 ? 46  GLU A CD  1 
ATOM   342  O OE1 . GLU A 1 45  ? -15.309 1.341   -6.842  1.00 26.62 ? 46  GLU A OE1 1 
ATOM   343  O OE2 . GLU A 1 45  ? -13.157 1.062   -7.287  1.00 32.11 ? 46  GLU A OE2 1 
ATOM   344  N N   . ASP A 1 46  ? -15.543 -3.311  -4.289  1.00 20.61 ? 47  ASP A N   1 
ATOM   345  C CA  . ASP A 1 46  ? -16.347 -3.272  -3.080  1.00 23.25 ? 47  ASP A CA  1 
ATOM   346  C C   . ASP A 1 46  ? -16.107 -4.478  -2.180  1.00 20.10 ? 47  ASP A C   1 
ATOM   347  O O   . ASP A 1 46  ? -16.737 -4.573  -1.121  1.00 19.54 ? 47  ASP A O   1 
ATOM   348  C CB  . ASP A 1 46  ? -17.833 -3.148  -3.429  1.00 24.05 ? 47  ASP A CB  1 
ATOM   349  C CG  . ASP A 1 46  ? -18.204 -1.743  -3.858  1.00 29.84 ? 47  ASP A CG  1 
ATOM   350  O OD1 . ASP A 1 46  ? -17.325 -0.859  -3.788  1.00 26.10 ? 47  ASP A OD1 1 
ATOM   351  O OD2 . ASP A 1 46  ? -19.364 -1.519  -4.267  1.00 35.37 ? 47  ASP A OD2 1 
ATOM   352  N N   . SER A 1 47  ? -15.189 -5.369  -2.551  1.00 18.71 ? 48  SER A N   1 
ATOM   353  C CA  . SER A 1 47  ? -14.852 -6.501  -1.697  1.00 17.63 ? 48  SER A CA  1 
ATOM   354  C C   . SER A 1 47  ? -14.083 -6.034  -0.463  1.00 18.23 ? 48  SER A C   1 
ATOM   355  O O   . SER A 1 47  ? -13.628 -4.891  -0.361  1.00 17.67 ? 48  SER A O   1 
ATOM   356  C CB  . SER A 1 47  ? -14.033 -7.538  -2.466  1.00 21.37 ? 48  SER A CB  1 
ATOM   357  O OG  . SER A 1 47  ? -12.758 -7.035  -2.829  1.00 20.63 ? 48  SER A OG  1 
ATOM   358  N N   . ASP A 1 48  ? -13.935 -6.944  0.489   1.00 15.41 ? 49  ASP A N   1 
ATOM   359  C CA  . ASP A 1 48  ? -13.256 -6.587  1.724   1.00 13.80 ? 49  ASP A CA  1 
ATOM   360  C C   . ASP A 1 48  ? -11.779 -6.304  1.464   1.00 15.66 ? 49  ASP A C   1 
ATOM   361  O O   . ASP A 1 48  ? -11.194 -6.772  0.484   1.00 17.18 ? 49  ASP A O   1 
ATOM   362  C CB  . ASP A 1 48  ? -13.410 -7.695  2.765   1.00 15.98 ? 49  ASP A CB  1 
ATOM   363  C CG  . ASP A 1 48  ? -14.735 -7.607  3.529   1.00 18.26 ? 49  ASP A CG  1 
ATOM   364  O OD1 . ASP A 1 48  ? -15.541 -6.702  3.249   1.00 19.36 ? 49  ASP A OD1 1 
ATOM   365  O OD2 . ASP A 1 48  ? -14.975 -8.464  4.402   1.00 20.36 ? 49  ASP A OD2 1 
ATOM   366  N N   . ILE A 1 49  ? -11.189 -5.486  2.335   1.00 15.98 ? 50  ILE A N   1 
ATOM   367  C CA  . ILE A 1 49  ? -9.805  -5.034  2.217   1.00 15.31 ? 50  ILE A CA  1 
ATOM   368  C C   . ILE A 1 49  ? -9.047  -5.488  3.465   1.00 15.69 ? 50  ILE A C   1 
ATOM   369  O O   . ILE A 1 49  ? -9.390  -5.091  4.589   1.00 17.31 ? 50  ILE A O   1 
ATOM   370  C CB  . ILE A 1 49  ? -9.733  -3.504  2.029   1.00 14.98 ? 50  ILE A CB  1 
ATOM   371  C CG1 . ILE A 1 49  ? -10.428 -3.097  0.724   1.00 14.10 ? 50  ILE A CG1 1 
ATOM   372  C CG2 . ILE A 1 49  ? -8.276  -3.004  2.038   1.00 15.85 ? 50  ILE A CG2 1 
ATOM   373  C CD1 . ILE A 1 49  ? -10.723 -1.590  0.639   1.00 16.40 ? 50  ILE A CD1 1 
ATOM   374  N N   . ALA A 1 50  ? -8.027  -6.331  3.273   1.00 14.16 ? 51  ALA A N   1 
ATOM   375  C CA  . ALA A 1 50  ? -7.242  -6.828  4.405   1.00 16.45 ? 51  ALA A CA  1 
ATOM   376  C C   . ALA A 1 50  ? -6.311  -5.763  4.964   1.00 15.97 ? 51  ALA A C   1 
ATOM   377  O O   . ALA A 1 50  ? -5.949  -5.811  6.149   1.00 17.78 ? 51  ALA A O   1 
ATOM   378  C CB  . ALA A 1 50  ? -6.422  -8.040  3.979   1.00 16.68 ? 51  ALA A CB  1 
ATOM   379  N N   . PHE A 1 51  ? -5.895  -4.814  4.125   1.00 15.63 ? 52  PHE A N   1 
ATOM   380  C CA  . PHE A 1 51  ? -4.926  -3.789  4.502   1.00 15.81 ? 52  PHE A CA  1 
ATOM   381  C C   . PHE A 1 51  ? -5.079  -2.627  3.535   1.00 16.74 ? 52  PHE A C   1 
ATOM   382  O O   . PHE A 1 51  ? -4.935  -2.802  2.316   1.00 16.10 ? 52  PHE A O   1 
ATOM   383  C CB  . PHE A 1 51  ? -3.495  -4.338  4.482   1.00 17.90 ? 52  PHE A CB  1 
ATOM   384  C CG  . PHE A 1 51  ? -2.427  -3.289  4.700   1.00 17.06 ? 52  PHE A CG  1 
ATOM   385  C CD1 . PHE A 1 51  ? -2.482  -2.445  5.792   1.00 18.76 ? 52  PHE A CD1 1 
ATOM   386  C CD2 . PHE A 1 51  ? -1.370  -3.159  3.812   1.00 24.87 ? 52  PHE A CD2 1 
ATOM   387  C CE1 . PHE A 1 51  ? -1.500  -1.472  5.994   1.00 19.17 ? 52  PHE A CE1 1 
ATOM   388  C CE2 . PHE A 1 51  ? -0.385  -2.190  4.008   1.00 29.01 ? 52  PHE A CE2 1 
ATOM   389  C CZ  . PHE A 1 51  ? -0.452  -1.353  5.105   1.00 23.70 ? 52  PHE A CZ  1 
ATOM   390  N N   . HIS A 1 52  ? -5.393  -1.461  4.076   1.00 16.27 ? 53  HIS A N   1 
ATOM   391  C CA  . HIS A 1 52  ? -5.564  -0.220  3.338   1.00 16.97 ? 53  HIS A CA  1 
ATOM   392  C C   . HIS A 1 52  ? -4.507  0.748   3.841   1.00 15.43 ? 53  HIS A C   1 
ATOM   393  O O   . HIS A 1 52  ? -4.304  0.875   5.049   1.00 17.06 ? 53  HIS A O   1 
ATOM   394  C CB  . HIS A 1 52  ? -6.982  0.331   3.545   1.00 18.41 ? 53  HIS A CB  1 
ATOM   395  C CG  . HIS A 1 52  ? -7.132  1.799   3.274   1.00 14.32 ? 53  HIS A CG  1 
ATOM   396  N ND1 . HIS A 1 52  ? -7.351  2.308   2.012   1.00 16.43 ? 53  HIS A ND1 1 
ATOM   397  C CD2 . HIS A 1 52  ? -7.151  2.864   4.120   1.00 17.66 ? 53  HIS A CD2 1 
ATOM   398  C CE1 . HIS A 1 52  ? -7.483  3.624   2.088   1.00 18.78 ? 53  HIS A CE1 1 
ATOM   399  N NE2 . HIS A 1 52  ? -7.364  3.987   3.354   1.00 18.76 ? 53  HIS A NE2 1 
ATOM   400  N N   . PHE A 1 53  ? -3.814  1.396   2.914   1.00 18.45 ? 54  PHE A N   1 
ATOM   401  C CA  . PHE A 1 53  ? -2.689  2.263   3.228   1.00 18.50 ? 54  PHE A CA  1 
ATOM   402  C C   . PHE A 1 53  ? -2.855  3.530   2.407   1.00 18.60 ? 54  PHE A C   1 
ATOM   403  O O   . PHE A 1 53  ? -2.881  3.458   1.183   1.00 18.82 ? 54  PHE A O   1 
ATOM   404  C CB  . PHE A 1 53  ? -1.392  1.517   2.890   1.00 19.18 ? 54  PHE A CB  1 
ATOM   405  C CG  . PHE A 1 53  ? -0.140  2.327   2.991   1.00 20.81 ? 54  PHE A CG  1 
ATOM   406  C CD1 . PHE A 1 53  ? 0.518   2.457   4.203   1.00 22.54 ? 54  PHE A CD1 1 
ATOM   407  C CD2 . PHE A 1 53  ? 0.434   2.876   1.858   1.00 26.12 ? 54  PHE A CD2 1 
ATOM   408  C CE1 . PHE A 1 53  ? 1.696   3.158   4.291   1.00 26.26 ? 54  PHE A CE1 1 
ATOM   409  C CE2 . PHE A 1 53  ? 1.615   3.579   1.943   1.00 30.92 ? 54  PHE A CE2 1 
ATOM   410  C CZ  . PHE A 1 53  ? 2.250   3.709   3.169   1.00 29.40 ? 54  PHE A CZ  1 
ATOM   411  N N   . ASN A 1 54  ? -3.007  4.677   3.066   1.00 18.75 ? 55  ASN A N   1 
ATOM   412  C CA  . ASN A 1 54  ? -3.098  5.942   2.343   1.00 18.47 ? 55  ASN A CA  1 
ATOM   413  C C   . ASN A 1 54  ? -2.122  6.934   2.949   1.00 19.90 ? 55  ASN A C   1 
ATOM   414  O O   . ASN A 1 54  ? -2.256  7.295   4.120   1.00 22.11 ? 55  ASN A O   1 
ATOM   415  C CB  . ASN A 1 54  ? -4.518  6.513   2.368   1.00 19.55 ? 55  ASN A CB  1 
ATOM   416  C CG  . ASN A 1 54  ? -4.621  7.830   1.617   1.00 23.90 ? 55  ASN A CG  1 
ATOM   417  O OD1 . ASN A 1 54  ? -4.081  8.846   2.050   1.00 28.72 ? 55  ASN A OD1 1 
ATOM   418  N ND2 . ASN A 1 54  ? -5.324  7.821   0.495   1.00 26.10 ? 55  ASN A ND2 1 
ATOM   419  N N   . VAL A 1 55  ? -1.142  7.372   2.162   1.00 17.20 ? 56  VAL A N   1 
ATOM   420  C CA  . VAL A 1 55  ? -0.201  8.391   2.605   1.00 19.61 ? 56  VAL A CA  1 
ATOM   421  C C   . VAL A 1 55  ? -0.646  9.733   2.070   1.00 16.97 ? 56  VAL A C   1 
ATOM   422  O O   . VAL A 1 55  ? -0.844  9.894   0.856   1.00 20.51 ? 56  VAL A O   1 
ATOM   423  C CB  . VAL A 1 55  ? 1.234   8.110   2.144   1.00 24.04 ? 56  VAL A CB  1 
ATOM   424  C CG1 . VAL A 1 55  ? 2.144   9.200   2.682   1.00 23.48 ? 56  VAL A CG1 1 
ATOM   425  C CG2 . VAL A 1 55  ? 1.688   6.802   2.650   1.00 28.81 ? 56  VAL A CG2 1 
ATOM   426  N N   . ARG A 1 56  ? -0.777  10.704  2.968   1.00 18.91 ? 57  ARG A N   1 
ATOM   427  C CA  . ARG A 1 56  ? -0.842  12.107  2.586   1.00 20.01 ? 57  ARG A CA  1 
ATOM   428  C C   . ARG A 1 56  ? 0.593   12.606  2.677   1.00 19.87 ? 57  ARG A C   1 
ATOM   429  O O   . ARG A 1 56  ? 1.116   12.806  3.774   1.00 19.40 ? 57  ARG A O   1 
ATOM   430  C CB  . ARG A 1 56  ? -1.794  12.866  3.504   1.00 23.13 ? 57  ARG A CB  1 
ATOM   431  C CG  . ARG A 1 56  ? -3.201  12.972  2.953   1.00 31.72 ? 57  ARG A CG  1 
ATOM   432  C CD  . ARG A 1 56  ? -4.258  12.827  4.029   1.00 41.97 ? 57  ARG A CD  1 
ATOM   433  N NE  . ARG A 1 56  ? -5.592  12.730  3.445   1.00 48.73 ? 57  ARG A NE  1 
ATOM   434  C CZ  . ARG A 1 56  ? -6.407  11.690  3.592   1.00 48.70 ? 57  ARG A CZ  1 
ATOM   435  N NH1 . ARG A 1 56  ? -6.033  10.635  4.315   1.00 40.91 ? 57  ARG A NH1 1 
ATOM   436  N NH2 . ARG A 1 56  ? -7.605  11.710  3.013   1.00 47.42 ? 57  ARG A NH2 1 
ATOM   437  N N   . PHE A 1 57  ? 1.252   12.729  1.524   1.00 19.89 ? 58  PHE A N   1 
ATOM   438  C CA  . PHE A 1 57  ? 2.673   13.063  1.473   1.00 19.76 ? 58  PHE A CA  1 
ATOM   439  C C   . PHE A 1 57  ? 2.961   14.338  2.255   1.00 24.41 ? 58  PHE A C   1 
ATOM   440  O O   . PHE A 1 57  ? 2.250   15.338  2.119   1.00 22.74 ? 58  PHE A O   1 
ATOM   441  C CB  . PHE A 1 57  ? 3.121   13.246  0.019   1.00 19.49 ? 58  PHE A CB  1 
ATOM   442  C CG  . PHE A 1 57  ? 3.241   11.963  -0.776  1.00 18.63 ? 58  PHE A CG  1 
ATOM   443  C CD1 . PHE A 1 57  ? 4.248   11.051  -0.523  1.00 22.24 ? 58  PHE A CD1 1 
ATOM   444  C CD2 . PHE A 1 57  ? 2.356   11.702  -1.805  1.00 20.15 ? 58  PHE A CD2 1 
ATOM   445  C CE1 . PHE A 1 57  ? 4.354   9.881   -1.280  1.00 21.44 ? 58  PHE A CE1 1 
ATOM   446  C CE2 . PHE A 1 57  ? 2.456   10.543  -2.566  1.00 21.06 ? 58  PHE A CE2 1 
ATOM   447  C CZ  . PHE A 1 57  ? 3.455   9.633   -2.304  1.00 20.80 ? 58  PHE A CZ  1 
ATOM   448  N N   . GLY A 1 58  ? 4.017   14.297  3.069   1.00 20.98 ? 59  GLY A N   1 
ATOM   449  C CA  . GLY A 1 58  ? 4.385   15.417  3.912   1.00 23.28 ? 59  GLY A CA  1 
ATOM   450  C C   . GLY A 1 58  ? 3.500   15.607  5.120   1.00 29.17 ? 59  GLY A C   1 
ATOM   451  O O   . GLY A 1 58  ? 3.659   16.602  5.835   1.00 31.72 ? 59  GLY A O   1 
ATOM   452  N N   . ASN A 1 59  ? 2.587   14.672  5.381   1.00 24.88 ? 60  ASN A N   1 
ATOM   453  C CA  . ASN A 1 59  ? 1.557   14.857  6.393   1.00 23.07 ? 60  ASN A CA  1 
ATOM   454  C C   . ASN A 1 59  ? 1.498   13.634  7.307   1.00 28.15 ? 60  ASN A C   1 
ATOM   455  O O   . ASN A 1 59  ? 2.116   13.632  8.380   1.00 29.87 ? 60  ASN A O   1 
ATOM   456  C CB  . ASN A 1 59  ? 0.218   15.138  5.697   1.00 22.63 ? 60  ASN A CB  1 
ATOM   457  C CG  . ASN A 1 59  ? -0.877  15.559  6.653   1.00 31.67 ? 60  ASN A CG  1 
ATOM   458  O OD1 . ASN A 1 59  ? -0.788  15.350  7.864   1.00 31.48 ? 60  ASN A OD1 1 
ATOM   459  N ND2 . ASN A 1 59  ? -1.936  16.150  6.102   1.00 35.67 ? 60  ASN A ND2 1 
ATOM   460  N N   . HIS A 1 60  ? 0.773   12.589  6.908   1.00 25.19 ? 61  HIS A N   1 
ATOM   461  C CA  . HIS A 1 60  ? 0.669   11.391  7.737   1.00 22.80 ? 61  HIS A CA  1 
ATOM   462  C C   . HIS A 1 60  ? 0.134   10.245  6.895   1.00 20.54 ? 61  HIS A C   1 
ATOM   463  O O   . HIS A 1 60  ? -0.240  10.420  5.733   1.00 21.26 ? 61  HIS A O   1 
ATOM   464  C CB  . HIS A 1 60  ? -0.230  11.619  8.958   1.00 22.89 ? 61  HIS A CB  1 
ATOM   465  C CG  . HIS A 1 60  ? -1.678  11.797  8.616   1.00 25.81 ? 61  HIS A CG  1 
ATOM   466  N ND1 . HIS A 1 60  ? -2.218  13.018  8.273   1.00 29.06 ? 61  HIS A ND1 1 
ATOM   467  C CD2 . HIS A 1 60  ? -2.702  10.910  8.575   1.00 27.23 ? 61  HIS A CD2 1 
ATOM   468  C CE1 . HIS A 1 60  ? -3.508  12.874  8.024   1.00 30.20 ? 61  HIS A CE1 1 
ATOM   469  N NE2 . HIS A 1 60  ? -3.827  11.604  8.204   1.00 30.43 ? 61  HIS A NE2 1 
ATOM   470  N N   . VAL A 1 61  ? 0.102   9.060   7.506   1.00 21.27 ? 62  VAL A N   1 
ATOM   471  C CA  . VAL A 1 61  ? -0.410  7.850   6.876   1.00 21.21 ? 62  VAL A CA  1 
ATOM   472  C C   . VAL A 1 61  ? -1.626  7.373   7.660   1.00 20.11 ? 62  VAL A C   1 
ATOM   473  O O   . VAL A 1 61  ? -1.635  7.409   8.895   1.00 23.22 ? 62  VAL A O   1 
ATOM   474  C CB  . VAL A 1 61  ? 0.667   6.748   6.820   1.00 28.62 ? 62  VAL A CB  1 
ATOM   475  C CG1 . VAL A 1 61  ? 0.083   5.470   6.232   1.00 28.84 ? 62  VAL A CG1 1 
ATOM   476  N N   . VAL A 1 62  ? -2.655  6.942   6.937   1.00 20.07 ? 63  VAL A N   1 
ATOM   477  C CA  . VAL A 1 62  ? -3.825  6.298   7.520   1.00 20.63 ? 63  VAL A CA  1 
ATOM   478  C C   . VAL A 1 62  ? -3.869  4.856   7.034   1.00 19.23 ? 63  VAL A C   1 
ATOM   479  O O   . VAL A 1 62  ? -3.630  4.574   5.853   1.00 20.88 ? 63  VAL A O   1 
ATOM   480  C CB  . VAL A 1 62  ? -5.118  7.059   7.157   1.00 22.64 ? 63  VAL A CB  1 
ATOM   481  C CG1 . VAL A 1 62  ? -6.339  6.167   7.322   1.00 28.32 ? 63  VAL A CG1 1 
ATOM   482  C CG2 . VAL A 1 62  ? -5.246  8.297   8.025   1.00 24.32 ? 63  VAL A CG2 1 
ATOM   483  N N   . MET A 1 63  ? -4.140  3.937   7.954   1.00 19.10 ? 64  MET A N   1 
ATOM   484  C CA  . MET A 1 63  ? -4.245  2.523   7.618   1.00 19.42 ? 64  MET A CA  1 
ATOM   485  C C   . MET A 1 63  ? -5.507  1.949   8.241   1.00 20.12 ? 64  MET A C   1 
ATOM   486  O O   . MET A 1 63  ? -5.960  2.410   9.290   1.00 17.93 ? 64  MET A O   1 
ATOM   487  C CB  . MET A 1 63  ? -3.022  1.736   8.094   1.00 19.24 ? 64  MET A CB  1 
ATOM   488  C CG  . MET A 1 63  ? -1.767  2.055   7.309   1.00 20.75 ? 64  MET A CG  1 
ATOM   489  S SD  . MET A 1 63  ? -0.297  1.666   8.257   1.00 22.38 ? 64  MET A SD  1 
ATOM   490  C CE  . MET A 1 63  ? -0.409  2.893   9.573   1.00 23.29 ? 64  MET A CE  1 
ATOM   491  N N   . ASN A 1 64  ? -6.089  0.954   7.580   1.00 17.54 ? 65  ASN A N   1 
ATOM   492  C CA  . ASN A 1 64  ? -7.329  0.362   8.076   1.00 18.56 ? 65  ASN A CA  1 
ATOM   493  C C   . ASN A 1 64  ? -7.564  -0.949  7.346   1.00 17.89 ? 65  ASN A C   1 
ATOM   494  O O   . ASN A 1 64  ? -6.776  -1.372  6.494   1.00 17.58 ? 65  ASN A O   1 
ATOM   495  C CB  . ASN A 1 64  ? -8.522  1.308   7.879   1.00 17.56 ? 65  ASN A CB  1 
ATOM   496  C CG  . ASN A 1 64  ? -9.603  1.141   8.951   1.00 15.41 ? 65  ASN A CG  1 
ATOM   497  O OD1 . ASN A 1 64  ? -9.687  0.110   9.623   1.00 18.43 ? 65  ASN A OD1 1 
ATOM   498  N ND2 . ASN A 1 64  ? -10.437 2.168   9.107   1.00 19.16 ? 65  ASN A ND2 1 
ATOM   499  N N   . ARG A 1 65  ? -8.677  -1.581  7.687   1.00 17.86 ? 66  ARG A N   1 
ATOM   500  C CA  . ARG A 1 65  ? -9.180  -2.725  6.957   1.00 19.06 ? 66  ARG A CA  1 
ATOM   501  C C   . ARG A 1 65  ? -10.685 -2.561  6.847   1.00 16.78 ? 66  ARG A C   1 
ATOM   502  O O   . ARG A 1 65  ? -11.304 -1.798  7.599   1.00 15.74 ? 66  ARG A O   1 
ATOM   503  C CB  . ARG A 1 65  ? -8.820  -4.030  7.651   1.00 21.89 ? 66  ARG A CB  1 
ATOM   504  C CG  . ARG A 1 65  ? -9.403  -4.093  8.993   1.00 24.43 ? 66  ARG A CG  1 
ATOM   505  C CD  . ARG A 1 65  ? -8.413  -4.530  10.050  1.00 27.91 ? 66  ARG A CD  1 
ATOM   506  N NE  . ARG A 1 65  ? -9.209  -5.073  11.120  1.00 26.34 ? 66  ARG A NE  1 
ATOM   507  C CZ  . ARG A 1 65  ? -9.411  -4.486  12.288  1.00 20.34 ? 66  ARG A CZ  1 
ATOM   508  N NH1 . ARG A 1 65  ? -8.829  -3.329  12.565  1.00 22.39 ? 66  ARG A NH1 1 
ATOM   509  N NH2 . ARG A 1 65  ? -10.190 -5.080  13.182  1.00 28.93 ? 66  ARG A NH2 1 
ATOM   510  N N   . ARG A 1 66  ? -11.268 -3.250  5.872   1.00 15.25 ? 67  ARG A N   1 
ATOM   511  C CA  . ARG A 1 66  ? -12.707 -3.222  5.646   1.00 15.81 ? 67  ARG A CA  1 
ATOM   512  C C   . ARG A 1 66  ? -13.216 -4.651  5.707   1.00 17.38 ? 67  ARG A C   1 
ATOM   513  O O   . ARG A 1 66  ? -12.801 -5.494  4.902   1.00 16.15 ? 67  ARG A O   1 
ATOM   514  C CB  . ARG A 1 66  ? -13.066 -2.564  4.306   1.00 15.49 ? 67  ARG A CB  1 
ATOM   515  C CG  . ARG A 1 66  ? -14.550 -2.255  4.168   1.00 15.88 ? 67  ARG A CG  1 
ATOM   516  C CD  . ARG A 1 66  ? -14.819 -1.320  3.001   1.00 17.38 ? 67  ARG A CD  1 
ATOM   517  N NE  . ARG A 1 66  ? -14.561 -2.012  1.735   1.00 15.44 ? 67  ARG A NE  1 
ATOM   518  C CZ  . ARG A 1 66  ? -14.248 -1.401  0.594   1.00 18.08 ? 67  ARG A CZ  1 
ATOM   519  N NH1 . ARG A 1 66  ? -14.133 -0.076  0.546   1.00 17.33 ? 67  ARG A NH1 1 
ATOM   520  N NH2 . ARG A 1 66  ? -14.032 -2.119  -0.501  1.00 16.89 ? 67  ARG A NH2 1 
ATOM   521  N N   . GLU A 1 67  ? -14.093 -4.921  6.673   1.00 16.00 ? 68  GLU A N   1 
ATOM   522  C CA  . GLU A 1 67  ? -14.552 -6.269  6.992   1.00 15.22 ? 68  GLU A CA  1 
ATOM   523  C C   . GLU A 1 67  ? -16.072 -6.274  6.971   1.00 18.19 ? 68  GLU A C   1 
ATOM   524  O O   . GLU A 1 67  ? -16.707 -5.438  7.625   1.00 19.20 ? 68  GLU A O   1 
ATOM   525  C CB  . GLU A 1 67  ? -14.013 -6.735  8.367   1.00 19.41 ? 68  GLU A CB  1 
ATOM   526  C CG  . GLU A 1 67  ? -12.490 -6.616  8.500   1.00 21.72 ? 68  GLU A CG  1 
ATOM   527  C CD  . GLU A 1 67  ? -11.952 -7.102  9.831   1.00 26.81 ? 68  GLU A CD  1 
ATOM   528  O OE1 . GLU A 1 67  ? -10.727 -6.978  10.049  1.00 26.39 ? 68  GLU A OE1 1 
ATOM   529  O OE2 . GLU A 1 67  ? -12.744 -7.607  10.654  1.00 30.70 ? 68  GLU A OE2 1 
ATOM   530  N N   . PHE A 1 68  ? -16.653 -7.222  6.233   1.00 17.17 ? 69  PHE A N   1 
ATOM   531  C CA  . PHE A 1 68  ? -18.099 -7.265  5.997   1.00 18.88 ? 69  PHE A CA  1 
ATOM   532  C C   . PHE A 1 68  ? -18.614 -5.917  5.494   1.00 19.34 ? 69  PHE A C   1 
ATOM   533  O O   . PHE A 1 68  ? -19.730 -5.499  5.813   1.00 19.66 ? 69  PHE A O   1 
ATOM   534  C CB  . PHE A 1 68  ? -18.861 -7.709  7.251   1.00 19.51 ? 69  PHE A CB  1 
ATOM   535  C CG  . PHE A 1 68  ? -18.674 -9.171  7.587   1.00 16.80 ? 69  PHE A CG  1 
ATOM   536  C CD1 . PHE A 1 68  ? -19.494 -10.131 7.021   1.00 20.53 ? 69  PHE A CD1 1 
ATOM   537  C CD2 . PHE A 1 68  ? -17.681 -9.573  8.460   1.00 19.31 ? 69  PHE A CD2 1 
ATOM   538  C CE1 . PHE A 1 68  ? -19.323 -11.484 7.323   1.00 21.44 ? 69  PHE A CE1 1 
ATOM   539  C CE2 . PHE A 1 68  ? -17.499 -10.930 8.766   1.00 23.14 ? 69  PHE A CE2 1 
ATOM   540  C CZ  . PHE A 1 68  ? -18.327 -11.877 8.194   1.00 21.24 ? 69  PHE A CZ  1 
ATOM   541  N N   . GLY A 1 69  ? -17.789 -5.238  4.700   1.00 18.80 ? 70  GLY A N   1 
ATOM   542  C CA  . GLY A 1 69  ? -18.153 -3.972  4.099   1.00 18.71 ? 70  GLY A CA  1 
ATOM   543  C C   . GLY A 1 69  ? -18.021 -2.772  5.006   1.00 19.96 ? 70  GLY A C   1 
ATOM   544  O O   . GLY A 1 69  ? -18.448 -1.678  4.614   1.00 18.56 ? 70  GLY A O   1 
ATOM   545  N N   . ILE A 1 70  ? -17.434 -2.931  6.189   1.00 18.53 ? 71  ILE A N   1 
ATOM   546  C CA  . ILE A 1 70  ? -17.398 -1.892  7.216   1.00 15.72 ? 71  ILE A CA  1 
ATOM   547  C C   . ILE A 1 70  ? -15.944 -1.534  7.507   1.00 15.16 ? 71  ILE A C   1 
ATOM   548  O O   . ILE A 1 70  ? -15.118 -2.416  7.769   1.00 15.36 ? 71  ILE A O   1 
ATOM   549  C CB  . ILE A 1 70  ? -18.115 -2.360  8.498   1.00 18.72 ? 71  ILE A CB  1 
ATOM   550  C CG1 . ILE A 1 70  ? -19.589 -2.608  8.187   1.00 23.26 ? 71  ILE A CG1 1 
ATOM   551  C CG2 . ILE A 1 70  ? -17.972 -1.325  9.623   1.00 22.28 ? 71  ILE A CG2 1 
ATOM   552  C CD1 . ILE A 1 70  ? -20.240 -3.559  9.109   1.00 26.56 ? 71  ILE A CD1 1 
ATOM   553  N N   . TRP A 1 71  ? -15.629 -0.244  7.465   1.00 14.44 ? 72  TRP A N   1 
ATOM   554  C CA  . TRP A 1 71  ? -14.296 0.176   7.865   1.00 14.80 ? 72  TRP A CA  1 
ATOM   555  C C   . TRP A 1 71  ? -14.104 -0.007  9.371   1.00 16.95 ? 72  TRP A C   1 
ATOM   556  O O   . TRP A 1 71  ? -14.970 0.348   10.182  1.00 17.85 ? 72  TRP A O   1 
ATOM   557  C CB  . TRP A 1 71  ? -14.065 1.630   7.463   1.00 14.96 ? 72  TRP A CB  1 
ATOM   558  C CG  . TRP A 1 71  ? -13.875 1.807   5.966   1.00 15.21 ? 72  TRP A CG  1 
ATOM   559  C CD1 . TRP A 1 71  ? -14.767 2.338   5.080   1.00 17.26 ? 72  TRP A CD1 1 
ATOM   560  C CD2 . TRP A 1 71  ? -12.711 1.451   5.209   1.00 16.13 ? 72  TRP A CD2 1 
ATOM   561  N NE1 . TRP A 1 71  ? -14.227 2.327   3.802   1.00 16.55 ? 72  TRP A NE1 1 
ATOM   562  C CE2 . TRP A 1 71  ? -12.964 1.795   3.867   1.00 15.54 ? 72  TRP A CE2 1 
ATOM   563  C CE3 . TRP A 1 71  ? -11.477 0.881   5.542   1.00 17.33 ? 72  TRP A CE3 1 
ATOM   564  C CZ2 . TRP A 1 71  ? -12.027 1.585   2.855   1.00 17.30 ? 72  TRP A CZ2 1 
ATOM   565  C CZ3 . TRP A 1 71  ? -10.546 0.668   4.537   1.00 19.39 ? 72  TRP A CZ3 1 
ATOM   566  C CH2 . TRP A 1 71  ? -10.828 1.028   3.209   1.00 18.97 ? 72  TRP A CH2 1 
ATOM   567  N N   . MET A 1 72  ? -12.953 -0.544  9.743   1.00 14.74 ? 73  MET A N   1 
ATOM   568  C CA  . MET A 1 72  ? -12.673 -0.887  11.133  1.00 18.13 ? 73  MET A CA  1 
ATOM   569  C C   . MET A 1 72  ? -11.935 0.276   11.799  1.00 17.54 ? 73  MET A C   1 
ATOM   570  O O   . MET A 1 72  ? -12.079 1.434   11.388  1.00 18.91 ? 73  MET A O   1 
ATOM   571  C CB  . MET A 1 72  ? -11.925 -2.221  11.173  1.00 18.36 ? 73  MET A CB  1 
ATOM   572  C CG  . MET A 1 72  ? -12.697 -3.372  10.524  1.00 19.21 ? 73  MET A CG  1 
ATOM   573  S SD  . MET A 1 72  ? -14.243 -3.772  11.386  1.00 25.66 ? 73  MET A SD  1 
ATOM   574  C CE  . MET A 1 72  ? -13.619 -4.539  12.863  1.00 34.83 ? 73  MET A CE  1 
ATOM   575  N N   . LEU A 1 73  ? -11.183 -0.001  12.864  1.00 22.83 ? 74  LEU A N   1 
ATOM   576  C CA  . LEU A 1 73  ? -10.567 1.072   13.640  1.00 25.76 ? 74  LEU A CA  1 
ATOM   577  C C   . LEU A 1 73  ? -9.313  1.561   12.931  1.00 20.41 ? 74  LEU A C   1 
ATOM   578  O O   . LEU A 1 73  ? -8.369  0.798   12.712  1.00 21.45 ? 74  LEU A O   1 
ATOM   579  C CB  . LEU A 1 73  ? -10.241 0.614   15.060  1.00 26.01 ? 74  LEU A CB  1 
ATOM   580  C CG  . LEU A 1 73  ? -9.928  1.783   16.007  1.00 24.61 ? 74  LEU A CG  1 
ATOM   581  C CD1 . LEU A 1 73  ? -11.060 2.806   16.025  1.00 30.76 ? 74  LEU A CD1 1 
ATOM   582  C CD2 . LEU A 1 73  ? -9.652  1.280   17.402  1.00 32.47 ? 74  LEU A CD2 1 
ATOM   583  N N   . GLU A 1 74  ? -9.312  2.838   12.578  1.00 17.81 ? 75  GLU A N   1 
ATOM   584  C CA  . GLU A 1 74  ? -8.224  3.438   11.826  1.00 17.29 ? 75  GLU A CA  1 
ATOM   585  C C   . GLU A 1 74  ? -6.945  3.527   12.652  1.00 20.51 ? 75  GLU A C   1 
ATOM   586  O O   . GLU A 1 74  ? -6.968  3.860   13.844  1.00 21.75 ? 75  GLU A O   1 
ATOM   587  C CB  . GLU A 1 74  ? -8.674  4.825   11.359  1.00 22.16 ? 75  GLU A CB  1 
ATOM   588  C CG  . GLU A 1 74  ? -7.658  5.663   10.647  1.00 25.23 ? 75  GLU A CG  1 
ATOM   589  C CD  . GLU A 1 74  ? -8.299  6.929   10.099  1.00 34.04 ? 75  GLU A CD  1 
ATOM   590  O OE1 . GLU A 1 74  ? -9.099  6.834   9.136   1.00 33.75 ? 75  GLU A OE1 1 
ATOM   591  O OE2 . GLU A 1 74  ? -8.025  8.016   10.647  1.00 30.88 ? 75  GLU A OE2 1 
ATOM   592  N N   . GLU A 1 75  ? -5.819  3.226   12.005  1.00 19.26 ? 76  GLU A N   1 
ATOM   593  C CA  . GLU A 1 75  ? -4.483  3.353   12.567  1.00 16.44 ? 76  GLU A CA  1 
ATOM   594  C C   . GLU A 1 75  ? -3.719  4.427   11.803  1.00 22.82 ? 76  GLU A C   1 
ATOM   595  O O   . GLU A 1 75  ? -3.967  4.645   10.617  1.00 21.84 ? 76  GLU A O   1 
ATOM   596  C CB  . GLU A 1 75  ? -3.741  2.016   12.500  1.00 21.75 ? 76  GLU A CB  1 
ATOM   597  C CG  . GLU A 1 75  ? -4.454  0.919   13.284  1.00 21.08 ? 76  GLU A CG  1 
ATOM   598  C CD  . GLU A 1 75  ? -3.829  -0.453  13.106  1.00 24.50 ? 76  GLU A CD  1 
ATOM   599  O OE1 . GLU A 1 75  ? -2.587  -0.541  13.144  1.00 25.88 ? 76  GLU A OE1 1 
ATOM   600  O OE2 . GLU A 1 75  ? -4.584  -1.433  12.932  1.00 24.83 ? 76  GLU A OE2 1 
ATOM   601  N N   . THR A 1 76  ? -2.801  5.120   12.479  1.00 23.13 ? 77  THR A N   1 
ATOM   602  C CA  . THR A 1 76  ? -2.084  6.210   11.825  1.00 21.58 ? 77  THR A CA  1 
ATOM   603  C C   . THR A 1 76  ? -0.636  6.252   12.286  1.00 25.66 ? 77  THR A C   1 
ATOM   604  O O   . THR A 1 76  ? -0.289  5.769   13.366  1.00 27.56 ? 77  THR A O   1 
ATOM   605  C CB  . THR A 1 76  ? -2.719  7.589   12.094  1.00 26.43 ? 77  THR A CB  1 
ATOM   606  O OG1 . THR A 1 76  ? -2.692  7.857   13.500  1.00 30.68 ? 77  THR A OG1 1 
ATOM   607  C CG2 . THR A 1 76  ? -4.159  7.675   11.585  1.00 31.46 ? 77  THR A CG2 1 
ATOM   608  N N   . THR A 1 77  ? 0.212   6.849   11.449  1.00 26.47 ? 78  THR A N   1 
ATOM   609  C CA  . THR A 1 77  ? 1.540   7.259   11.878  1.00 26.63 ? 78  THR A CA  1 
ATOM   610  C C   . THR A 1 77  ? 1.932   8.523   11.127  1.00 25.65 ? 78  THR A C   1 
ATOM   611  O O   . THR A 1 77  ? 1.542   8.723   9.975   1.00 26.27 ? 78  THR A O   1 
ATOM   612  C CB  . THR A 1 77  ? 2.608   6.178   11.663  1.00 25.48 ? 78  THR A CB  1 
ATOM   613  O OG1 . THR A 1 77  ? 3.873   6.700   12.084  1.00 30.49 ? 78  THR A OG1 1 
ATOM   614  C CG2 . THR A 1 77  ? 2.709   5.782   10.184  1.00 26.66 ? 78  THR A CG2 1 
ATOM   615  N N   . ASP A 1 78  ? 2.686   9.385   11.806  1.00 29.60 ? 79  ASP A N   1 
ATOM   616  C CA  . ASP A 1 78  ? 3.190   10.611  11.203  1.00 31.16 ? 79  ASP A CA  1 
ATOM   617  C C   . ASP A 1 78  ? 4.560   10.434  10.566  1.00 31.21 ? 79  ASP A C   1 
ATOM   618  O O   . ASP A 1 78  ? 5.121   11.412  10.061  1.00 36.84 ? 79  ASP A O   1 
ATOM   619  C CB  . ASP A 1 78  ? 3.252   11.735  12.243  1.00 37.62 ? 79  ASP A CB  1 
ATOM   620  C CG  . ASP A 1 78  ? 1.908   12.014  12.883  1.00 46.20 ? 79  ASP A CG  1 
ATOM   621  O OD1 . ASP A 1 78  ? 0.896   12.024  12.154  1.00 53.84 ? 79  ASP A OD1 1 
ATOM   622  O OD2 . ASP A 1 78  ? 1.862   12.236  14.113  1.00 57.58 ? 79  ASP A OD2 1 
ATOM   623  N N   . TYR A 1 79  ? 5.100   9.217   10.565  1.00 31.40 ? 80  TYR A N   1 
ATOM   624  C CA  . TYR A 1 79  ? 6.404   8.934   9.970   1.00 30.82 ? 80  TYR A CA  1 
ATOM   625  C C   . TYR A 1 79  ? 6.200   8.668   8.484   1.00 32.87 ? 80  TYR A C   1 
ATOM   626  O O   . TYR A 1 79  ? 5.793   7.573   8.085   1.00 32.28 ? 80  TYR A O   1 
ATOM   627  C CB  . TYR A 1 79  ? 7.065   7.747   10.660  1.00 35.79 ? 80  TYR A CB  1 
ATOM   628  C CG  . TYR A 1 79  ? 8.545   7.622   10.383  1.00 35.90 ? 80  TYR A CG  1 
ATOM   629  C CD1 . TYR A 1 79  ? 9.244   6.475   10.742  1.00 39.36 ? 80  TYR A CD1 1 
ATOM   630  C CD2 . TYR A 1 79  ? 9.246   8.651   9.767   1.00 41.79 ? 80  TYR A CD2 1 
ATOM   631  C CE1 . TYR A 1 79  ? 10.599  6.356   10.493  1.00 41.29 ? 80  TYR A CE1 1 
ATOM   632  C CE2 . TYR A 1 79  ? 10.600  8.542   9.513   1.00 44.14 ? 80  TYR A CE2 1 
ATOM   633  C CZ  . TYR A 1 79  ? 11.269  7.394   9.881   1.00 43.17 ? 80  TYR A CZ  1 
ATOM   634  O OH  . TYR A 1 79  ? 12.619  7.283   9.629   1.00 52.86 ? 80  TYR A OH  1 
ATOM   635  N N   . VAL A 1 80  ? 6.473   9.671   7.660   1.00 32.31 ? 81  VAL A N   1 
ATOM   636  C CA  . VAL A 1 80  ? 6.280   9.542   6.218   1.00 30.67 ? 81  VAL A CA  1 
ATOM   637  C C   . VAL A 1 80  ? 7.543   10.018  5.505   1.00 26.53 ? 81  VAL A C   1 
ATOM   638  O O   . VAL A 1 80  ? 7.540   11.085  4.874   1.00 27.87 ? 81  VAL A O   1 
ATOM   639  C CB  . VAL A 1 80  ? 5.026   10.306  5.755   1.00 31.16 ? 81  VAL A CB  1 
ATOM   640  C CG1 . VAL A 1 80  ? 3.776   9.488   6.053   1.00 34.17 ? 81  VAL A CG1 1 
ATOM   641  C CG2 . VAL A 1 80  ? 4.933   11.658  6.431   1.00 32.08 ? 81  VAL A CG2 1 
ATOM   642  N N   . PRO A 1 81  ? 8.640   9.247   5.555   1.00 28.56 ? 82  PRO A N   1 
ATOM   643  C CA  . PRO A 1 81  ? 9.929   9.692   5.012   1.00 28.63 ? 82  PRO A CA  1 
ATOM   644  C C   . PRO A 1 81  ? 10.026  9.644   3.485   1.00 28.75 ? 82  PRO A C   1 
ATOM   645  O O   . PRO A 1 81  ? 10.962  9.080   2.916   1.00 29.23 ? 82  PRO A O   1 
ATOM   646  C CB  . PRO A 1 81  ? 10.923  8.728   5.671   1.00 32.75 ? 82  PRO A CB  1 
ATOM   647  C CG  . PRO A 1 81  ? 10.143  7.481   5.889   1.00 32.55 ? 82  PRO A CG  1 
ATOM   648  C CD  . PRO A 1 81  ? 8.721   7.901   6.156   1.00 31.82 ? 82  PRO A CD  1 
ATOM   649  N N   . PHE A 1 82  ? 9.035   10.223  2.816   1.00 25.37 ? 83  PHE A N   1 
ATOM   650  C CA  . PHE A 1 82  ? 9.075   10.425  1.375   1.00 25.91 ? 83  PHE A CA  1 
ATOM   651  C C   . PHE A 1 82  ? 9.715   11.772  1.060   1.00 27.45 ? 83  PHE A C   1 
ATOM   652  O O   . PHE A 1 82  ? 9.594   12.728  1.827   1.00 34.09 ? 83  PHE A O   1 
ATOM   653  C CB  . PHE A 1 82  ? 7.671   10.389  0.762   1.00 26.74 ? 83  PHE A CB  1 
ATOM   654  C CG  . PHE A 1 82  ? 6.970   9.061   0.858   1.00 22.76 ? 83  PHE A CG  1 
ATOM   655  C CD1 . PHE A 1 82  ? 6.158   8.758   1.938   1.00 24.96 ? 83  PHE A CD1 1 
ATOM   656  C CD2 . PHE A 1 82  ? 7.093   8.126   -0.165  1.00 25.48 ? 83  PHE A CD2 1 
ATOM   657  C CE1 . PHE A 1 82  ? 5.496   7.542   2.004   1.00 24.97 ? 83  PHE A CE1 1 
ATOM   658  C CE2 . PHE A 1 82  ? 6.434   6.912   -0.105  1.00 23.75 ? 83  PHE A CE2 1 
ATOM   659  C CZ  . PHE A 1 82  ? 5.631   6.615   0.981   1.00 22.38 ? 83  PHE A CZ  1 
ATOM   660  N N   . GLU A 1 83  ? 10.391  11.846  -0.086  1.00 26.27 ? 84  GLU A N   1 
ATOM   661  C CA  . GLU A 1 83  ? 11.055  13.071  -0.518  1.00 27.98 ? 84  GLU A CA  1 
ATOM   662  C C   . GLU A 1 83  ? 10.215  13.772  -1.577  1.00 27.69 ? 84  GLU A C   1 
ATOM   663  O O   . GLU A 1 83  ? 9.767   13.142  -2.537  1.00 27.72 ? 84  GLU A O   1 
ATOM   664  C CB  . GLU A 1 83  ? 12.447  12.774  -1.070  1.00 32.75 ? 84  GLU A CB  1 
ATOM   665  C CG  . GLU A 1 83  ? 13.382  12.096  -0.078  1.00 42.43 ? 84  GLU A CG  1 
ATOM   666  C CD  . GLU A 1 83  ? 14.313  13.079  0.607   1.00 55.86 ? 84  GLU A CD  1 
ATOM   667  O OE1 . GLU A 1 83  ? 15.410  13.328  0.063   1.00 61.79 ? 84  GLU A OE1 1 
ATOM   668  O OE2 . GLU A 1 83  ? 13.946  13.600  1.685   1.00 59.90 ? 84  GLU A OE2 1 
ATOM   669  N N   . ASP A 1 84  ? 10.010  15.077  -1.392  1.00 26.12 ? 85  ASP A N   1 
ATOM   670  C CA  . ASP A 1 84  ? 9.272   15.895  -2.347  1.00 26.71 ? 85  ASP A CA  1 
ATOM   671  C C   . ASP A 1 84  ? 9.889   15.776  -3.733  1.00 27.83 ? 85  ASP A C   1 
ATOM   672  O O   . ASP A 1 84  ? 11.079  16.047  -3.912  1.00 29.50 ? 85  ASP A O   1 
ATOM   673  C CB  . ASP A 1 84  ? 9.286   17.349  -1.867  1.00 25.80 ? 85  ASP A CB  1 
ATOM   674  C CG  . ASP A 1 84  ? 8.097   18.159  -2.364  1.00 26.64 ? 85  ASP A CG  1 
ATOM   675  O OD1 . ASP A 1 84  ? 7.408   17.728  -3.308  1.00 24.41 ? 85  ASP A OD1 1 
ATOM   676  O OD2 . ASP A 1 84  ? 7.878   19.261  -1.811  1.00 32.52 ? 85  ASP A OD2 1 
ATOM   677  N N   . GLY A 1 85  ? 9.088   15.340  -4.710  1.00 25.92 ? 86  GLY A N   1 
ATOM   678  C CA  . GLY A 1 85  ? 9.467   15.353  -6.108  1.00 27.33 ? 86  GLY A CA  1 
ATOM   679  C C   . GLY A 1 85  ? 10.237  14.150  -6.617  1.00 29.87 ? 86  GLY A C   1 
ATOM   680  O O   . GLY A 1 85  ? 10.491  14.070  -7.827  1.00 33.07 ? 86  GLY A O   1 
ATOM   681  N N   . LYS A 1 86  ? 10.607  13.210  -5.755  1.00 30.01 ? 87  LYS A N   1 
ATOM   682  C CA  . LYS A 1 86  ? 11.536  12.154  -6.131  1.00 28.49 ? 87  LYS A CA  1 
ATOM   683  C C   . LYS A 1 86  ? 10.839  10.803  -6.202  1.00 28.30 ? 87  LYS A C   1 
ATOM   684  O O   . LYS A 1 86  ? 9.773   10.595  -5.615  1.00 25.97 ? 87  LYS A O   1 
ATOM   685  C CB  . LYS A 1 86  ? 12.703  12.075  -5.138  1.00 30.87 ? 87  LYS A CB  1 
ATOM   686  C CG  . LYS A 1 86  ? 13.468  13.378  -4.985  1.00 33.88 ? 87  LYS A CG  1 
ATOM   687  C CD  . LYS A 1 86  ? 13.886  13.931  -6.338  1.00 39.51 ? 87  LYS A CD  1 
ATOM   688  C CE  . LYS A 1 86  ? 14.420  15.350  -6.213  1.00 42.29 ? 87  LYS A CE  1 
ATOM   689  N NZ  . LYS A 1 86  ? 15.541  15.436  -5.233  1.00 48.73 ? 87  LYS A NZ  1 
ATOM   690  N N   . GLN A 1 87  ? 11.458  9.877   -6.934  1.00 24.79 ? 88  GLN A N   1 
ATOM   691  C CA  . GLN A 1 87  ? 10.962  8.507   -6.943  1.00 25.00 ? 88  GLN A CA  1 
ATOM   692  C C   . GLN A 1 87  ? 11.094  7.891   -5.558  1.00 28.11 ? 88  GLN A C   1 
ATOM   693  O O   . GLN A 1 87  ? 12.102  8.075   -4.868  1.00 27.64 ? 88  GLN A O   1 
ATOM   694  C CB  . GLN A 1 87  ? 11.710  7.648   -7.966  1.00 26.60 ? 88  GLN A CB  1 
ATOM   695  C CG  . GLN A 1 87  ? 11.128  6.243   -8.056  1.00 25.48 ? 88  GLN A CG  1 
ATOM   696  C CD  . GLN A 1 87  ? 11.733  5.406   -9.168  1.00 28.51 ? 88  GLN A CD  1 
ATOM   697  O OE1 . GLN A 1 87  ? 11.386  5.568   -10.335 1.00 34.37 ? 88  GLN A OE1 1 
ATOM   698  N NE2 . GLN A 1 87  ? 12.622  4.493   -8.803  1.00 32.00 ? 88  GLN A NE2 1 
ATOM   699  N N   . PHE A 1 88  ? 10.061  7.165   -5.146  1.00 22.16 ? 89  PHE A N   1 
ATOM   700  C CA  . PHE A 1 88  ? 10.071  6.432   -3.892  1.00 24.14 ? 89  PHE A CA  1 
ATOM   701  C C   . PHE A 1 88  ? 10.062  4.933   -4.167  1.00 21.61 ? 89  PHE A C   1 
ATOM   702  O O   . PHE A 1 88  ? 9.718   4.472   -5.261  1.00 21.95 ? 89  PHE A O   1 
ATOM   703  C CB  . PHE A 1 88  ? 8.862   6.801   -3.018  1.00 22.38 ? 89  PHE A CB  1 
ATOM   704  C CG  . PHE A 1 88  ? 7.539   6.580   -3.702  1.00 22.61 ? 89  PHE A CG  1 
ATOM   705  C CD1 . PHE A 1 88  ? 6.997   5.303   -3.799  1.00 21.76 ? 89  PHE A CD1 1 
ATOM   706  C CD2 . PHE A 1 88  ? 6.846   7.642   -4.258  1.00 21.52 ? 89  PHE A CD2 1 
ATOM   707  C CE1 . PHE A 1 88  ? 5.802   5.084   -4.448  1.00 21.16 ? 89  PHE A CE1 1 
ATOM   708  C CE2 . PHE A 1 88  ? 5.646   7.433   -4.911  1.00 22.31 ? 89  PHE A CE2 1 
ATOM   709  C CZ  . PHE A 1 88  ? 5.118   6.150   -4.999  1.00 21.86 ? 89  PHE A CZ  1 
ATOM   710  N N   . GLU A 1 89  ? 10.425  4.175   -3.141  1.00 22.63 ? 90  GLU A N   1 
ATOM   711  C CA  . GLU A 1 89  ? 10.286  2.726   -3.133  1.00 24.75 ? 90  GLU A CA  1 
ATOM   712  C C   . GLU A 1 89  ? 9.457   2.358   -1.914  1.00 24.59 ? 90  GLU A C   1 
ATOM   713  O O   . GLU A 1 89  ? 9.837   2.679   -0.783  1.00 28.32 ? 90  GLU A O   1 
ATOM   714  C CB  . GLU A 1 89  ? 11.651  2.038   -3.100  1.00 24.98 ? 90  GLU A CB  1 
ATOM   715  C CG  . GLU A 1 89  ? 11.588  0.536   -3.277  1.00 32.49 ? 90  GLU A CG  1 
ATOM   716  C CD  . GLU A 1 89  ? 12.970  -0.094  -3.344  1.00 40.74 ? 90  GLU A CD  1 
ATOM   717  O OE1 . GLU A 1 89  ? 13.969  0.656   -3.424  1.00 46.76 ? 90  GLU A OE1 1 
ATOM   718  O OE2 . GLU A 1 89  ? 13.053  -1.337  -3.339  1.00 43.90 ? 90  GLU A OE2 1 
ATOM   719  N N   . LEU A 1 90  ? 8.304   1.738   -2.141  1.00 21.40 ? 91  LEU A N   1 
ATOM   720  C CA  . LEU A 1 90  ? 7.413   1.329   -1.059  1.00 22.61 ? 91  LEU A CA  1 
ATOM   721  C C   . LEU A 1 90  ? 7.401   -0.194  -1.014  1.00 22.30 ? 91  LEU A C   1 
ATOM   722  O O   . LEU A 1 90  ? 7.000   -0.842  -1.987  1.00 23.72 ? 91  LEU A O   1 
ATOM   723  C CB  . LEU A 1 90  ? 6.002   1.889   -1.264  1.00 20.24 ? 91  LEU A CB  1 
ATOM   724  C CG  . LEU A 1 90  ? 4.947   1.447   -0.245  1.00 22.82 ? 91  LEU A CG  1 
ATOM   725  C CD1 . LEU A 1 90  ? 5.250   1.982   1.150   1.00 24.36 ? 91  LEU A CD1 1 
ATOM   726  C CD2 . LEU A 1 90  ? 3.560   1.874   -0.696  1.00 24.22 ? 91  LEU A CD2 1 
ATOM   727  N N   . CYS A 1 91  ? 7.866   -0.765  0.096   1.00 20.22 ? 92  CYS A N   1 
ATOM   728  C CA  . CYS A 1 91  ? 7.963   -2.210  0.250   1.00 23.01 ? 92  CYS A CA  1 
ATOM   729  C C   . CYS A 1 91  ? 6.975   -2.663  1.309   1.00 24.62 ? 92  CYS A C   1 
ATOM   730  O O   . CYS A 1 91  ? 6.959   -2.119  2.419   1.00 26.41 ? 92  CYS A O   1 
ATOM   731  C CB  . CYS A 1 91  ? 9.375   -2.641  0.646   1.00 27.43 ? 92  CYS A CB  1 
ATOM   732  S SG  . CYS A 1 91  ? 10.646  -2.352  -0.596  1.00 39.00 ? 92  CYS A SG  1 
ATOM   733  N N   . ILE A 1 92  ? 6.149   -3.644  0.969   1.00 20.15 ? 93  ILE A N   1 
ATOM   734  C CA  . ILE A 1 92  ? 5.236   -4.250  1.926   1.00 20.64 ? 93  ILE A CA  1 
ATOM   735  C C   . ILE A 1 92  ? 5.589   -5.728  2.019   1.00 20.06 ? 93  ILE A C   1 
ATOM   736  O O   . ILE A 1 92  ? 5.394   -6.490  1.060   1.00 22.25 ? 93  ILE A O   1 
ATOM   737  C CB  . ILE A 1 92  ? 3.768   -4.042  1.543   1.00 20.50 ? 93  ILE A CB  1 
ATOM   738  C CG1 . ILE A 1 92  ? 3.485   -2.546  1.385   1.00 20.41 ? 93  ILE A CG1 1 
ATOM   739  C CG2 . ILE A 1 92  ? 2.872   -4.638  2.618   1.00 20.33 ? 93  ILE A CG2 1 
ATOM   740  C CD1 . ILE A 1 92  ? 2.190   -2.246  0.686   1.00 25.19 ? 93  ILE A CD1 1 
ATOM   741  N N   . TYR A 1 93  ? 6.114   -6.129  3.168   1.00 19.14 ? 94  TYR A N   1 
ATOM   742  C CA  . TYR A 1 93  ? 6.555   -7.497  3.392   1.00 20.81 ? 94  TYR A CA  1 
ATOM   743  C C   . TYR A 1 93  ? 5.520   -8.233  4.231   1.00 22.82 ? 94  TYR A C   1 
ATOM   744  O O   . TYR A 1 93  ? 5.089   -7.734  5.278   1.00 22.70 ? 94  TYR A O   1 
ATOM   745  C CB  . TYR A 1 93  ? 7.917   -7.517  4.083   1.00 23.63 ? 94  TYR A CB  1 
ATOM   746  C CG  . TYR A 1 93  ? 8.564   -8.875  4.048   1.00 35.26 ? 94  TYR A CG  1 
ATOM   747  C CD1 . TYR A 1 93  ? 9.401   -9.237  3.004   1.00 35.43 ? 94  TYR A CD1 1 
ATOM   748  C CD2 . TYR A 1 93  ? 8.324   -9.800  5.052   1.00 32.41 ? 94  TYR A CD2 1 
ATOM   749  C CE1 . TYR A 1 93  ? 9.994   -10.480 2.963   1.00 37.10 ? 94  TYR A CE1 1 
ATOM   750  C CE2 . TYR A 1 93  ? 8.915   -11.052 5.024   1.00 34.32 ? 94  TYR A CE2 1 
ATOM   751  C CZ  . TYR A 1 93  ? 9.750   -11.384 3.973   1.00 40.93 ? 94  TYR A CZ  1 
ATOM   752  O OH  . TYR A 1 93  ? 10.344  -12.626 3.934   1.00 40.56 ? 94  TYR A OH  1 
ATOM   753  N N   . VAL A 1 94  ? 5.126   -9.416  3.772   1.00 21.13 ? 95  VAL A N   1 
ATOM   754  C CA  . VAL A 1 94  ? 4.112   -10.220 4.444   1.00 19.67 ? 95  VAL A CA  1 
ATOM   755  C C   . VAL A 1 94  ? 4.829   -11.129 5.435   1.00 23.56 ? 95  VAL A C   1 
ATOM   756  O O   . VAL A 1 94  ? 5.422   -12.136 5.050   1.00 23.62 ? 95  VAL A O   1 
ATOM   757  C CB  . VAL A 1 94  ? 3.284   -11.031 3.447   1.00 18.39 ? 95  VAL A CB  1 
ATOM   758  C CG1 . VAL A 1 94  ? 2.148   -11.737 4.167   1.00 20.97 ? 95  VAL A CG1 1 
ATOM   759  C CG2 . VAL A 1 94  ? 2.744   -10.135 2.372   1.00 20.34 ? 95  VAL A CG2 1 
ATOM   760  N N   . HIS A 1 95  ? 4.763   -10.777 6.716   1.00 19.86 ? 96  HIS A N   1 
ATOM   761  C CA  . HIS A 1 95  ? 5.204   -11.648 7.796   1.00 21.26 ? 96  HIS A CA  1 
ATOM   762  C C   . HIS A 1 95  ? 4.038   -12.494 8.312   1.00 20.30 ? 96  HIS A C   1 
ATOM   763  O O   . HIS A 1 95  ? 2.877   -12.285 7.965   1.00 21.41 ? 96  HIS A O   1 
ATOM   764  C CB  . HIS A 1 95  ? 5.800   -10.835 8.944   1.00 24.02 ? 96  HIS A CB  1 
ATOM   765  C CG  . HIS A 1 95  ? 7.022   -10.055 8.578   1.00 31.90 ? 96  HIS A CG  1 
ATOM   766  N ND1 . HIS A 1 95  ? 8.252   -10.646 8.377   1.00 37.47 ? 96  HIS A ND1 1 
ATOM   767  C CD2 . HIS A 1 95  ? 7.208   -8.727  8.394   1.00 30.94 ? 96  HIS A CD2 1 
ATOM   768  C CE1 . HIS A 1 95  ? 9.141   -9.714  8.079   1.00 39.54 ? 96  HIS A CE1 1 
ATOM   769  N NE2 . HIS A 1 95  ? 8.531   -8.541  8.073   1.00 33.99 ? 96  HIS A NE2 1 
ATOM   770  N N   . TYR A 1 96  ? 4.357   -13.466 9.169   1.00 22.43 ? 97  TYR A N   1 
ATOM   771  C CA  . TYR A 1 96  ? 3.312   -14.364 9.654   1.00 22.21 ? 97  TYR A CA  1 
ATOM   772  C C   . TYR A 1 96  ? 2.258   -13.621 10.463  1.00 19.65 ? 97  TYR A C   1 
ATOM   773  O O   . TYR A 1 96  ? 1.092   -14.029 10.483  1.00 22.23 ? 97  TYR A O   1 
ATOM   774  C CB  . TYR A 1 96  ? 3.919   -15.489 10.497  1.00 28.31 ? 97  TYR A CB  1 
ATOM   775  C CG  . TYR A 1 96  ? 4.295   -15.060 11.896  1.00 27.92 ? 97  TYR A CG  1 
ATOM   776  C CD1 . TYR A 1 96  ? 5.412   -14.266 12.119  1.00 31.53 ? 97  TYR A CD1 1 
ATOM   777  C CD2 . TYR A 1 96  ? 3.512   -15.417 12.992  1.00 28.06 ? 97  TYR A CD2 1 
ATOM   778  C CE1 . TYR A 1 96  ? 5.761   -13.858 13.401  1.00 30.62 ? 97  TYR A CE1 1 
ATOM   779  C CE2 . TYR A 1 96  ? 3.857   -15.015 14.285  1.00 30.88 ? 97  TYR A CE2 1 
ATOM   780  C CZ  . TYR A 1 96  ? 4.981   -14.230 14.476  1.00 29.54 ? 97  TYR A CZ  1 
ATOM   781  O OH  . TYR A 1 96  ? 5.351   -13.818 15.738  1.00 34.56 ? 97  TYR A OH  1 
ATOM   782  N N   . ASN A 1 97  ? 2.640   -12.520 11.111  1.00 21.73 ? 98  ASN A N   1 
ATOM   783  C CA  . ASN A 1 97  ? 1.734   -11.792 11.984  1.00 20.43 ? 98  ASN A CA  1 
ATOM   784  C C   . ASN A 1 97  ? 1.331   -10.424 11.460  1.00 21.02 ? 98  ASN A C   1 
ATOM   785  O O   . ASN A 1 97  ? 0.318   -9.879  11.918  1.00 18.73 ? 98  ASN A O   1 
ATOM   786  C CB  . ASN A 1 97  ? 2.365   -11.595 13.370  1.00 20.74 ? 98  ASN A CB  1 
ATOM   787  C CG  . ASN A 1 97  ? 1.386   -11.016 14.359  1.00 30.58 ? 98  ASN A CG  1 
ATOM   788  O OD1 . ASN A 1 97  ? 0.265   -11.516 14.494  1.00 33.75 ? 98  ASN A OD1 1 
ATOM   789  N ND2 . ASN A 1 97  ? 1.777   -9.932  15.027  1.00 30.49 ? 98  ASN A ND2 1 
ATOM   790  N N   . GLU A 1 98  ? 2.086   -9.855  10.526  1.00 21.27 ? 99  GLU A N   1 
ATOM   791  C CA  . GLU A 1 98  ? 1.870   -8.462  10.165  1.00 20.12 ? 99  GLU A CA  1 
ATOM   792  C C   . GLU A 1 98  ? 2.328   -8.235  8.738   1.00 21.34 ? 99  GLU A C   1 
ATOM   793  O O   . GLU A 1 98  ? 3.073   -9.037  8.175   1.00 20.10 ? 99  GLU A O   1 
ATOM   794  C CB  . GLU A 1 98  ? 2.650   -7.517  11.085  1.00 20.41 ? 99  GLU A CB  1 
ATOM   795  C CG  . GLU A 1 98  ? 4.158   -7.621  10.848  1.00 22.37 ? 99  GLU A CG  1 
ATOM   796  C CD  . GLU A 1 98  ? 4.982   -6.678  11.705  1.00 35.98 ? 99  GLU A CD  1 
ATOM   797  O OE1 . GLU A 1 98  ? 4.600   -6.429  12.868  1.00 34.28 ? 99  GLU A OE1 1 
ATOM   798  O OE2 . GLU A 1 98  ? 6.023   -6.189  11.210  1.00 38.39 ? 99  GLU A OE2 1 
ATOM   799  N N   . TYR A 1 99  ? 1.895   -7.109  8.174   1.00 17.28 ? 100 TYR A N   1 
ATOM   800  C CA  . TYR A 1 99  ? 2.550   -6.521  7.010   1.00 18.32 ? 100 TYR A CA  1 
ATOM   801  C C   . TYR A 1 99  ? 3.558   -5.497  7.519   1.00 22.23 ? 100 TYR A C   1 
ATOM   802  O O   . TYR A 1 99  ? 3.186   -4.569  8.245   1.00 22.66 ? 100 TYR A O   1 
ATOM   803  C CB  . TYR A 1 99  ? 1.555   -5.822  6.078   1.00 17.10 ? 100 TYR A CB  1 
ATOM   804  C CG  . TYR A 1 99  ? 0.429   -6.659  5.533   1.00 17.06 ? 100 TYR A CG  1 
ATOM   805  C CD1 . TYR A 1 99  ? 0.623   -7.486  4.432   1.00 21.08 ? 100 TYR A CD1 1 
ATOM   806  C CD2 . TYR A 1 99  ? -0.841  -6.597  6.091   1.00 15.93 ? 100 TYR A CD2 1 
ATOM   807  C CE1 . TYR A 1 99  ? -0.404  -8.237  3.918   1.00 19.49 ? 100 TYR A CE1 1 
ATOM   808  C CE2 . TYR A 1 99  ? -1.881  -7.343  5.583   1.00 15.70 ? 100 TYR A CE2 1 
ATOM   809  C CZ  . TYR A 1 99  ? -1.654  -8.163  4.492   1.00 17.72 ? 100 TYR A CZ  1 
ATOM   810  O OH  . TYR A 1 99  ? -2.684  -8.915  3.982   1.00 20.80 ? 100 TYR A OH  1 
ATOM   811  N N   . GLU A 1 100 ? 4.823   -5.657  7.152   1.00 21.63 ? 101 GLU A N   1 
ATOM   812  C CA  . GLU A 1 100 ? 5.832   -4.660  7.476   1.00 21.31 ? 101 GLU A CA  1 
ATOM   813  C C   . GLU A 1 100 ? 5.948   -3.672  6.327   1.00 20.74 ? 101 GLU A C   1 
ATOM   814  O O   . GLU A 1 100 ? 6.130   -4.082  5.177   1.00 21.99 ? 101 GLU A O   1 
ATOM   815  C CB  . GLU A 1 100 ? 7.188   -5.304  7.744   1.00 24.74 ? 101 GLU A CB  1 
ATOM   816  C CG  . GLU A 1 100 ? 8.308   -4.283  7.808   1.00 28.01 ? 101 GLU A CG  1 
ATOM   817  C CD  . GLU A 1 100 ? 9.648   -4.906  8.116   1.00 35.78 ? 101 GLU A CD  1 
ATOM   818  O OE1 . GLU A 1 100 ? 10.528  -4.182  8.622   1.00 41.47 ? 101 GLU A OE1 1 
ATOM   819  O OE2 . GLU A 1 100 ? 9.819   -6.117  7.858   1.00 37.02 ? 101 GLU A OE2 1 
ATOM   820  N N   . ILE A 1 101 ? 5.836   -2.381  6.636   1.00 21.65 ? 102 ILE A N   1 
ATOM   821  C CA  . ILE A 1 101 ? 5.807   -1.332  5.620   1.00 20.82 ? 102 ILE A CA  1 
ATOM   822  C C   . ILE A 1 101 ? 7.112   -0.555  5.692   1.00 22.47 ? 102 ILE A C   1 
ATOM   823  O O   . ILE A 1 101 ? 7.449   0.012   6.737   1.00 22.36 ? 102 ILE A O   1 
ATOM   824  C CB  . ILE A 1 101 ? 4.599   -0.398  5.800   1.00 22.67 ? 102 ILE A CB  1 
ATOM   825  C CG1 . ILE A 1 101 ? 3.294   -1.194  5.739   1.00 24.18 ? 102 ILE A CG1 1 
ATOM   826  C CG2 . ILE A 1 101 ? 4.592   0.677   4.728   1.00 23.93 ? 102 ILE A CG2 1 
ATOM   827  C CD1 . ILE A 1 101 ? 2.665   -1.427  7.076   1.00 27.87 ? 102 ILE A CD1 1 
ATOM   828  N N   . LYS A 1 102 ? 7.839   -0.524  4.583   1.00 22.67 ? 103 LYS A N   1 
ATOM   829  C CA  . LYS A 1 102 ? 9.083   0.220   4.479   1.00 22.19 ? 103 LYS A CA  1 
ATOM   830  C C   . LYS A 1 102 ? 8.967   1.262   3.378   1.00 22.44 ? 103 LYS A C   1 
ATOM   831  O O   . LYS A 1 102 ? 8.451   0.982   2.292   1.00 24.65 ? 103 LYS A O   1 
ATOM   832  C CB  . LYS A 1 102 ? 10.266  -0.697  4.186   1.00 25.98 ? 103 LYS A CB  1 
ATOM   833  C CG  . LYS A 1 102 ? 10.514  -1.731  5.257   1.00 29.63 ? 103 LYS A CG  1 
ATOM   834  C CD  . LYS A 1 102 ? 11.896  -2.344  5.086   1.00 37.60 ? 103 LYS A CD  1 
ATOM   835  C CE  . LYS A 1 102 ? 12.210  -3.308  6.215   1.00 41.08 ? 103 LYS A CE  1 
ATOM   836  N NZ  . LYS A 1 102 ? 13.361  -2.866  7.061   1.00 45.26 ? 103 LYS A NZ  1 
ATOM   837  N N   . VAL A 1 103 ? 9.450   2.461   3.669   1.00 22.82 ? 104 VAL A N   1 
ATOM   838  C CA  . VAL A 1 103 ? 9.485   3.558   2.714   1.00 24.87 ? 104 VAL A CA  1 
ATOM   839  C C   . VAL A 1 103 ? 10.944  3.915   2.500   1.00 25.07 ? 104 VAL A C   1 
ATOM   840  O O   . VAL A 1 103 ? 11.626  4.338   3.444   1.00 27.93 ? 104 VAL A O   1 
ATOM   841  C CB  . VAL A 1 103 ? 8.685   4.770   3.208   1.00 25.29 ? 104 VAL A CB  1 
ATOM   842  C CG1 . VAL A 1 103 ? 8.867   5.948   2.258   1.00 28.24 ? 104 VAL A CG1 1 
ATOM   843  C CG2 . VAL A 1 103 ? 7.215   4.401   3.354   1.00 26.65 ? 104 VAL A CG2 1 
ATOM   844  N N   . ASN A 1 104 ? 11.423  3.720   1.273   1.00 26.12 ? 105 ASN A N   1 
ATOM   845  C CA  . ASN A 1 104 ? 12.806  4.019   0.912   1.00 28.22 ? 105 ASN A CA  1 
ATOM   846  C C   . ASN A 1 104 ? 13.773  3.320   1.860   1.00 29.36 ? 105 ASN A C   1 
ATOM   847  O O   . ASN A 1 104 ? 14.757  3.900   2.321   1.00 29.12 ? 105 ASN A O   1 
ATOM   848  C CB  . ASN A 1 104 ? 13.044  5.530   0.875   1.00 28.71 ? 105 ASN A CB  1 
ATOM   849  C CG  . ASN A 1 104 ? 12.197  6.222   -0.183  1.00 27.36 ? 105 ASN A CG  1 
ATOM   850  O OD1 . ASN A 1 104 ? 11.942  5.659   -1.244  1.00 29.85 ? 105 ASN A OD1 1 
ATOM   851  N ND2 . ASN A 1 104 ? 11.767  7.447   0.098   1.00 27.30 ? 105 ASN A ND2 1 
ATOM   852  N N   . GLY A 1 105 ? 13.472  2.055   2.159   1.00 26.38 ? 106 GLY A N   1 
ATOM   853  C CA  . GLY A 1 105 ? 14.286  1.234   3.027   1.00 29.44 ? 106 GLY A CA  1 
ATOM   854  C C   . GLY A 1 105 ? 14.057  1.418   4.511   1.00 30.22 ? 106 GLY A C   1 
ATOM   855  O O   . GLY A 1 105 ? 14.709  0.730   5.304   1.00 32.13 ? 106 GLY A O   1 
ATOM   856  N N   . ILE A 1 106 ? 13.154  2.305   4.918   1.00 28.32 ? 107 ILE A N   1 
ATOM   857  C CA  . ILE A 1 106 ? 12.943  2.638   6.324   1.00 27.67 ? 107 ILE A CA  1 
ATOM   858  C C   . ILE A 1 106 ? 11.644  1.995   6.786   1.00 25.95 ? 107 ILE A C   1 
ATOM   859  O O   . ILE A 1 106 ? 10.581  2.264   6.217   1.00 25.04 ? 107 ILE A O   1 
ATOM   860  C CB  . ILE A 1 106 ? 12.892  4.158   6.539   1.00 28.29 ? 107 ILE A CB  1 
ATOM   861  C CG1 . ILE A 1 106 ? 14.180  4.815   6.030   1.00 30.19 ? 107 ILE A CG1 1 
ATOM   862  C CG2 . ILE A 1 106 ? 12.606  4.484   8.009   1.00 30.55 ? 107 ILE A CG2 1 
ATOM   863  C CD1 . ILE A 1 106 ? 14.069  6.310   5.849   1.00 29.70 ? 107 ILE A CD1 1 
ATOM   864  N N   . ARG A 1 107 ? 11.716  1.165   7.826   1.00 24.18 ? 108 ARG A N   1 
ATOM   865  C CA  . ARG A 1 107 ? 10.500  0.563   8.365   1.00 26.01 ? 108 ARG A CA  1 
ATOM   866  C C   . ARG A 1 107 ? 9.695   1.624   9.104   1.00 27.27 ? 108 ARG A C   1 
ATOM   867  O O   . ARG A 1 107 ? 10.213  2.267   10.022  1.00 26.25 ? 108 ARG A O   1 
ATOM   868  C CB  . ARG A 1 107 ? 10.835  -0.598  9.297   1.00 27.04 ? 108 ARG A CB  1 
ATOM   869  C CG  . ARG A 1 107 ? 9.601   -1.193  9.963   1.00 32.03 ? 108 ARG A CG  1 
ATOM   870  C CD  . ARG A 1 107 ? 9.939   -2.096  11.143  1.00 37.27 ? 108 ARG A CD  1 
ATOM   871  N NE  . ARG A 1 107 ? 8.801   -2.239  12.056  1.00 39.63 ? 108 ARG A NE  1 
ATOM   872  C CZ  . ARG A 1 107 ? 7.988   -3.293  12.084  1.00 36.82 ? 108 ARG A CZ  1 
ATOM   873  N NH1 . ARG A 1 107 ? 8.186   -4.306  11.254  1.00 38.63 ? 108 ARG A NH1 1 
ATOM   874  N NH2 . ARG A 1 107 ? 6.981   -3.338  12.950  1.00 36.18 ? 108 ARG A NH2 1 
ATOM   875  N N   . ILE A 1 108 ? 8.440   1.826   8.697   1.00 24.79 ? 109 ILE A N   1 
ATOM   876  C CA  . ILE A 1 108 ? 7.588   2.828   9.325   1.00 22.61 ? 109 ILE A CA  1 
ATOM   877  C C   . ILE A 1 108 ? 6.443   2.228   10.131  1.00 22.83 ? 109 ILE A C   1 
ATOM   878  O O   . ILE A 1 108 ? 5.890   2.928   10.994  1.00 24.93 ? 109 ILE A O   1 
ATOM   879  C CB  . ILE A 1 108 ? 7.029   3.836   8.294   1.00 23.08 ? 109 ILE A CB  1 
ATOM   880  C CG1 . ILE A 1 108 ? 6.099   3.149   7.285   1.00 21.81 ? 109 ILE A CG1 1 
ATOM   881  C CG2 . ILE A 1 108 ? 8.163   4.580   7.602   1.00 24.60 ? 109 ILE A CG2 1 
ATOM   882  C CD1 . ILE A 1 108 ? 5.146   4.100   6.570   1.00 24.55 ? 109 ILE A CD1 1 
ATOM   883  N N   . TYR A 1 109 ? 6.072   0.972   9.899   1.00 21.45 ? 110 TYR A N   1 
ATOM   884  C CA  . TYR A 1 109 ? 4.893   0.421   10.558  1.00 19.45 ? 110 TYR A CA  1 
ATOM   885  C C   . TYR A 1 109 ? 4.832   -1.082  10.345  1.00 22.05 ? 110 TYR A C   1 
ATOM   886  O O   . TYR A 1 109 ? 5.382   -1.616  9.377   1.00 20.30 ? 110 TYR A O   1 
ATOM   887  C CB  . TYR A 1 109 ? 3.601   1.058   10.032  1.00 20.12 ? 110 TYR A CB  1 
ATOM   888  C CG  . TYR A 1 109 ? 2.453   1.031   11.013  1.00 23.22 ? 110 TYR A CG  1 
ATOM   889  C CD1 . TYR A 1 109 ? 2.409   1.924   12.078  1.00 23.67 ? 110 TYR A CD1 1 
ATOM   890  C CD2 . TYR A 1 109 ? 1.415   0.108   10.887  1.00 20.69 ? 110 TYR A CD2 1 
ATOM   891  C CE1 . TYR A 1 109 ? 1.368   1.911   12.975  1.00 23.68 ? 110 TYR A CE1 1 
ATOM   892  C CE2 . TYR A 1 109 ? 0.368   0.093   11.790  1.00 20.80 ? 110 TYR A CE2 1 
ATOM   893  C CZ  . TYR A 1 109 ? 0.352   0.998   12.830  1.00 22.14 ? 110 TYR A CZ  1 
ATOM   894  O OH  . TYR A 1 109 ? -0.687  1.003   13.735  1.00 24.11 ? 110 TYR A OH  1 
ATOM   895  N N   . GLY A 1 110 ? 4.134   -1.748  11.263  1.00 23.73 ? 111 GLY A N   1 
ATOM   896  C CA  . GLY A 1 110 ? 3.744   -3.135  11.106  1.00 22.98 ? 111 GLY A CA  1 
ATOM   897  C C   . GLY A 1 110 ? 2.257   -3.294  11.349  1.00 23.70 ? 111 GLY A C   1 
ATOM   898  O O   . GLY A 1 110 ? 1.797   -3.201  12.488  1.00 23.82 ? 111 GLY A O   1 
ATOM   899  N N   . PHE A 1 111 ? 1.492   -3.517  10.285  1.00 18.74 ? 112 PHE A N   1 
ATOM   900  C CA  . PHE A 1 111 ? 0.039   -3.624  10.368  1.00 17.35 ? 112 PHE A CA  1 
ATOM   901  C C   . PHE A 1 111 ? -0.337  -5.089  10.549  1.00 15.34 ? 112 PHE A C   1 
ATOM   902  O O   . PHE A 1 111 ? -0.092  -5.909  9.664   1.00 17.38 ? 112 PHE A O   1 
ATOM   903  C CB  . PHE A 1 111 ? -0.596  -3.053  9.102   1.00 17.96 ? 112 PHE A CB  1 
ATOM   904  C CG  . PHE A 1 111 ? -2.096  -2.933  9.169   1.00 18.40 ? 112 PHE A CG  1 
ATOM   905  C CD1 . PHE A 1 111 ? -2.904  -4.018  8.851   1.00 19.23 ? 112 PHE A CD1 1 
ATOM   906  C CD2 . PHE A 1 111 ? -2.701  -1.733  9.518   1.00 20.63 ? 112 PHE A CD2 1 
ATOM   907  C CE1 . PHE A 1 111 ? -4.282  -3.918  8.904   1.00 17.86 ? 112 PHE A CE1 1 
ATOM   908  C CE2 . PHE A 1 111 ? -4.079  -1.623  9.566   1.00 19.21 ? 112 PHE A CE2 1 
ATOM   909  C CZ  . PHE A 1 111 ? -4.874  -2.709  9.259   1.00 20.22 ? 112 PHE A CZ  1 
ATOM   910  N N   . VAL A 1 112 ? -0.950  -5.417  11.684  1.00 16.35 ? 113 VAL A N   1 
ATOM   911  C CA  . VAL A 1 112 ? -1.162  -6.816  12.050  1.00 17.73 ? 113 VAL A CA  1 
ATOM   912  C C   . VAL A 1 112 ? -2.351  -7.396  11.284  1.00 17.17 ? 113 VAL A C   1 
ATOM   913  O O   . VAL A 1 112 ? -3.362  -6.719  11.050  1.00 18.62 ? 113 VAL A O   1 
ATOM   914  C CB  . VAL A 1 112 ? -1.329  -6.920  13.578  1.00 19.35 ? 113 VAL A CB  1 
ATOM   915  C CG1 . VAL A 1 112 ? -1.863  -8.293  13.993  1.00 20.15 ? 113 VAL A CG1 1 
ATOM   916  C CG2 . VAL A 1 112 ? 0.007   -6.680  14.218  1.00 20.17 ? 113 VAL A CG2 1 
ATOM   917  N N   . HIS A 1 113 ? -2.199  -8.646  10.834  1.00 16.80 ? 114 HIS A N   1 
ATOM   918  C CA  . HIS A 1 113 ? -3.267  -9.347  10.123  1.00 18.63 ? 114 HIS A CA  1 
ATOM   919  C C   . HIS A 1 113 ? -4.490  -9.572  11.006  1.00 19.65 ? 114 HIS A C   1 
ATOM   920  O O   . HIS A 1 113 ? -4.390  -10.157 12.090  1.00 19.37 ? 114 HIS A O   1 
ATOM   921  C CB  . HIS A 1 113 ? -2.775  -10.711 9.640   1.00 18.50 ? 114 HIS A CB  1 
ATOM   922  C CG  . HIS A 1 113 ? -1.548  -10.664 8.788   1.00 20.72 ? 114 HIS A CG  1 
ATOM   923  N ND1 . HIS A 1 113 ? -1.447  -9.864  7.670   1.00 19.60 ? 114 HIS A ND1 1 
ATOM   924  C CD2 . HIS A 1 113 ? -0.388  -11.358 8.863   1.00 18.58 ? 114 HIS A CD2 1 
ATOM   925  C CE1 . HIS A 1 113 ? -0.264  -10.049 7.107   1.00 18.39 ? 114 HIS A CE1 1 
ATOM   926  N NE2 . HIS A 1 113 ? 0.394   -10.959 7.804   1.00 17.87 ? 114 HIS A NE2 1 
ATOM   927  N N   . ARG A 1 114 ? -5.662  -9.157  10.517  1.00 19.39 ? 115 ARG A N   1 
ATOM   928  C CA  . ARG A 1 114 ? -6.921  -9.590  11.108  1.00 18.21 ? 115 ARG A CA  1 
ATOM   929  C C   . ARG A 1 114 ? -7.650  -10.614 10.248  1.00 20.25 ? 115 ARG A C   1 
ATOM   930  O O   . ARG A 1 114 ? -8.590  -11.253 10.734  1.00 21.59 ? 115 ARG A O   1 
ATOM   931  C CB  . ARG A 1 114 ? -7.833  -8.383  11.391  1.00 19.05 ? 115 ARG A CB  1 
ATOM   932  C CG  . ARG A 1 114 ? -7.504  -7.643  12.687  1.00 17.93 ? 115 ARG A CG  1 
ATOM   933  C CD  . ARG A 1 114 ? -6.251  -6.769  12.549  1.00 18.91 ? 115 ARG A CD  1 
ATOM   934  N NE  . ARG A 1 114 ? -6.255  -5.698  13.540  1.00 24.13 ? 115 ARG A NE  1 
ATOM   935  C CZ  . ARG A 1 114 ? -5.501  -4.604  13.477  1.00 22.91 ? 115 ARG A CZ  1 
ATOM   936  N NH1 . ARG A 1 114 ? -4.649  -4.421  12.476  1.00 18.73 ? 115 ARG A NH1 1 
ATOM   937  N NH2 . ARG A 1 114 ? -5.594  -3.687  14.431  1.00 22.47 ? 115 ARG A NH2 1 
ATOM   938  N N   . ILE A 1 115 ? -7.255  -10.767 8.986   1.00 19.16 ? 116 ILE A N   1 
ATOM   939  C CA  . ILE A 1 115 ? -7.531  -11.967 8.199   1.00 21.21 ? 116 ILE A CA  1 
ATOM   940  C C   . ILE A 1 115 ? -6.204  -12.427 7.614   1.00 18.54 ? 116 ILE A C   1 
ATOM   941  O O   . ILE A 1 115 ? -5.259  -11.632 7.496   1.00 19.76 ? 116 ILE A O   1 
ATOM   942  C CB  . ILE A 1 115 ? -8.574  -11.710 7.086   1.00 20.18 ? 116 ILE A CB  1 
ATOM   943  C CG1 . ILE A 1 115 ? -8.058  -10.669 6.097   1.00 20.90 ? 116 ILE A CG1 1 
ATOM   944  C CG2 . ILE A 1 115 ? -9.914  -11.296 7.695   1.00 22.36 ? 116 ILE A CG2 1 
ATOM   945  C CD1 . ILE A 1 115 ? -8.959  -10.493 4.889   1.00 18.81 ? 116 ILE A CD1 1 
ATOM   946  N N   . PRO A 1 116 ? -6.082  -13.708 7.273   1.00 19.23 ? 117 PRO A N   1 
ATOM   947  C CA  . PRO A 1 116 ? -4.811  -14.207 6.732   1.00 20.90 ? 117 PRO A CA  1 
ATOM   948  C C   . PRO A 1 116 ? -4.484  -13.552 5.400   1.00 19.63 ? 117 PRO A C   1 
ATOM   949  O O   . PRO A 1 116 ? -5.372  -13.324 4.568   1.00 19.63 ? 117 PRO A O   1 
ATOM   950  C CB  . PRO A 1 116 ? -5.061  -15.715 6.564   1.00 21.37 ? 117 PRO A CB  1 
ATOM   951  C CG  . PRO A 1 116 ? -6.110  -16.019 7.569   1.00 22.03 ? 117 PRO A CG  1 
ATOM   952  C CD  . PRO A 1 116 ? -7.012  -14.809 7.588   1.00 19.29 ? 117 PRO A CD  1 
ATOM   953  N N   . PRO A 1 117 ? -3.212  -13.240 5.165   1.00 19.20 ? 118 PRO A N   1 
ATOM   954  C CA  . PRO A 1 117 ? -2.838  -12.571 3.910   1.00 18.57 ? 118 PRO A CA  1 
ATOM   955  C C   . PRO A 1 117 ? -3.079  -13.421 2.678   1.00 20.89 ? 118 PRO A C   1 
ATOM   956  O O   . PRO A 1 117 ? -3.174  -12.872 1.566   1.00 19.61 ? 118 PRO A O   1 
ATOM   957  C CB  . PRO A 1 117 ? -1.348  -12.270 4.106   1.00 20.23 ? 118 PRO A CB  1 
ATOM   958  C CG  . PRO A 1 117 ? -0.896  -13.261 5.166   1.00 20.89 ? 118 PRO A CG  1 
ATOM   959  C CD  . PRO A 1 117 ? -2.078  -13.360 6.092   1.00 18.70 ? 118 PRO A CD  1 
ATOM   960  N N   . SER A 1 118 ? -3.201  -14.743 2.838   1.00 18.47 ? 119 SER A N   1 
ATOM   961  C CA  . SER A 1 118 ? -3.574  -15.592 1.711   1.00 20.58 ? 119 SER A CA  1 
ATOM   962  C C   . SER A 1 118 ? -4.956  -15.263 1.152   1.00 23.46 ? 119 SER A C   1 
ATOM   963  O O   . SER A 1 118 ? -5.273  -15.713 0.043   1.00 21.88 ? 119 SER A O   1 
ATOM   964  C CB  . SER A 1 118 ? -3.517  -17.064 2.125   1.00 22.06 ? 119 SER A CB  1 
ATOM   965  O OG  . SER A 1 118 ? -4.429  -17.326 3.174   1.00 25.51 ? 119 SER A OG  1 
ATOM   966  N N   . PHE A 1 119 ? -5.779  -14.480 1.867   1.00 17.58 ? 120 PHE A N   1 
ATOM   967  C CA  . PHE A 1 119 ? -7.075  -14.058 1.340   1.00 19.29 ? 120 PHE A CA  1 
ATOM   968  C C   . PHE A 1 119 ? -6.965  -12.904 0.344   1.00 16.07 ? 120 PHE A C   1 
ATOM   969  O O   . PHE A 1 119 ? -7.960  -12.591 -0.322  1.00 17.57 ? 120 PHE A O   1 
ATOM   970  C CB  . PHE A 1 119 ? -8.021  -13.614 2.469   1.00 17.99 ? 120 PHE A CB  1 
ATOM   971  C CG  . PHE A 1 119 ? -8.444  -14.714 3.411   1.00 19.22 ? 120 PHE A CG  1 
ATOM   972  C CD1 . PHE A 1 119 ? -7.934  -15.997 3.312   1.00 22.48 ? 120 PHE A CD1 1 
ATOM   973  C CD2 . PHE A 1 119 ? -9.362  -14.441 4.406   1.00 18.58 ? 120 PHE A CD2 1 
ATOM   974  C CE1 . PHE A 1 119 ? -8.325  -16.979 4.198   1.00 21.31 ? 120 PHE A CE1 1 
ATOM   975  C CE2 . PHE A 1 119 ? -9.767  -15.420 5.294   1.00 21.45 ? 120 PHE A CE2 1 
ATOM   976  C CZ  . PHE A 1 119 ? -9.245  -16.692 5.187   1.00 18.33 ? 120 PHE A CZ  1 
ATOM   977  N N   . VAL A 1 120 ? -5.795  -12.271 0.229   1.00 16.84 ? 121 VAL A N   1 
ATOM   978  C CA  . VAL A 1 120 ? -5.599  -11.146 -0.684  1.00 16.15 ? 121 VAL A CA  1 
ATOM   979  C C   . VAL A 1 120 ? -5.446  -11.666 -2.103  1.00 18.57 ? 121 VAL A C   1 
ATOM   980  O O   . VAL A 1 120 ? -4.576  -12.505 -2.375  1.00 21.56 ? 121 VAL A O   1 
ATOM   981  C CB  . VAL A 1 120 ? -4.369  -10.320 -0.282  1.00 17.43 ? 121 VAL A CB  1 
ATOM   982  C CG1 . VAL A 1 120 ? -4.137  -9.192  -1.303  1.00 17.22 ? 121 VAL A CG1 1 
ATOM   983  C CG2 . VAL A 1 120 ? -4.556  -9.739  1.112   1.00 19.78 ? 121 VAL A CG2 1 
ATOM   984  N N   . LYS A 1 121 ? -6.286  -11.166 -3.015  1.00 17.85 ? 122 LYS A N   1 
ATOM   985  C CA  . LYS A 1 121 ? -6.255  -11.609 -4.402  1.00 16.76 ? 122 LYS A CA  1 
ATOM   986  C C   . LYS A 1 121 ? -5.964  -10.488 -5.385  1.00 16.96 ? 122 LYS A C   1 
ATOM   987  O O   . LYS A 1 121 ? -5.793  -10.766 -6.579  1.00 18.59 ? 122 LYS A O   1 
ATOM   988  C CB  . LYS A 1 121 ? -7.587  -12.272 -4.789  1.00 17.40 ? 122 LYS A CB  1 
ATOM   989  C CG  . LYS A 1 121 ? -8.081  -13.355 -3.814  1.00 21.48 ? 122 LYS A CG  1 
ATOM   990  C CD  . LYS A 1 121 ? -6.975  -14.284 -3.356  1.00 34.24 ? 122 LYS A CD  1 
ATOM   991  C CE  . LYS A 1 121 ? -6.573  -15.275 -4.426  1.00 36.23 ? 122 LYS A CE  1 
ATOM   992  N NZ  . LYS A 1 121 ? -5.114  -15.582 -4.343  1.00 42.86 ? 122 LYS A NZ  1 
ATOM   993  N N   . MET A 1 122 ? -5.909  -9.241  -4.933  1.00 15.99 ? 123 MET A N   1 
ATOM   994  C CA  . MET A 1 122 ? -5.646  -8.130  -5.832  1.00 15.98 ? 123 MET A CA  1 
ATOM   995  C C   . MET A 1 122 ? -5.032  -7.007  -5.016  1.00 18.02 ? 123 MET A C   1 
ATOM   996  O O   . MET A 1 122 ? -5.453  -6.754  -3.885  1.00 17.70 ? 123 MET A O   1 
ATOM   997  C CB  . MET A 1 122 ? -6.926  -7.653  -6.529  1.00 17.19 ? 123 MET A CB  1 
ATOM   998  C CG  . MET A 1 122 ? -6.704  -6.589  -7.598  1.00 18.79 ? 123 MET A CG  1 
ATOM   999  S SD  . MET A 1 122 ? -6.941  -4.926  -6.934  1.00 21.24 ? 123 MET A SD  1 
ATOM   1000 C CE  . MET A 1 122 ? -8.733  -4.892  -6.905  1.00 21.14 ? 123 MET A CE  1 
ATOM   1001 N N   . VAL A 1 123 ? -4.019  -6.356  -5.578  1.00 17.02 ? 124 VAL A N   1 
ATOM   1002 C CA  . VAL A 1 123 ? -3.405  -5.186  -4.970  1.00 17.87 ? 124 VAL A CA  1 
ATOM   1003 C C   . VAL A 1 123 ? -3.709  -4.015  -5.879  1.00 16.62 ? 124 VAL A C   1 
ATOM   1004 O O   . VAL A 1 123 ? -3.420  -4.074  -7.080  1.00 19.86 ? 124 VAL A O   1 
ATOM   1005 C CB  . VAL A 1 123 ? -1.894  -5.363  -4.780  1.00 20.09 ? 124 VAL A CB  1 
ATOM   1006 C CG1 . VAL A 1 123 ? -1.252  -4.061  -4.370  1.00 17.37 ? 124 VAL A CG1 1 
ATOM   1007 C CG2 . VAL A 1 123 ? -1.621  -6.433  -3.731  1.00 19.15 ? 124 VAL A CG2 1 
ATOM   1008 N N   . GLN A 1 124 ? -4.293  -2.957  -5.328  1.00 15.47 ? 125 GLN A N   1 
ATOM   1009 C CA  . GLN A 1 124 ? -4.598  -1.774  -6.121  1.00 14.64 ? 125 GLN A CA  1 
ATOM   1010 C C   . GLN A 1 124 ? -3.721  -0.626  -5.654  1.00 18.04 ? 125 GLN A C   1 
ATOM   1011 O O   . GLN A 1 124 ? -3.695  -0.309  -4.459  1.00 18.37 ? 125 GLN A O   1 
ATOM   1012 C CB  . GLN A 1 124 ? -6.073  -1.386  -6.026  1.00 16.38 ? 125 GLN A CB  1 
ATOM   1013 C CG  . GLN A 1 124 ? -6.420  -0.146  -6.874  1.00 18.97 ? 125 GLN A CG  1 
ATOM   1014 C CD  . GLN A 1 124 ? -7.887  0.210   -6.795  1.00 20.74 ? 125 GLN A CD  1 
ATOM   1015 O OE1 . GLN A 1 124 ? -8.692  -0.287  -7.577  1.00 27.57 ? 125 GLN A OE1 1 
ATOM   1016 N NE2 . GLN A 1 124 ? -8.248  1.046   -5.833  1.00 19.42 ? 125 GLN A NE2 1 
ATOM   1017 N N   . VAL A 1 125 ? -3.000  -0.017  -6.595  1.00 15.73 ? 126 VAL A N   1 
ATOM   1018 C CA  . VAL A 1 125 ? -2.173  1.154   -6.326  1.00 17.28 ? 126 VAL A CA  1 
ATOM   1019 C C   . VAL A 1 125 ? -2.847  2.334   -7.004  1.00 16.74 ? 126 VAL A C   1 
ATOM   1020 O O   . VAL A 1 125 ? -3.125  2.279   -8.211  1.00 18.14 ? 126 VAL A O   1 
ATOM   1021 C CB  . VAL A 1 125 ? -0.733  0.966   -6.841  1.00 18.03 ? 126 VAL A CB  1 
ATOM   1022 C CG1 . VAL A 1 125 ? 0.124   2.168   -6.443  1.00 20.30 ? 126 VAL A CG1 1 
ATOM   1023 C CG2 . VAL A 1 125 ? -0.111  -0.345  -6.290  1.00 18.95 ? 126 VAL A CG2 1 
ATOM   1024 N N   . SER A 1 126 ? -3.134  3.391   -6.236  1.00 15.95 ? 127 SER A N   1 
ATOM   1025 C CA  . SER A 1 126 ? -3.968  4.472   -6.756  1.00 17.71 ? 127 SER A CA  1 
ATOM   1026 C C   . SER A 1 126 ? -3.520  5.825   -6.211  1.00 18.54 ? 127 SER A C   1 
ATOM   1027 O O   . SER A 1 126 ? -2.634  5.920   -5.355  1.00 17.89 ? 127 SER A O   1 
ATOM   1028 C CB  . SER A 1 126 ? -5.447  4.235   -6.434  1.00 18.92 ? 127 SER A CB  1 
ATOM   1029 O OG  . SER A 1 126 ? -5.677  4.251   -5.040  1.00 19.88 ? 127 SER A OG  1 
ATOM   1030 N N   . ARG A 1 127 ? -4.170  6.871   -6.743  1.00 18.45 ? 128 ARG A N   1 
ATOM   1031 C CA  . ARG A 1 127 ? -4.073  8.298   -6.408  1.00 18.86 ? 128 ARG A CA  1 
ATOM   1032 C C   . ARG A 1 127 ? -2.933  8.982   -7.158  1.00 18.98 ? 128 ARG A C   1 
ATOM   1033 O O   . ARG A 1 127 ? -2.735  8.728   -8.351  1.00 20.17 ? 128 ARG A O   1 
ATOM   1034 C CB  . ARG A 1 127 ? -3.956  8.528   -4.892  1.00 17.72 ? 128 ARG A CB  1 
ATOM   1035 C CG  . ARG A 1 127 ? -5.075  7.915   -4.057  1.00 23.00 ? 128 ARG A CG  1 
ATOM   1036 C CD  . ARG A 1 127 ? -6.419  7.987   -4.722  1.00 24.56 ? 128 ARG A CD  1 
ATOM   1037 N NE  . ARG A 1 127 ? -7.521  7.881   -3.764  1.00 36.47 ? 128 ARG A NE  1 
ATOM   1038 C CZ  . ARG A 1 127 ? -8.259  6.790   -3.572  1.00 32.46 ? 128 ARG A CZ  1 
ATOM   1039 N NH1 . ARG A 1 127 ? -8.020  5.668   -4.263  1.00 24.57 ? 128 ARG A NH1 1 
ATOM   1040 N NH2 . ARG A 1 127 ? -9.244  6.830   -2.679  1.00 32.59 ? 128 ARG A NH2 1 
ATOM   1041 N N   . ASP A 1 128 ? -2.184  9.862   -6.491  1.00 19.66 ? 129 ASP A N   1 
ATOM   1042 C CA  . ASP A 1 128 ? -1.465  10.934  -7.196  1.00 19.01 ? 129 ASP A CA  1 
ATOM   1043 C C   . ASP A 1 128 ? -0.007  10.572  -7.474  1.00 19.85 ? 129 ASP A C   1 
ATOM   1044 O O   . ASP A 1 128 ? 0.930   11.291  -7.114  1.00 20.92 ? 129 ASP A O   1 
ATOM   1045 C CB  . ASP A 1 128 ? -1.565  12.224  -6.395  1.00 18.24 ? 129 ASP A CB  1 
ATOM   1046 C CG  . ASP A 1 128 ? -2.987  12.554  -6.024  1.00 23.60 ? 129 ASP A CG  1 
ATOM   1047 O OD1 . ASP A 1 128 ? -3.849  12.618  -6.938  1.00 22.92 ? 129 ASP A OD1 1 
ATOM   1048 O OD2 . ASP A 1 128 ? -3.243  12.740  -4.813  1.00 22.42 ? 129 ASP A OD2 1 
ATOM   1049 N N   . ILE A 1 129 ? 0.193   9.440   -8.155  1.00 18.91 ? 130 ILE A N   1 
ATOM   1050 C CA  . ILE A 1 129 ? 1.543   8.984   -8.448  1.00 20.61 ? 130 ILE A CA  1 
ATOM   1051 C C   . ILE A 1 129 ? 1.627   8.492   -9.884  1.00 18.97 ? 130 ILE A C   1 
ATOM   1052 O O   . ILE A 1 129 ? 0.629   8.129   -10.508 1.00 21.59 ? 130 ILE A O   1 
ATOM   1053 C CB  . ILE A 1 129 ? 2.024   7.866   -7.493  1.00 19.74 ? 130 ILE A CB  1 
ATOM   1054 C CG1 . ILE A 1 129 ? 1.164   6.612   -7.627  1.00 20.17 ? 130 ILE A CG1 1 
ATOM   1055 C CG2 . ILE A 1 129 ? 2.004   8.332   -6.054  1.00 17.98 ? 130 ILE A CG2 1 
ATOM   1056 C CD1 . ILE A 1 129 ? 1.967   5.355   -7.396  1.00 34.46 ? 130 ILE A CD1 1 
ATOM   1057 N N   . SER A 1 130 ? 2.839   8.525   -10.409 1.00 20.13 ? 131 SER A N   1 
ATOM   1058 C CA  . SER A 1 130 ? 3.201   7.829   -11.632 1.00 21.04 ? 131 SER A CA  1 
ATOM   1059 C C   . SER A 1 130 ? 3.958   6.575   -11.219 1.00 20.63 ? 131 SER A C   1 
ATOM   1060 O O   . SER A 1 130 ? 4.800   6.629   -10.321 1.00 24.39 ? 131 SER A O   1 
ATOM   1061 C CB  . SER A 1 130 ? 4.069   8.722   -12.519 1.00 22.29 ? 131 SER A CB  1 
ATOM   1062 O OG  . SER A 1 130 ? 4.767   7.986   -13.506 1.00 35.15 ? 131 SER A OG  1 
ATOM   1063 N N   . LEU A 1 131 ? 3.644   5.450   -11.850 1.00 22.80 ? 132 LEU A N   1 
ATOM   1064 C CA  . LEU A 1 131 ? 4.168   4.154   -11.440 1.00 23.43 ? 132 LEU A CA  1 
ATOM   1065 C C   . LEU A 1 131 ? 5.290   3.733   -12.382 1.00 25.63 ? 132 LEU A C   1 
ATOM   1066 O O   . LEU A 1 131 ? 5.114   3.743   -13.603 1.00 29.47 ? 132 LEU A O   1 
ATOM   1067 C CB  . LEU A 1 131 ? 3.043   3.119   -11.451 1.00 29.95 ? 132 LEU A CB  1 
ATOM   1068 C CG  . LEU A 1 131 ? 2.887   2.069   -10.362 1.00 32.89 ? 132 LEU A CG  1 
ATOM   1069 C CD1 . LEU A 1 131 ? 3.343   2.623   -9.031  1.00 33.88 ? 132 LEU A CD1 1 
ATOM   1070 C CD2 . LEU A 1 131 ? 1.420   1.678   -10.302 1.00 25.91 ? 132 LEU A CD2 1 
ATOM   1071 N N   . THR A 1 132 ? 6.444   3.385   -11.812 1.00 21.86 ? 133 THR A N   1 
ATOM   1072 C CA  . THR A 1 132 ? 7.564   2.850   -12.576 1.00 23.55 ? 133 THR A CA  1 
ATOM   1073 C C   . THR A 1 132 ? 7.512   1.325   -12.642 1.00 25.71 ? 133 THR A C   1 
ATOM   1074 O O   . THR A 1 132 ? 7.681   0.740   -13.719 1.00 28.98 ? 133 THR A O   1 
ATOM   1075 C CB  . THR A 1 132 ? 8.889   3.304   -11.959 1.00 28.30 ? 133 THR A CB  1 
ATOM   1076 O OG1 . THR A 1 132 ? 8.925   4.738   -11.903 1.00 37.63 ? 133 THR A OG1 1 
ATOM   1077 C CG2 . THR A 1 132 ? 10.059  2.811   -12.786 1.00 33.56 ? 133 THR A CG2 1 
ATOM   1078 N N   . SER A 1 133 ? 7.273   0.669   -11.505 1.00 23.71 ? 134 SER A N   1 
ATOM   1079 C CA  . SER A 1 133 ? 7.216   -0.786  -11.479 1.00 23.89 ? 134 SER A CA  1 
ATOM   1080 C C   . SER A 1 133 ? 6.486   -1.263  -10.235 1.00 22.85 ? 134 SER A C   1 
ATOM   1081 O O   . SER A 1 133 ? 6.499   -0.595  -9.198  1.00 20.86 ? 134 SER A O   1 
ATOM   1082 C CB  . SER A 1 133 ? 8.618   -1.394  -11.504 1.00 27.06 ? 134 SER A CB  1 
ATOM   1083 O OG  . SER A 1 133 ? 9.430   -0.805  -10.505 1.00 27.45 ? 134 SER A OG  1 
ATOM   1084 N N   . VAL A 1 134 ? 5.871   -2.441  -10.350 1.00 22.65 ? 135 VAL A N   1 
ATOM   1085 C CA  . VAL A 1 134 ? 5.332   -3.175  -9.209  1.00 19.22 ? 135 VAL A CA  1 
ATOM   1086 C C   . VAL A 1 134 ? 5.841   -4.608  -9.314  1.00 20.31 ? 135 VAL A C   1 
ATOM   1087 O O   . VAL A 1 134 ? 5.672   -5.254  -10.355 1.00 25.24 ? 135 VAL A O   1 
ATOM   1088 C CB  . VAL A 1 134 ? 3.795   -3.149  -9.157  1.00 22.24 ? 135 VAL A CB  1 
ATOM   1089 C CG1 . VAL A 1 134 ? 3.302   -3.878  -7.916  1.00 23.31 ? 135 VAL A CG1 1 
ATOM   1090 C CG2 . VAL A 1 134 ? 3.264   -1.698  -9.167  1.00 21.59 ? 135 VAL A CG2 1 
ATOM   1091 N N   . CYS A 1 135 ? 6.479   -5.093  -8.259  1.00 21.12 ? 136 CYS A N   1 
ATOM   1092 C CA  . CYS A 1 135 ? 7.017   -6.451  -8.216  1.00 20.50 ? 136 CYS A CA  1 
ATOM   1093 C C   . CYS A 1 135 ? 6.447   -7.187  -7.015  1.00 23.32 ? 136 CYS A C   1 
ATOM   1094 O O   . CYS A 1 135 ? 6.253   -6.593  -5.952  1.00 21.12 ? 136 CYS A O   1 
ATOM   1095 C CB  . CYS A 1 135 ? 8.544   -6.454  -8.118  1.00 25.03 ? 136 CYS A CB  1 
ATOM   1096 S SG  . CYS A 1 135 ? 9.431   -5.823  -9.536  1.00 31.48 ? 136 CYS A SG  1 
ATOM   1097 N N   . VAL A 1 136 ? 6.196   -8.485  -7.178  1.00 22.29 ? 137 VAL A N   1 
ATOM   1098 C CA  . VAL A 1 136 ? 5.827   -9.373  -6.082  1.00 16.80 ? 137 VAL A CA  1 
ATOM   1099 C C   . VAL A 1 136 ? 6.874   -10.477 -6.023  1.00 21.95 ? 137 VAL A C   1 
ATOM   1100 O O   . VAL A 1 136 ? 7.037   -11.233 -6.988  1.00 23.60 ? 137 VAL A O   1 
ATOM   1101 C CB  . VAL A 1 136 ? 4.419   -9.956  -6.260  1.00 18.90 ? 137 VAL A CB  1 
ATOM   1102 C CG1 . VAL A 1 136 ? 4.084   -10.880 -5.100  1.00 24.94 ? 137 VAL A CG1 1 
ATOM   1103 C CG2 . VAL A 1 136 ? 3.392   -8.817  -6.348  1.00 23.27 ? 137 VAL A CG2 1 
ATOM   1104 N N   . CYS A 1 137 ? 7.589   -10.557 -4.906  1.00 22.74 ? 138 CYS A N   1 
ATOM   1105 C CA  . CYS A 1 137 ? 8.726   -11.460 -4.774  1.00 22.03 ? 138 CYS A CA  1 
ATOM   1106 C C   . CYS A 1 137 ? 8.502   -12.458 -3.651  1.00 25.87 ? 138 CYS A C   1 
ATOM   1107 O O   . CYS A 1 137 ? 7.786   -12.182 -2.686  1.00 23.92 ? 138 CYS A O   1 
ATOM   1108 C CB  . CYS A 1 137 ? 10.024  -10.691 -4.489  1.00 22.87 ? 138 CYS A CB  1 
ATOM   1109 S SG  . CYS A 1 137 ? 10.663  -9.739  -5.891  1.00 34.23 ? 138 CYS A SG  1 
ATOM   1110 N N   A ASN A 1 138 ? 9.133   -13.622 -3.782  0.40 23.43 ? 139 ASN A N   1 
ATOM   1111 N N   B ASN A 1 138 ? 9.116   -13.630 -3.802  0.60 23.42 ? 139 ASN A N   1 
ATOM   1112 C CA  A ASN A 1 138 ? 9.143   -14.614 -2.712  0.40 25.46 ? 139 ASN A CA  1 
ATOM   1113 C CA  B ASN A 1 138 ? 9.172   -14.630 -2.740  0.60 25.48 ? 139 ASN A CA  1 
ATOM   1114 C C   A ASN A 1 138 ? 10.527  -15.230 -2.551  0.40 24.17 ? 139 ASN A C   1 
ATOM   1115 C C   B ASN A 1 138 ? 10.575  -15.216 -2.670  0.60 24.16 ? 139 ASN A C   1 
ATOM   1116 O O   A ASN A 1 138 ? 10.864  -15.745 -1.486  0.40 18.77 ? 139 ASN A O   1 
ATOM   1117 O O   B ASN A 1 138 ? 11.368  -15.039 -3.593  0.60 19.02 ? 139 ASN A O   1 
ATOM   1118 C CB  A ASN A 1 138 ? 8.114   -15.713 -2.975  0.40 25.50 ? 139 ASN A CB  1 
ATOM   1119 C CB  B ASN A 1 138 ? 8.153   -15.745 -2.972  0.60 25.48 ? 139 ASN A CB  1 
ATOM   1120 C CG  A ASN A 1 138 ? 6.727   -15.336 -2.501  0.40 26.89 ? 139 ASN A CG  1 
ATOM   1121 C CG  B ASN A 1 138 ? 6.725   -15.239 -2.965  0.60 26.54 ? 139 ASN A CG  1 
ATOM   1122 O OD1 A ASN A 1 138 ? 6.448   -15.336 -1.299  0.40 26.03 ? 139 ASN A OD1 1 
ATOM   1123 O OD1 B ASN A 1 138 ? 6.070   -15.217 -1.923  0.60 27.26 ? 139 ASN A OD1 1 
ATOM   1124 N ND2 A ASN A 1 138 ? 5.845   -15.016 -3.441  0.40 25.21 ? 139 ASN A ND2 1 
ATOM   1125 N ND2 B ASN A 1 138 ? 6.237   -14.828 -4.128  0.60 25.71 ? 139 ASN A ND2 1 
HETATM 1126 C C2  . BGC B 2 .   ? -12.326 9.611   9.008   1.00 56.26 ? 1   BGC B C2  1 
HETATM 1127 C C3  . BGC B 2 .   ? -11.959 9.247   7.630   1.00 52.38 ? 1   BGC B C3  1 
HETATM 1128 C C4  . BGC B 2 .   ? -12.824 8.234   7.066   1.00 46.48 ? 1   BGC B C4  1 
HETATM 1129 C C5  . BGC B 2 .   ? -14.250 8.651   7.157   1.00 54.07 ? 1   BGC B C5  1 
HETATM 1130 C C6  . BGC B 2 .   ? -15.194 7.571   6.591   1.00 57.55 ? 1   BGC B C6  1 
HETATM 1131 C C1  . BGC B 2 .   ? -13.794 10.083  9.103   1.00 64.45 ? 1   BGC B C1  1 
HETATM 1132 O O1  . BGC B 2 .   ? -14.136 10.312  10.341  1.00 70.28 ? 1   BGC B O1  1 
HETATM 1133 O O2  . BGC B 2 .   ? -11.438 10.671  9.463   1.00 58.34 ? 1   BGC B O2  1 
HETATM 1134 O O3  . BGC B 2 .   ? -10.529 8.779   7.589   1.00 44.76 ? 1   BGC B O3  1 
HETATM 1135 O O4  . BGC B 2 .   ? -12.426 8.091   5.619   1.00 40.92 ? 1   BGC B O4  1 
HETATM 1136 O O5  . BGC B 2 .   ? -14.640 8.948   8.529   1.00 59.89 ? 1   BGC B O5  1 
HETATM 1137 O O6  . BGC B 2 .   ? -15.867 8.111   5.488   1.00 57.18 ? 1   BGC B O6  1 
HETATM 1138 C C1  . GAL B 2 .   ? -12.545 6.788   5.216   1.00 38.68 ? 2   GAL B C1  1 
HETATM 1139 C C2  . GAL B 2 .   ? -12.278 6.753   3.706   1.00 35.22 ? 2   GAL B C2  1 
HETATM 1140 C C3  . GAL B 2 .   ? -11.744 5.466   3.169   1.00 31.95 ? 2   GAL B C3  1 
HETATM 1141 C C4  . GAL B 2 .   ? -10.616 4.962   3.967   1.00 25.76 ? 2   GAL B C4  1 
HETATM 1142 C C5  . GAL B 2 .   ? -10.905 4.837   5.462   1.00 27.97 ? 2   GAL B C5  1 
HETATM 1143 C C6  . GAL B 2 .   ? -9.634  4.695   6.192   1.00 25.78 ? 2   GAL B C6  1 
HETATM 1144 O O2  . GAL B 2 .   ? -13.414 7.210   2.989   1.00 35.18 ? 2   GAL B O2  1 
HETATM 1145 O O3  . GAL B 2 .   ? -11.279 5.731   1.792   1.00 33.80 ? 2   GAL B O3  1 
HETATM 1146 O O4  . GAL B 2 .   ? -9.479  5.865   3.809   1.00 32.04 ? 2   GAL B O4  1 
HETATM 1147 O O5  . GAL B 2 .   ? -11.753 5.921   6.086   1.00 38.08 ? 2   GAL B O5  1 
HETATM 1148 O O6  . GAL B 2 .   ? -9.866  4.629   7.546   1.00 26.44 ? 2   GAL B O6  1 
HETATM 1149 O O   . HOH C 3 .   ? -17.275 0.505   -7.601  1.00 35.32 ? 301 HOH A O   1 
HETATM 1150 O O   . HOH C 3 .   ? -15.199 5.632   2.752   1.00 40.12 ? 302 HOH A O   1 
HETATM 1151 O O   . HOH C 3 .   ? 12.810  -4.579  9.229   1.00 42.97 ? 303 HOH A O   1 
HETATM 1152 O O   . HOH C 3 .   ? 2.685   -3.125  14.724  1.00 36.63 ? 304 HOH A O   1 
HETATM 1153 O O   . HOH C 3 .   ? 7.192   -16.821 0.477   1.00 31.83 ? 305 HOH A O   1 
HETATM 1154 O O   . HOH C 3 .   ? 4.815   9.547   -18.116 1.00 45.35 ? 306 HOH A O   1 
HETATM 1155 O O   . HOH C 3 .   ? -0.982  -13.799 11.752  1.00 38.48 ? 307 HOH A O   1 
HETATM 1156 O O   . HOH C 3 .   ? 5.638   5.075   12.552  1.00 33.76 ? 308 HOH A O   1 
HETATM 1157 O O   . HOH C 3 .   ? -0.998  10.527  12.550  1.00 40.72 ? 309 HOH A O   1 
HETATM 1158 O O   . HOH C 3 .   ? -4.341  14.361  -8.627  1.00 31.59 ? 310 HOH A O   1 
HETATM 1159 O O   . HOH C 3 .   ? 7.486   -15.638 -6.134  1.00 30.27 ? 311 HOH A O   1 
HETATM 1160 O O   . HOH C 3 .   ? -14.219 -9.622  10.451  1.00 37.00 ? 312 HOH A O   1 
HETATM 1161 O O   . HOH C 3 .   ? -14.364 -13.387 -7.908  1.00 42.79 ? 313 HOH A O   1 
HETATM 1162 O O   . HOH C 3 .   ? 3.461   -14.258 -3.961  1.00 32.13 ? 314 HOH A O   1 
HETATM 1163 O O   . HOH C 3 .   ? -0.119  -6.117  -14.352 1.00 30.66 ? 315 HOH A O   1 
HETATM 1164 O O   . HOH C 3 .   ? -3.087  -14.301 -1.298  1.00 32.95 ? 316 HOH A O   1 
HETATM 1165 O O   . HOH C 3 .   ? -3.965  20.611  -3.155  1.00 30.11 ? 317 HOH A O   1 
HETATM 1166 O O   . HOH C 3 .   ? -6.282  2.234   -14.649 1.00 33.57 ? 318 HOH A O   1 
HETATM 1167 O O   . HOH C 3 .   ? 1.332   4.928   15.238  1.00 40.10 ? 319 HOH A O   1 
HETATM 1168 O O   . HOH C 3 .   ? -5.749  1.714   -4.001  1.00 20.27 ? 320 HOH A O   1 
HETATM 1169 O O   . HOH C 3 .   ? -4.705  15.878  -0.233  1.00 30.99 ? 321 HOH A O   1 
HETATM 1170 O O   . HOH C 3 .   ? -1.119  -17.822 -0.754  1.00 33.21 ? 322 HOH A O   1 
HETATM 1171 O O   . HOH C 3 .   ? 6.230   21.301  -2.111  1.00 24.39 ? 323 HOH A O   1 
HETATM 1172 O O   . HOH C 3 .   ? -3.041  -5.411  -14.048 1.00 34.90 ? 324 HOH A O   1 
HETATM 1173 O O   . HOH C 3 .   ? -6.433  11.693  7.765   1.00 44.76 ? 325 HOH A O   1 
HETATM 1174 O O   . HOH C 3 .   ? 7.155   -1.058  -15.592 1.00 31.27 ? 326 HOH A O   1 
HETATM 1175 O O   . HOH C 3 .   ? 10.740  -14.329 1.147   1.00 41.47 ? 327 HOH A O   1 
HETATM 1176 O O   . HOH C 3 .   ? -3.561  10.007  5.062   1.00 30.91 ? 328 HOH A O   1 
HETATM 1177 O O   . HOH C 3 .   ? -0.471  8.670   -12.869 1.00 35.03 ? 329 HOH A O   1 
HETATM 1178 O O   . HOH C 3 .   ? -8.651  5.216   15.420  1.00 32.42 ? 330 HOH A O   1 
HETATM 1179 O O   . HOH C 3 .   ? -14.548 -10.275 -9.363  1.00 36.46 ? 331 HOH A O   1 
HETATM 1180 O O   . HOH C 3 .   ? 6.188   12.631  3.144   1.00 29.60 ? 332 HOH A O   1 
HETATM 1181 O O   . HOH C 3 .   ? -4.027  -9.568  6.284   1.00 20.25 ? 333 HOH A O   1 
HETATM 1182 O O   . HOH C 3 .   ? 13.936  5.326   -3.029  1.00 42.94 ? 334 HOH A O   1 
HETATM 1183 O O   . HOH C 3 .   ? 12.329  2.775   11.617  1.00 39.16 ? 335 HOH A O   1 
HETATM 1184 O O   . HOH C 3 .   ? -11.763 -8.625  12.952  1.00 34.99 ? 336 HOH A O   1 
HETATM 1185 O O   . HOH C 3 .   ? -6.217  -5.793  -13.729 1.00 39.41 ? 337 HOH A O   1 
HETATM 1186 O O   . HOH C 3 .   ? -2.368  -11.645 13.099  1.00 23.99 ? 338 HOH A O   1 
HETATM 1187 O O   . HOH C 3 .   ? -3.642  -16.677 -1.889  1.00 34.07 ? 339 HOH A O   1 
HETATM 1188 O O   . HOH C 3 .   ? -7.453  -17.279 -0.383  1.00 30.78 ? 340 HOH A O   1 
HETATM 1189 O O   . HOH C 3 .   ? -13.647 3.584   10.819  1.00 28.83 ? 341 HOH A O   1 
HETATM 1190 O O   . HOH C 3 .   ? -4.488  9.043   -10.414 1.00 36.35 ? 342 HOH A O   1 
HETATM 1191 O O   . HOH C 3 .   ? -11.764 -13.490 -4.767  1.00 34.12 ? 343 HOH A O   1 
HETATM 1192 O O   . HOH C 3 .   ? 13.102  17.126  -2.422  1.00 41.42 ? 344 HOH A O   1 
HETATM 1193 O O   . HOH C 3 .   ? -10.210 -14.067 -0.819  1.00 33.63 ? 345 HOH A O   1 
HETATM 1194 O O   . HOH C 3 .   ? -5.470  -11.159 14.399  1.00 21.73 ? 346 HOH A O   1 
HETATM 1195 O O   . HOH C 3 .   ? -17.239 1.876   10.033  1.00 20.06 ? 347 HOH A O   1 
HETATM 1196 O O   . HOH C 3 .   ? 8.745   10.632  -3.075  1.00 24.60 ? 348 HOH A O   1 
HETATM 1197 O O   . HOH C 3 .   ? -8.985  6.987   0.956   1.00 26.34 ? 349 HOH A O   1 
HETATM 1198 O O   . HOH C 3 .   ? 0.730   -17.905 -2.856  1.00 34.96 ? 350 HOH A O   1 
HETATM 1199 O O   . HOH C 3 .   ? 4.688   14.283  9.109   1.00 40.28 ? 351 HOH A O   1 
HETATM 1200 O O   . HOH C 3 .   ? -7.104  -1.358  11.543  1.00 25.95 ? 352 HOH A O   1 
HETATM 1201 O O   . HOH C 3 .   ? -16.054 -4.535  1.608   1.00 18.43 ? 353 HOH A O   1 
HETATM 1202 O O   . HOH C 3 .   ? 11.077  9.186   -11.141 1.00 41.42 ? 354 HOH A O   1 
HETATM 1203 O O   . HOH C 3 .   ? -5.767  6.550   -8.999  1.00 23.37 ? 355 HOH A O   1 
HETATM 1204 O O   . HOH C 3 .   ? -6.120  -7.927  7.956   1.00 20.71 ? 356 HOH A O   1 
HETATM 1205 O O   . HOH C 3 .   ? -1.483  -3.082  13.462  1.00 21.86 ? 357 HOH A O   1 
HETATM 1206 O O   . HOH C 3 .   ? 1.915   18.091  2.423   1.00 36.69 ? 358 HOH A O   1 
HETATM 1207 O O   . HOH C 3 .   ? 6.288   15.328  -5.075  1.00 30.21 ? 359 HOH A O   1 
HETATM 1208 O O   . HOH C 3 .   ? -11.007 1.478   -4.946  1.00 23.25 ? 360 HOH A O   1 
HETATM 1209 O O   . HOH C 3 .   ? -21.876 -3.877  4.958   1.00 30.87 ? 361 HOH A O   1 
HETATM 1210 O O   . HOH C 3 .   ? 10.680  9.568   -1.730  1.00 30.45 ? 362 HOH A O   1 
HETATM 1211 O O   . HOH C 3 .   ? -12.912 -9.455  6.070   1.00 22.13 ? 363 HOH A O   1 
HETATM 1212 O O   . HOH C 3 .   ? 1.517   15.280  10.609  1.00 40.68 ? 364 HOH A O   1 
HETATM 1213 O O   . HOH C 3 .   ? -9.147  -7.653  7.782   1.00 26.95 ? 365 HOH A O   1 
HETATM 1214 O O   . HOH C 3 .   ? 11.422  0.546   0.888   1.00 28.48 ? 366 HOH A O   1 
HETATM 1215 O O   . HOH C 3 .   ? 7.262   7.049   -12.001 1.00 38.41 ? 367 HOH A O   1 
HETATM 1216 O O   . HOH C 3 .   ? -10.011 3.701   -3.718  1.00 26.91 ? 368 HOH A O   1 
HETATM 1217 O O   . HOH C 3 .   ? -5.105  -1.808  -13.727 1.00 28.99 ? 369 HOH A O   1 
HETATM 1218 O O   . HOH C 3 .   ? -9.005  8.391   5.062   1.00 35.89 ? 370 HOH A O   1 
HETATM 1219 O O   . HOH C 3 .   ? -0.423  15.356  1.101   1.00 22.99 ? 371 HOH A O   1 
HETATM 1220 O O   . HOH C 3 .   ? -15.489 -7.995  11.363  1.00 34.67 ? 372 HOH A O   1 
HETATM 1221 O O   . HOH C 3 .   ? -13.975 -11.218 -1.389  1.00 25.26 ? 373 HOH A O   1 
HETATM 1222 O O   . HOH C 3 .   ? 8.066   11.984  8.321   1.00 39.32 ? 374 HOH A O   1 
HETATM 1223 O O   . HOH C 3 .   ? 0.697   -2.119  14.928  1.00 33.26 ? 375 HOH A O   1 
HETATM 1224 O O   . HOH C 3 .   ? 5.628   -13.751 -6.866  1.00 32.59 ? 376 HOH A O   1 
HETATM 1225 O O   . HOH C 3 .   ? 12.027  0.012   -11.473 1.00 42.77 ? 377 HOH A O   1 
HETATM 1226 O O   . HOH C 3 .   ? 9.086   -2.427  -8.126  1.00 27.29 ? 378 HOH A O   1 
HETATM 1227 O O   . HOH C 3 .   ? 5.387   18.907  5.400   1.00 42.75 ? 379 HOH A O   1 
HETATM 1228 O O   . HOH C 3 .   ? -19.702 -1.649  1.979   1.00 35.19 ? 380 HOH A O   1 
HETATM 1229 O O   . HOH C 3 .   ? -5.445  -13.401 -7.819  1.00 30.80 ? 381 HOH A O   1 
HETATM 1230 O O   . HOH C 3 .   ? -20.685 0.505   -2.606  1.00 36.16 ? 382 HOH A O   1 
HETATM 1231 O O   . HOH C 3 .   ? -13.567 10.117  2.612   1.00 35.37 ? 383 HOH A O   1 
HETATM 1232 O O   . HOH C 3 .   ? 8.410   5.550   -16.258 1.00 38.40 ? 384 HOH A O   1 
HETATM 1233 O O   . HOH C 3 .   ? -17.862 -8.226  2.267   1.00 33.13 ? 385 HOH A O   1 
HETATM 1234 O O   . HOH C 3 .   ? 0.463   16.707  -12.433 1.00 35.12 ? 386 HOH A O   1 
HETATM 1235 O O   . HOH C 3 .   ? -15.782 -9.239  0.448   1.00 24.55 ? 387 HOH A O   1 
HETATM 1236 O O   . HOH C 3 .   ? 2.929   -16.878 -2.662  1.00 28.20 ? 388 HOH A O   1 
HETATM 1237 O O   . HOH C 3 .   ? 14.177  0.510   9.343   1.00 33.20 ? 389 HOH A O   1 
HETATM 1238 O O   . HOH C 3 .   ? -3.525  22.277  -4.933  1.00 30.69 ? 390 HOH A O   1 
HETATM 1239 O O   . HOH C 3 .   ? -6.242  10.860  -7.068  0.50 34.95 ? 391 HOH A O   1 
HETATM 1240 O O   . HOH C 3 .   ? -11.819 4.413   12.837  1.00 27.30 ? 392 HOH A O   1 
HETATM 1241 O O   . HOH C 3 .   ? -17.709 1.885   7.286   1.00 18.59 ? 393 HOH A O   1 
HETATM 1242 O O   . HOH C 3 .   ? -7.837  -10.839 -8.752  1.00 33.14 ? 394 HOH A O   1 
HETATM 1243 O O   . HOH C 3 .   ? -10.535 -11.703 -8.010  1.00 31.48 ? 395 HOH A O   1 
HETATM 1244 O O   . HOH C 3 .   ? 7.275   -14.180 9.029   1.00 30.68 ? 396 HOH A O   1 
HETATM 1245 O O   . HOH C 3 .   ? -14.580 -3.082  -9.328  1.00 29.37 ? 397 HOH A O   1 
HETATM 1246 O O   . HOH C 3 .   ? -2.083  -16.742 4.965   1.00 24.33 ? 398 HOH A O   1 
HETATM 1247 O O   . HOH C 3 .   ? 10.978  16.359  1.159   1.00 37.76 ? 399 HOH A O   1 
HETATM 1248 O O   . HOH C 3 .   ? 12.691  -12.499 -2.611  1.00 39.92 ? 400 HOH A O   1 
HETATM 1249 O O   . HOH C 3 .   ? 13.530  9.999   8.634   1.00 45.56 ? 401 HOH A O   1 
HETATM 1250 O O   . HOH C 3 .   ? 4.171   -0.685  14.106  1.00 29.36 ? 402 HOH A O   1 
HETATM 1251 O O   . HOH C 3 .   ? -11.340 -2.636  14.601  1.00 23.81 ? 403 HOH A O   1 
HETATM 1252 O O   . HOH C 3 .   ? -5.640  6.527   14.662  1.00 39.90 ? 404 HOH A O   1 
HETATM 1253 O O   . HOH C 3 .   ? -10.758 -7.717  5.688   1.00 21.68 ? 405 HOH A O   1 
HETATM 1254 O O   . HOH C 3 .   ? -13.051 4.875   8.737   1.00 34.00 ? 406 HOH A O   1 
HETATM 1255 O O   . HOH C 3 .   ? -8.897  -3.111  15.803  1.00 26.34 ? 407 HOH A O   1 
HETATM 1256 O O   . HOH C 3 .   ? -1.446  6.936   -14.792 1.00 40.77 ? 408 HOH A O   1 
HETATM 1257 O O   . HOH C 3 .   ? 6.284   -19.061 -0.512  1.00 38.88 ? 409 HOH A O   1 
HETATM 1258 O O   . HOH C 3 .   ? 0.095   -17.773 3.747   1.00 34.55 ? 410 HOH A O   1 
HETATM 1259 O O   . HOH C 3 .   ? -19.973 -8.209  3.492   1.00 38.06 ? 411 HOH A O   1 
HETATM 1260 O O   . HOH C 3 .   ? 13.296  8.632   12.913  1.00 41.30 ? 412 HOH A O   1 
HETATM 1261 O O   . HOH C 3 .   ? -12.002 -12.528 10.351  0.50 34.67 ? 413 HOH A O   1 
HETATM 1262 O O   . HOH C 3 .   ? -12.299 -11.765 -10.108 1.00 35.71 ? 414 HOH A O   1 
HETATM 1263 O O   . HOH C 3 .   ? -15.948 -10.469 -3.481  1.00 41.02 ? 415 HOH A O   1 
HETATM 1264 O O   . HOH C 3 .   ? -13.460 -10.744 8.523   1.00 32.69 ? 416 HOH A O   1 
HETATM 1265 O O   . HOH C 3 .   ? 6.196   22.269  0.593   1.00 36.68 ? 417 HOH A O   1 
HETATM 1266 O O   . HOH C 3 .   ? 4.076   21.544  2.266   1.00 38.53 ? 418 HOH A O   1 
HETATM 1267 O O   . HOH C 3 .   ? -17.220 4.441   6.419   1.00 32.45 ? 419 HOH A O   1 
HETATM 1268 O O   . HOH C 3 .   ? -3.751  -3.255  -15.373 1.00 41.22 ? 420 HOH A O   1 
HETATM 1269 O O   . HOH C 3 .   ? -13.268 -11.168 12.545  1.00 38.60 ? 421 HOH A O   1 
HETATM 1270 O O   . HOH C 3 .   ? -16.316 4.177   11.056  1.00 35.26 ? 422 HOH A O   1 
HETATM 1271 O O   . HOH C 3 .   ? -13.488 -9.753  14.338  0.50 37.20 ? 423 HOH A O   1 
HETATM 1272 O O   . HOH C 3 .   ? 1.263   -20.816 0.039   1.00 43.65 ? 424 HOH A O   1 
HETATM 1273 O O   . HOH C 3 .   ? -4.397  -7.926  -15.136 1.00 39.02 ? 425 HOH A O   1 
HETATM 1274 O O   . HOH C 3 .   ? -13.578 -14.145 -10.067 1.00 38.52 ? 426 HOH A O   1 
HETATM 1275 O O   . HOH C 3 .   ? -17.746 -11.529 -8.633  1.00 44.45 ? 427 HOH A O   1 
HETATM 1276 O O   . HOH C 3 .   ? -0.265  -19.506 1.690   1.00 37.87 ? 428 HOH A O   1 
HETATM 1277 O O   . HOH C 3 .   ? -1.503  -2.529  -17.008 1.00 43.97 ? 429 HOH A O   1 
HETATM 1278 O O   . HOH C 3 .   ? 0.945   -19.552 6.137   1.00 47.60 ? 430 HOH A O   1 
# 
